data_4UO1
#
_entry.id   4UO1
#
_cell.length_a   78.812
_cell.length_b   129.937
_cell.length_c   194.117
_cell.angle_alpha   90.00
_cell.angle_beta   90.00
_cell.angle_gamma   90.00
#
_symmetry.space_group_name_H-M   'P 21 21 21'
#
loop_
_entity.id
_entity.type
_entity.pdbx_description
1 polymer HEMAGGLUTININ
2 polymer HEMAGGLUTININ
3 branched 2-acetamido-2-deoxy-beta-D-glucopyranose-(1-4)-2-acetamido-2-deoxy-beta-D-glucopyranose
4 branched alpha-D-mannopyranose-(1-3)-[alpha-D-mannopyranose-(1-6)]beta-D-mannopyranose-(1-4)-2-acetamido-2-deoxy-beta-D-glucopyranose-(1-4)-2-acetamido-2-deoxy-beta-D-glucopyranose
5 branched beta-D-mannopyranose-(1-4)-2-acetamido-2-deoxy-beta-D-glucopyranose-(1-4)-[alpha-L-fucopyranose-(1-6)]2-acetamido-2-deoxy-beta-D-glucopyranose
6 branched beta-D-mannopyranose-(1-4)-2-acetamido-2-deoxy-beta-D-glucopyranose-(1-4)-2-acetamido-2-deoxy-beta-D-glucopyranose
7 branched 'N-acetyl-alpha-neuraminic acid-(2-3)-beta-D-galactopyranose'
8 branched alpha-L-fucopyranose-(1-6)-2-acetamido-2-deoxy-beta-D-glucopyranose
9 branched 'N-acetyl-alpha-neuraminic acid-(2-3)-beta-D-galactopyranose-(1-4)-2-acetamido-2-deoxy-beta-D-glucopyranose'
10 branched 2-acetamido-2-deoxy-beta-D-glucopyranose-(1-4)-[alpha-L-fucopyranose-(1-6)]2-acetamido-2-deoxy-beta-D-glucopyranose
11 non-polymer 2-acetamido-2-deoxy-beta-D-glucopyranose
12 non-polymer alpha-L-fucopyranose
13 water water
#
loop_
_entity_poly.entity_id
_entity_poly.type
_entity_poly.pdbx_seq_one_letter_code
_entity_poly.pdbx_strand_id
1 'polypeptide(L)'
;SQNPISNNNTATLCLGHHAVANGTLVKTISDDQIEVTNATELVQSISMGKICNNSYRILDGRNCTLIDAMLGDPHCDVFQ
YENWDLFIERSSAFSNCYPYDIPDYASLRSIVASSGTLEFTAEGFTWTGVTQNGRSGACKRGSADSFFSRLNWLTKSGNS
YPTLNVTMPNNKNFDKLYIWGIHHPSSNQEQTKLYIQESGRVTVSTKRSQQTIIPNIGSRPWVRGQSGRISIYWTIVKPG
DILMINSNGNLVAPRGYFKLKTGKSSVMRSDVPIDICVSECITPNGSISNEKPFQNVNKVTYGKCPKYIRQNTLKLATGM
RNVPEKQIR
;
A,C,E
2 'polypeptide(L)'
;GIFGAIAGFIENGWEGMVDGWYGFRYQNSEGTGQAADLKSTQTAIDQINEKLNRVIERTNEKFHQIEKEFSEVEGRIQDL
EKYVEDTKIDLWSYNAELLVALENQHTIDLTDAEMNKLFEKTRRQLRENAEDMGGGCFKIYHKCDNACIGSIRNGTYDHY
IYRDEALNNRFQ
;
B,D,F
#
loop_
_chem_comp.id
_chem_comp.type
_chem_comp.name
_chem_comp.formula
BMA D-saccharide, beta linking beta-D-mannopyranose 'C6 H12 O6'
FUC L-saccharide, alpha linking alpha-L-fucopyranose 'C6 H12 O5'
GAL D-saccharide, beta linking beta-D-galactopyranose 'C6 H12 O6'
MAN D-saccharide, alpha linking alpha-D-mannopyranose 'C6 H12 O6'
NAG D-saccharide, beta linking 2-acetamido-2-deoxy-beta-D-glucopyranose 'C8 H15 N O6'
SIA D-saccharide, alpha linking 'N-acetyl-alpha-neuraminic acid' 'C11 H19 N O9'
#
# COMPACT_ATOMS: atom_id res chain seq x y z
N GLN A 2 59.28 31.35 7.47
CA GLN A 2 60.34 31.75 6.49
C GLN A 2 61.63 30.96 6.67
N ASN A 3 61.98 30.64 7.92
CA ASN A 3 63.10 29.77 8.22
C ASN A 3 62.80 28.36 7.70
N PRO A 4 63.72 27.78 6.90
CA PRO A 4 63.45 26.46 6.34
C PRO A 4 63.36 25.35 7.40
N ILE A 5 64.20 25.45 8.42
CA ILE A 5 64.22 24.45 9.50
C ILE A 5 63.17 24.77 10.56
N SER A 6 62.43 23.73 10.96
CA SER A 6 61.45 23.85 12.03
C SER A 6 62.17 24.05 13.37
N ASN A 7 61.96 25.21 13.99
CA ASN A 7 62.62 25.56 15.24
C ASN A 7 62.22 24.59 16.36
N ASN A 8 63.13 24.38 17.31
CA ASN A 8 62.86 23.53 18.47
C ASN A 8 61.73 24.07 19.34
N ASN A 9 61.49 25.37 19.28
CA ASN A 9 60.37 26.00 19.97
C ASN A 9 59.08 26.07 19.13
N THR A 10 58.93 25.16 18.17
CA THR A 10 57.72 25.05 17.37
C THR A 10 57.35 23.59 17.13
N ALA A 11 56.14 23.36 16.64
CA ALA A 11 55.67 22.02 16.30
C ALA A 11 54.44 22.10 15.39
N THR A 12 54.30 21.10 14.53
CA THR A 12 53.17 21.01 13.61
C THR A 12 52.29 19.83 14.01
N LEU A 13 50.97 20.03 13.93
CA LEU A 13 50.00 18.99 14.21
C LEU A 13 48.85 19.09 13.22
N CYS A 14 48.64 18.03 12.43
CA CYS A 14 47.61 18.01 11.41
C CYS A 14 46.62 16.88 11.66
N LEU A 15 45.34 17.17 11.42
CA LEU A 15 44.28 16.18 11.60
C LEU A 15 43.77 15.70 10.24
N GLY A 16 43.52 14.40 10.13
CA GLY A 16 43.09 13.80 8.89
C GLY A 16 42.23 12.57 9.07
N HIS A 17 41.65 12.11 7.95
CA HIS A 17 40.81 10.92 7.92
C HIS A 17 41.44 9.88 7.01
N HIS A 18 41.02 8.62 7.17
CA HIS A 18 41.54 7.53 6.37
C HIS A 18 40.98 7.56 4.95
N ALA A 19 41.65 6.89 4.03
CA ALA A 19 41.22 6.81 2.64
C ALA A 19 41.58 5.45 2.05
N VAL A 20 41.03 5.16 0.87
CA VAL A 20 41.34 3.94 0.13
C VAL A 20 41.50 4.25 -1.35
N ALA A 21 42.42 3.54 -2.00
CA ALA A 21 42.71 3.76 -3.41
C ALA A 21 41.53 3.36 -4.31
N ASN A 22 40.98 2.18 -4.03
CA ASN A 22 39.82 1.68 -4.77
C ASN A 22 38.53 1.92 -4.00
N GLY A 23 37.82 2.98 -4.36
CA GLY A 23 36.55 3.33 -3.71
C GLY A 23 35.36 2.69 -4.39
N THR A 24 34.17 3.04 -3.91
CA THR A 24 32.91 2.56 -4.50
C THR A 24 31.86 3.68 -4.48
N LEU A 25 30.97 3.65 -5.47
CA LEU A 25 29.96 4.70 -5.62
C LEU A 25 28.63 4.34 -4.96
N VAL A 26 27.99 5.34 -4.38
CA VAL A 26 26.64 5.21 -3.81
C VAL A 26 25.84 6.45 -4.17
N LYS A 27 24.56 6.46 -3.80
CA LYS A 27 23.68 7.60 -4.07
C LYS A 27 23.15 8.18 -2.76
N THR A 28 23.20 9.50 -2.65
CA THR A 28 22.67 10.22 -1.49
C THR A 28 21.49 11.08 -1.94
N ILE A 29 21.00 11.95 -1.06
CA ILE A 29 19.99 12.94 -1.43
C ILE A 29 20.65 14.06 -2.24
N SER A 30 21.89 14.40 -1.86
CA SER A 30 22.63 15.49 -2.50
C SER A 30 23.23 15.11 -3.86
N ASP A 31 23.75 13.87 -3.97
CA ASP A 31 24.48 13.45 -5.16
C ASP A 31 23.93 12.17 -5.77
N ASP A 32 24.03 12.07 -7.10
CA ASP A 32 23.61 10.88 -7.85
C ASP A 32 24.65 9.79 -7.66
N GLN A 33 25.91 10.15 -7.92
CA GLN A 33 27.05 9.29 -7.65
C GLN A 33 28.00 10.03 -6.71
N ILE A 34 28.53 9.32 -5.72
CA ILE A 34 29.51 9.89 -4.80
C ILE A 34 30.39 8.78 -4.22
N GLU A 35 31.70 9.01 -4.27
CA GLU A 35 32.68 7.98 -3.91
C GLU A 35 32.81 7.85 -2.39
N VAL A 36 32.62 6.63 -1.89
CA VAL A 36 32.73 6.35 -0.46
C VAL A 36 33.79 5.29 -0.20
N THR A 37 34.34 5.30 1.02
CA THR A 37 35.40 4.37 1.40
C THR A 37 34.93 2.93 1.31
N ASN A 38 33.66 2.70 1.60
CA ASN A 38 33.08 1.36 1.52
C ASN A 38 31.59 1.37 1.25
N ALA A 39 31.08 0.24 0.76
CA ALA A 39 29.66 0.08 0.48
C ALA A 39 29.25 -1.39 0.55
N THR A 40 27.94 -1.62 0.64
CA THR A 40 27.38 -2.97 0.71
C THR A 40 26.08 -3.06 -0.08
N GLU A 41 25.80 -4.26 -0.59
CA GLU A 41 24.64 -4.49 -1.45
C GLU A 41 23.44 -4.92 -0.62
N LEU A 42 22.26 -4.39 -0.95
CA LEU A 42 21.03 -4.68 -0.21
C LEU A 42 19.97 -5.42 -1.05
N VAL A 43 20.36 -5.89 -2.24
CA VAL A 43 19.45 -6.60 -3.12
C VAL A 43 20.05 -7.95 -3.52
N GLN A 44 19.40 -9.02 -3.06
CA GLN A 44 19.77 -10.38 -3.43
C GLN A 44 19.19 -10.71 -4.81
N SER A 45 20.01 -10.60 -5.85
CA SER A 45 19.58 -10.81 -7.23
C SER A 45 19.84 -12.23 -7.75
N ILE A 46 20.61 -13.03 -6.99
CA ILE A 46 20.99 -14.37 -7.43
C ILE A 46 20.35 -15.44 -6.53
N SER A 47 19.84 -16.49 -7.16
CA SER A 47 19.29 -17.65 -6.44
C SER A 47 20.30 -18.79 -6.44
N MET A 48 20.06 -19.78 -5.59
CA MET A 48 20.94 -20.93 -5.46
C MET A 48 20.78 -21.93 -6.61
N GLY A 49 19.64 -21.87 -7.29
CA GLY A 49 19.37 -22.74 -8.44
C GLY A 49 18.73 -24.08 -8.11
N LYS A 50 18.35 -24.27 -6.86
CA LYS A 50 17.76 -25.53 -6.38
C LYS A 50 17.08 -25.34 -5.04
N ILE A 51 16.00 -26.08 -4.81
CA ILE A 51 15.18 -25.92 -3.61
C ILE A 51 15.70 -26.78 -2.45
N CYS A 52 15.73 -26.19 -1.26
CA CYS A 52 16.22 -26.85 -0.05
C CYS A 52 15.08 -27.45 0.76
N ASN A 53 15.35 -28.58 1.40
CA ASN A 53 14.31 -29.30 2.16
C ASN A 53 14.77 -29.76 3.55
N ASN A 54 15.73 -29.04 4.13
CA ASN A 54 16.22 -29.34 5.47
C ASN A 54 15.70 -28.39 6.54
N SER A 55 14.98 -27.34 6.13
CA SER A 55 14.30 -26.44 7.06
C SER A 55 12.79 -26.71 7.02
N TYR A 56 12.16 -26.33 5.90
CA TYR A 56 10.75 -26.63 5.68
C TYR A 56 10.64 -27.97 4.97
N ARG A 57 9.55 -28.70 5.21
CA ARG A 57 9.30 -29.97 4.53
C ARG A 57 8.73 -29.71 3.14
N ILE A 58 9.52 -30.02 2.11
CA ILE A 58 9.12 -29.81 0.71
C ILE A 58 8.65 -31.14 0.13
N LEU A 59 7.48 -31.14 -0.52
CA LEU A 59 6.95 -32.33 -1.18
C LEU A 59 6.84 -32.11 -2.68
N ASP A 60 7.61 -32.88 -3.45
CA ASP A 60 7.60 -32.79 -4.91
C ASP A 60 6.33 -33.45 -5.46
N GLY A 61 5.54 -32.67 -6.18
CA GLY A 61 4.30 -33.17 -6.77
C GLY A 61 4.50 -34.04 -8.00
N ARG A 62 5.61 -33.80 -8.71
CA ARG A 62 6.01 -34.62 -9.86
C ARG A 62 4.97 -34.54 -10.99
N ASN A 63 4.39 -35.67 -11.39
CA ASN A 63 3.38 -35.71 -12.44
C ASN A 63 1.97 -35.30 -11.99
N CYS A 64 1.77 -35.19 -10.68
CA CYS A 64 0.44 -34.92 -10.12
C CYS A 64 0.32 -33.47 -9.65
N THR A 65 -0.88 -32.93 -9.78
CA THR A 65 -1.24 -31.65 -9.15
C THR A 65 -1.78 -31.97 -7.77
N LEU A 66 -1.96 -30.92 -6.95
CA LEU A 66 -2.48 -31.09 -5.60
C LEU A 66 -3.86 -31.74 -5.59
N ILE A 67 -4.69 -31.34 -6.55
CA ILE A 67 -6.06 -31.85 -6.66
C ILE A 67 -6.08 -33.29 -7.15
N ASP A 68 -5.22 -33.61 -8.12
CA ASP A 68 -5.13 -34.98 -8.63
C ASP A 68 -4.56 -35.96 -7.62
N ALA A 69 -3.77 -35.46 -6.67
CA ALA A 69 -3.26 -36.27 -5.55
C ALA A 69 -4.30 -36.41 -4.43
N MET A 70 -5.14 -35.39 -4.28
CA MET A 70 -6.21 -35.40 -3.28
C MET A 70 -7.32 -36.38 -3.65
N LEU A 71 -7.82 -36.27 -4.89
CA LEU A 71 -8.97 -37.05 -5.34
C LEU A 71 -8.69 -38.55 -5.42
N GLY A 72 -7.47 -38.91 -5.77
CA GLY A 72 -7.07 -40.32 -5.89
C GLY A 72 -6.92 -40.78 -7.32
N ASP A 73 -6.23 -39.98 -8.12
CA ASP A 73 -5.89 -40.35 -9.49
C ASP A 73 -4.89 -41.50 -9.44
N PRO A 74 -5.17 -42.61 -10.17
CA PRO A 74 -4.36 -43.83 -10.14
C PRO A 74 -2.84 -43.64 -10.07
N HIS A 75 -2.29 -42.70 -10.84
CA HIS A 75 -0.84 -42.46 -10.85
C HIS A 75 -0.39 -41.48 -9.74
N CYS A 76 -1.28 -41.18 -8.80
CA CYS A 76 -0.98 -40.34 -7.64
C CYS A 76 -1.27 -41.06 -6.33
N ASP A 77 -1.26 -42.39 -6.37
CA ASP A 77 -1.55 -43.20 -5.17
C ASP A 77 -0.41 -43.17 -4.15
N VAL A 78 0.79 -42.80 -4.57
CA VAL A 78 1.93 -42.66 -3.67
C VAL A 78 1.81 -41.45 -2.72
N PHE A 79 0.94 -40.50 -3.07
CA PHE A 79 0.76 -39.27 -2.29
C PHE A 79 -0.29 -39.36 -1.17
N GLN A 80 -0.76 -40.56 -0.86
CA GLN A 80 -1.79 -40.74 0.18
C GLN A 80 -1.23 -40.55 1.59
N TYR A 81 -2.06 -39.98 2.47
CA TYR A 81 -1.70 -39.74 3.87
C TYR A 81 -0.41 -38.93 4.03
N GLU A 82 -0.25 -37.91 3.18
CA GLU A 82 0.95 -37.08 3.17
C GLU A 82 0.70 -35.75 3.89
N ASN A 83 1.80 -35.09 4.25
CA ASN A 83 1.73 -33.75 4.84
C ASN A 83 2.94 -32.93 4.40
N TRP A 84 2.79 -31.60 4.35
CA TRP A 84 3.83 -30.72 3.84
C TRP A 84 3.74 -29.31 4.40
N ASP A 85 4.85 -28.58 4.29
CA ASP A 85 4.87 -27.14 4.48
C ASP A 85 4.81 -26.43 3.13
N LEU A 86 5.36 -27.05 2.08
CA LEU A 86 5.27 -26.53 0.71
C LEU A 86 5.15 -27.67 -0.30
N PHE A 87 4.14 -27.59 -1.16
CA PHE A 87 3.90 -28.56 -2.22
C PHE A 87 4.36 -27.97 -3.55
N ILE A 88 5.18 -28.71 -4.29
CA ILE A 88 5.71 -28.24 -5.58
C ILE A 88 4.95 -28.90 -6.73
N GLU A 89 4.25 -28.07 -7.53
CA GLU A 89 3.52 -28.54 -8.70
C GLU A 89 4.32 -28.26 -9.97
N ARG A 90 4.69 -29.32 -10.69
CA ARG A 90 5.43 -29.17 -11.93
C ARG A 90 4.48 -28.81 -13.06
N SER A 91 5.00 -28.12 -14.08
CA SER A 91 4.19 -27.74 -15.24
C SER A 91 3.89 -28.93 -16.15
N SER A 92 4.78 -29.93 -16.14
CA SER A 92 4.59 -31.14 -16.94
C SER A 92 3.57 -32.11 -16.32
N ALA A 93 3.02 -31.76 -15.15
CA ALA A 93 2.00 -32.57 -14.50
C ALA A 93 0.74 -32.69 -15.36
N PHE A 94 -0.01 -33.77 -15.16
CA PHE A 94 -1.24 -34.01 -15.91
C PHE A 94 -2.24 -34.84 -15.11
N SER A 95 -3.46 -34.91 -15.62
CA SER A 95 -4.52 -35.74 -15.06
C SER A 95 -4.70 -36.97 -15.94
N ASN A 96 -5.01 -38.12 -15.32
CA ASN A 96 -5.09 -39.38 -16.05
C ASN A 96 -6.25 -40.26 -15.55
N CYS A 97 -7.36 -39.63 -15.20
CA CYS A 97 -8.55 -40.32 -14.73
C CYS A 97 -9.78 -39.82 -15.48
N TYR A 98 -10.96 -39.90 -14.87
CA TYR A 98 -12.19 -39.41 -15.50
C TYR A 98 -12.10 -37.89 -15.68
N PRO A 99 -12.49 -37.38 -16.87
CA PRO A 99 -12.41 -35.94 -17.09
C PRO A 99 -13.36 -35.16 -16.20
N TYR A 100 -12.85 -34.12 -15.54
CA TYR A 100 -13.62 -33.39 -14.54
C TYR A 100 -13.43 -31.89 -14.65
N ASP A 101 -14.23 -31.16 -13.88
CA ASP A 101 -14.06 -29.73 -13.66
C ASP A 101 -14.40 -29.41 -12.21
N ILE A 102 -13.93 -28.27 -11.74
CA ILE A 102 -14.24 -27.81 -10.39
C ILE A 102 -14.65 -26.33 -10.46
N PRO A 103 -15.94 -26.04 -10.17
CA PRO A 103 -16.34 -24.64 -10.05
C PRO A 103 -15.56 -23.96 -8.95
N ASP A 104 -14.80 -22.93 -9.32
CA ASP A 104 -13.88 -22.26 -8.41
C ASP A 104 -12.78 -23.24 -7.96
N TYR A 105 -12.11 -23.82 -8.96
CA TYR A 105 -10.99 -24.76 -8.77
C TYR A 105 -9.89 -24.19 -7.88
N ALA A 106 -9.57 -22.90 -8.09
CA ALA A 106 -8.49 -22.24 -7.37
C ALA A 106 -8.75 -22.14 -5.87
N SER A 107 -10.01 -21.89 -5.50
CA SER A 107 -10.39 -21.74 -4.09
C SER A 107 -10.16 -23.03 -3.29
N LEU A 108 -10.53 -24.17 -3.87
CA LEU A 108 -10.31 -25.47 -3.23
C LEU A 108 -8.82 -25.78 -3.10
N ARG A 109 -8.08 -25.57 -4.19
CA ARG A 109 -6.63 -25.74 -4.21
C ARG A 109 -5.95 -24.97 -3.07
N SER A 110 -6.40 -23.74 -2.84
CA SER A 110 -5.87 -22.89 -1.79
C SER A 110 -6.16 -23.42 -0.38
N ILE A 111 -7.38 -23.92 -0.18
CA ILE A 111 -7.82 -24.43 1.12
C ILE A 111 -7.00 -25.65 1.57
N VAL A 112 -6.74 -26.56 0.64
CA VAL A 112 -6.00 -27.79 0.95
C VAL A 112 -4.50 -27.52 1.09
N ALA A 113 -3.98 -26.64 0.24
CA ALA A 113 -2.57 -26.26 0.29
C ALA A 113 -2.21 -25.58 1.61
N SER A 114 -3.13 -24.75 2.10
CA SER A 114 -2.95 -24.05 3.38
C SER A 114 -3.17 -24.98 4.57
N SER A 115 -4.06 -25.95 4.41
CA SER A 115 -4.29 -26.99 5.41
C SER A 115 -3.00 -27.79 5.63
N GLY A 116 -2.34 -28.14 4.53
CA GLY A 116 -1.03 -28.77 4.58
C GLY A 116 -1.06 -30.25 4.93
N THR A 117 -2.12 -30.94 4.54
CA THR A 117 -2.26 -32.36 4.84
C THR A 117 -3.35 -33.02 3.99
N LEU A 118 -3.06 -34.25 3.53
CA LEU A 118 -4.04 -35.09 2.86
C LEU A 118 -4.35 -36.30 3.74
N GLU A 119 -4.56 -36.06 5.03
CA GLU A 119 -4.93 -37.11 5.96
C GLU A 119 -6.39 -37.46 5.73
N PHE A 120 -6.63 -38.68 5.26
CA PHE A 120 -7.98 -39.15 4.96
C PHE A 120 -8.48 -40.06 6.07
N THR A 121 -9.81 -40.10 6.23
CA THR A 121 -10.45 -41.00 7.18
C THR A 121 -11.77 -41.50 6.58
N ALA A 122 -11.90 -42.81 6.46
CA ALA A 122 -13.10 -43.42 5.87
C ALA A 122 -14.28 -43.35 6.83
N GLU A 123 -15.48 -43.35 6.25
CA GLU A 123 -16.73 -43.35 7.03
C GLU A 123 -17.74 -44.31 6.42
N GLY A 124 -18.61 -44.86 7.26
CA GLY A 124 -19.57 -45.88 6.85
C GLY A 124 -20.87 -45.29 6.33
N PHE A 125 -20.86 -44.86 5.07
CA PHE A 125 -22.07 -44.38 4.40
C PHE A 125 -22.90 -45.55 3.91
N THR A 126 -24.20 -45.51 4.16
CA THR A 126 -25.11 -46.58 3.77
C THR A 126 -25.95 -46.15 2.56
N TRP A 127 -25.54 -46.61 1.37
CA TRP A 127 -26.24 -46.31 0.13
C TRP A 127 -27.16 -47.47 -0.23
N THR A 128 -28.30 -47.54 0.44
CA THR A 128 -29.26 -48.63 0.25
C THR A 128 -30.00 -48.49 -1.09
N GLY A 129 -30.10 -49.60 -1.81
CA GLY A 129 -30.86 -49.66 -3.06
C GLY A 129 -30.16 -49.13 -4.28
N VAL A 130 -28.82 -49.12 -4.27
CA VAL A 130 -28.04 -48.66 -5.41
C VAL A 130 -26.70 -49.38 -5.53
N THR A 131 -26.14 -49.38 -6.74
CA THR A 131 -24.84 -49.96 -7.02
C THR A 131 -23.75 -48.99 -6.55
N GLN A 132 -22.55 -49.52 -6.29
CA GLN A 132 -21.41 -48.70 -5.86
C GLN A 132 -20.14 -49.04 -6.64
N ASN A 133 -19.09 -48.25 -6.40
CA ASN A 133 -17.77 -48.49 -7.00
C ASN A 133 -17.78 -48.47 -8.52
N GLY A 134 -18.57 -47.57 -9.11
CA GLY A 134 -18.62 -47.41 -10.55
C GLY A 134 -17.29 -46.91 -11.07
N ARG A 135 -16.88 -47.40 -12.23
CA ARG A 135 -15.55 -47.14 -12.77
C ARG A 135 -15.58 -46.98 -14.28
N SER A 136 -14.58 -46.29 -14.81
CA SER A 136 -14.51 -45.94 -16.24
C SER A 136 -13.25 -46.49 -16.90
N GLY A 137 -13.27 -46.55 -18.22
CA GLY A 137 -12.11 -46.92 -19.03
C GLY A 137 -11.10 -45.81 -19.15
N ALA A 138 -11.50 -44.58 -18.83
CA ALA A 138 -10.62 -43.42 -18.86
C ALA A 138 -9.72 -43.32 -17.62
N CYS A 139 -9.96 -44.18 -16.62
CA CYS A 139 -9.21 -44.13 -15.37
C CYS A 139 -8.68 -45.52 -15.03
N LYS A 140 -7.52 -45.86 -15.59
CA LYS A 140 -6.96 -47.20 -15.47
C LYS A 140 -6.01 -47.34 -14.28
N ARG A 141 -6.51 -47.97 -13.21
CA ARG A 141 -5.66 -48.31 -12.06
C ARG A 141 -5.04 -49.68 -12.30
N GLY A 142 -3.72 -49.71 -12.49
CA GLY A 142 -3.00 -50.94 -12.81
C GLY A 142 -3.14 -51.28 -14.28
N SER A 143 -4.06 -52.20 -14.58
CA SER A 143 -4.37 -52.56 -15.96
C SER A 143 -5.87 -52.89 -16.11
N ALA A 144 -6.70 -52.20 -15.34
CA ALA A 144 -8.14 -52.41 -15.35
C ALA A 144 -8.87 -51.11 -15.08
N ASP A 145 -10.16 -51.07 -15.41
CA ASP A 145 -10.99 -49.89 -15.17
C ASP A 145 -11.02 -49.54 -13.68
N SER A 146 -11.14 -48.26 -13.39
CA SER A 146 -11.18 -47.79 -12.00
C SER A 146 -11.77 -46.39 -11.91
N PHE A 147 -11.61 -45.75 -10.75
CA PHE A 147 -12.12 -44.40 -10.53
C PHE A 147 -11.30 -43.74 -9.42
N PHE A 148 -11.52 -42.44 -9.20
CA PHE A 148 -10.91 -41.74 -8.07
C PHE A 148 -11.17 -42.52 -6.79
N SER A 149 -10.10 -42.84 -6.06
CA SER A 149 -10.19 -43.71 -4.89
C SER A 149 -11.01 -43.11 -3.74
N ARG A 150 -11.02 -41.78 -3.65
CA ARG A 150 -11.76 -41.09 -2.58
C ARG A 150 -13.23 -40.87 -2.92
N LEU A 151 -13.58 -40.91 -4.19
CA LEU A 151 -14.98 -40.74 -4.63
C LEU A 151 -15.62 -42.08 -4.94
N ASN A 152 -16.95 -42.12 -4.83
CA ASN A 152 -17.73 -43.33 -5.06
C ASN A 152 -18.88 -43.06 -6.04
N TRP A 153 -18.82 -43.72 -7.20
CA TRP A 153 -19.80 -43.52 -8.26
C TRP A 153 -21.01 -44.41 -8.02
N LEU A 154 -22.18 -43.81 -7.79
CA LEU A 154 -23.41 -44.54 -7.51
C LEU A 154 -24.33 -44.59 -8.74
N THR A 155 -24.73 -45.80 -9.13
CA THR A 155 -25.69 -46.00 -10.22
C THR A 155 -26.88 -46.83 -9.74
N LYS A 156 -27.86 -47.01 -10.62
CA LYS A 156 -29.10 -47.74 -10.29
C LYS A 156 -28.84 -49.20 -9.93
N SER A 157 -29.80 -49.78 -9.21
CA SER A 157 -29.82 -51.21 -8.94
C SER A 157 -31.14 -51.79 -9.45
N GLY A 158 -31.05 -52.73 -10.39
CA GLY A 158 -32.25 -53.25 -11.05
C GLY A 158 -32.83 -52.24 -12.02
N ASN A 159 -33.94 -51.63 -11.64
CA ASN A 159 -34.61 -50.61 -12.47
C ASN A 159 -35.13 -49.45 -11.62
N SER A 160 -34.32 -49.00 -10.68
CA SER A 160 -34.70 -47.88 -9.81
C SER A 160 -33.48 -47.24 -9.15
N TYR A 161 -33.53 -45.91 -9.05
CA TYR A 161 -32.56 -45.15 -8.30
C TYR A 161 -33.32 -44.46 -7.16
N PRO A 162 -33.50 -45.16 -6.03
CA PRO A 162 -34.30 -44.61 -4.94
C PRO A 162 -33.70 -43.34 -4.36
N THR A 163 -34.55 -42.45 -3.83
CA THR A 163 -34.11 -41.17 -3.31
C THR A 163 -33.15 -41.36 -2.15
N LEU A 164 -31.85 -41.17 -2.42
CA LEU A 164 -30.81 -41.34 -1.41
C LEU A 164 -30.94 -40.28 -0.34
N ASN A 165 -30.74 -40.68 0.91
CA ASN A 165 -30.85 -39.80 2.06
C ASN A 165 -30.07 -40.35 3.25
N VAL A 166 -28.92 -39.75 3.50
CA VAL A 166 -28.05 -40.17 4.61
C VAL A 166 -27.58 -38.94 5.39
N THR A 167 -27.05 -39.18 6.58
CA THR A 167 -26.56 -38.11 7.45
C THR A 167 -25.31 -38.54 8.21
N MET A 168 -24.39 -37.60 8.44
CA MET A 168 -23.13 -37.89 9.13
C MET A 168 -22.73 -36.71 10.03
N PRO A 169 -22.93 -36.86 11.35
CA PRO A 169 -22.65 -35.77 12.29
C PRO A 169 -21.17 -35.68 12.69
N ASN A 170 -20.72 -34.47 13.00
CA ASN A 170 -19.35 -34.22 13.42
C ASN A 170 -19.24 -34.12 14.95
N ASN A 171 -18.91 -35.24 15.58
CA ASN A 171 -18.71 -35.31 17.03
C ASN A 171 -17.24 -35.19 17.43
N LYS A 172 -16.38 -34.86 16.47
CA LYS A 172 -14.94 -34.71 16.71
C LYS A 172 -14.65 -33.33 17.31
N ASN A 173 -13.39 -32.89 17.23
CA ASN A 173 -13.01 -31.54 17.65
C ASN A 173 -12.19 -30.81 16.56
N PHE A 174 -12.57 -31.03 15.31
CA PHE A 174 -11.93 -30.36 14.18
C PHE A 174 -12.83 -30.35 12.94
N ASP A 175 -12.47 -29.52 11.97
CA ASP A 175 -13.27 -29.35 10.76
C ASP A 175 -13.14 -30.54 9.80
N LYS A 176 -14.28 -30.95 9.24
CA LYS A 176 -14.33 -32.01 8.24
C LYS A 176 -14.45 -31.39 6.85
N LEU A 177 -13.66 -31.91 5.90
CA LEU A 177 -13.74 -31.49 4.50
C LEU A 177 -14.17 -32.66 3.63
N TYR A 178 -15.43 -32.62 3.19
CA TYR A 178 -15.99 -33.66 2.32
C TYR A 178 -15.88 -33.25 0.85
N ILE A 179 -15.13 -34.03 0.07
CA ILE A 179 -15.05 -33.83 -1.37
C ILE A 179 -16.07 -34.73 -2.06
N TRP A 180 -17.06 -34.11 -2.68
CA TRP A 180 -18.14 -34.83 -3.38
C TRP A 180 -18.34 -34.24 -4.77
N GLY A 181 -19.23 -34.85 -5.56
CA GLY A 181 -19.48 -34.36 -6.91
C GLY A 181 -20.74 -34.88 -7.55
N ILE A 182 -20.97 -34.42 -8.78
CA ILE A 182 -22.13 -34.82 -9.58
C ILE A 182 -21.63 -35.21 -10.96
N HIS A 183 -22.34 -36.14 -11.60
CA HIS A 183 -21.97 -36.62 -12.94
C HIS A 183 -22.85 -36.01 -14.01
N HIS A 184 -22.22 -35.59 -15.11
CA HIS A 184 -22.90 -35.01 -16.26
C HIS A 184 -22.87 -35.99 -17.43
N PRO A 185 -24.03 -36.59 -17.79
CA PRO A 185 -24.05 -37.51 -18.94
C PRO A 185 -23.89 -36.83 -20.29
N SER A 186 -23.89 -37.65 -21.35
CA SER A 186 -23.74 -37.17 -22.72
C SER A 186 -25.08 -37.02 -23.45
N SER A 187 -26.13 -37.64 -22.94
CA SER A 187 -27.45 -37.60 -23.58
C SER A 187 -28.56 -38.04 -22.62
N ASN A 188 -29.81 -37.75 -23.00
CA ASN A 188 -30.98 -38.19 -22.25
C ASN A 188 -31.05 -39.71 -22.15
N GLN A 189 -30.63 -40.39 -23.21
CA GLN A 189 -30.60 -41.85 -23.25
C GLN A 189 -29.66 -42.41 -22.18
N GLU A 190 -28.45 -41.84 -22.08
CA GLU A 190 -27.48 -42.23 -21.06
C GLU A 190 -27.91 -41.82 -19.64
N GLN A 191 -28.74 -40.79 -19.55
CA GLN A 191 -29.26 -40.29 -18.28
C GLN A 191 -30.14 -41.33 -17.60
N THR A 192 -31.19 -41.76 -18.31
CA THR A 192 -32.15 -42.74 -17.79
C THR A 192 -31.55 -44.14 -17.72
N LYS A 193 -30.54 -44.40 -18.55
CA LYS A 193 -29.81 -45.67 -18.55
C LYS A 193 -29.10 -45.91 -17.22
N LEU A 194 -28.42 -44.89 -16.71
CA LEU A 194 -27.66 -45.00 -15.47
C LEU A 194 -28.51 -44.69 -14.23
N TYR A 195 -29.35 -43.66 -14.30
CA TYR A 195 -30.03 -43.13 -13.12
C TYR A 195 -31.56 -43.09 -13.20
N ILE A 196 -32.14 -43.83 -14.14
CA ILE A 196 -33.60 -43.96 -14.26
C ILE A 196 -34.35 -42.64 -14.41
N GLN A 197 -34.41 -41.84 -13.34
CA GLN A 197 -35.12 -40.56 -13.37
C GLN A 197 -34.47 -39.60 -14.37
N GLU A 198 -35.31 -38.85 -15.09
CA GLU A 198 -34.83 -37.95 -16.13
C GLU A 198 -34.11 -36.73 -15.56
N SER A 199 -34.69 -36.15 -14.52
CA SER A 199 -34.12 -34.97 -13.87
C SER A 199 -33.31 -35.35 -12.65
N GLY A 200 -31.99 -35.47 -12.81
CA GLY A 200 -31.09 -35.73 -11.71
C GLY A 200 -31.04 -34.56 -10.75
N ARG A 201 -30.57 -34.81 -9.52
CA ARG A 201 -30.58 -33.80 -8.48
C ARG A 201 -29.66 -34.21 -7.33
N VAL A 202 -28.93 -33.23 -6.79
CA VAL A 202 -28.05 -33.47 -5.65
C VAL A 202 -28.15 -32.29 -4.68
N THR A 203 -28.56 -32.58 -3.44
CA THR A 203 -28.66 -31.57 -2.39
C THR A 203 -27.77 -31.97 -1.22
N VAL A 204 -26.75 -31.17 -0.96
CA VAL A 204 -25.84 -31.38 0.17
C VAL A 204 -25.97 -30.20 1.11
N SER A 205 -26.42 -30.47 2.34
CA SER A 205 -26.85 -29.42 3.26
C SER A 205 -26.36 -29.61 4.68
N THR A 206 -25.94 -28.50 5.30
CA THR A 206 -25.70 -28.42 6.73
C THR A 206 -26.92 -27.73 7.35
N LYS A 207 -26.87 -27.46 8.65
CA LYS A 207 -27.98 -26.79 9.34
C LYS A 207 -28.17 -25.33 8.90
N ARG A 208 -27.08 -24.66 8.53
CA ARG A 208 -27.14 -23.25 8.12
C ARG A 208 -26.84 -22.99 6.64
N SER A 209 -26.19 -23.92 5.95
CA SER A 209 -25.89 -23.76 4.52
C SER A 209 -26.40 -24.94 3.71
N GLN A 210 -26.39 -24.78 2.38
CA GLN A 210 -26.78 -25.85 1.47
C GLN A 210 -26.32 -25.55 0.04
N GLN A 211 -26.05 -26.61 -0.71
CA GLN A 211 -25.60 -26.49 -2.10
C GLN A 211 -26.37 -27.48 -2.97
N THR A 212 -27.23 -26.94 -3.84
CA THR A 212 -28.07 -27.77 -4.71
C THR A 212 -27.60 -27.66 -6.15
N ILE A 213 -27.30 -28.80 -6.77
CA ILE A 213 -26.75 -28.83 -8.12
C ILE A 213 -27.61 -29.68 -9.06
N ILE A 214 -27.89 -29.15 -10.24
CA ILE A 214 -28.61 -29.86 -11.30
C ILE A 214 -27.60 -30.32 -12.35
N PRO A 215 -27.75 -31.55 -12.87
CA PRO A 215 -26.86 -32.02 -13.94
C PRO A 215 -26.93 -31.22 -15.24
N ASN A 216 -25.98 -31.49 -16.13
CA ASN A 216 -25.88 -30.86 -17.43
C ASN A 216 -25.76 -31.96 -18.48
N ILE A 217 -26.54 -31.87 -19.54
CA ILE A 217 -26.57 -32.93 -20.56
C ILE A 217 -26.17 -32.37 -21.92
N GLY A 218 -25.41 -33.16 -22.68
CA GLY A 218 -24.96 -32.77 -24.01
C GLY A 218 -23.67 -33.46 -24.43
N SER A 219 -23.48 -33.56 -25.74
CA SER A 219 -22.26 -34.15 -26.30
C SER A 219 -21.07 -33.24 -26.05
N ARG A 220 -19.94 -33.83 -25.64
CA ARG A 220 -18.72 -33.08 -25.39
C ARG A 220 -17.54 -33.79 -26.06
N PRO A 221 -16.41 -33.08 -26.23
CA PRO A 221 -15.21 -33.71 -26.77
C PRO A 221 -14.73 -34.91 -25.96
N TRP A 222 -14.27 -35.94 -26.66
CA TRP A 222 -13.76 -37.16 -26.02
C TRP A 222 -12.45 -36.88 -25.29
N VAL A 223 -12.45 -37.12 -23.98
CA VAL A 223 -11.24 -37.11 -23.18
C VAL A 223 -11.02 -38.52 -22.65
N ARG A 224 -10.02 -39.21 -23.18
CA ARG A 224 -9.77 -40.62 -22.87
C ARG A 224 -11.02 -41.48 -23.08
N GLY A 225 -11.74 -41.20 -24.17
CA GLY A 225 -12.91 -41.98 -24.56
C GLY A 225 -14.19 -41.66 -23.80
N GLN A 226 -14.32 -40.42 -23.32
CA GLN A 226 -15.50 -40.00 -22.54
C GLN A 226 -16.04 -38.64 -22.96
N SER A 227 -17.30 -38.63 -23.38
CA SER A 227 -18.04 -37.40 -23.62
C SER A 227 -18.68 -36.89 -22.32
N GLY A 228 -18.88 -37.79 -21.36
CA GLY A 228 -19.40 -37.42 -20.05
C GLY A 228 -18.33 -36.75 -19.20
N ARG A 229 -18.77 -35.89 -18.28
CA ARG A 229 -17.88 -35.17 -17.38
C ARG A 229 -18.41 -35.27 -15.95
N ILE A 230 -17.63 -34.75 -15.00
CA ILE A 230 -18.06 -34.65 -13.60
C ILE A 230 -17.64 -33.31 -13.01
N SER A 231 -18.46 -32.78 -12.11
CA SER A 231 -18.14 -31.54 -11.40
C SER A 231 -17.93 -31.84 -9.92
N ILE A 232 -16.91 -31.22 -9.33
CA ILE A 232 -16.54 -31.46 -7.93
C ILE A 232 -16.97 -30.30 -7.05
N TYR A 233 -17.49 -30.62 -5.87
CA TYR A 233 -17.88 -29.63 -4.88
C TYR A 233 -17.41 -30.07 -3.50
N TRP A 234 -17.22 -29.13 -2.60
CA TRP A 234 -16.77 -29.43 -1.24
C TRP A 234 -17.68 -28.80 -0.19
N THR A 235 -17.71 -29.40 0.99
CA THR A 235 -18.57 -28.97 2.09
C THR A 235 -17.81 -29.03 3.42
N ILE A 236 -17.67 -27.87 4.07
CA ILE A 236 -17.01 -27.77 5.37
C ILE A 236 -18.04 -27.98 6.48
N VAL A 237 -17.80 -28.99 7.32
CA VAL A 237 -18.67 -29.28 8.47
C VAL A 237 -17.90 -29.00 9.75
N LYS A 238 -18.32 -27.98 10.48
CA LYS A 238 -17.65 -27.57 11.72
C LYS A 238 -18.09 -28.43 12.90
N PRO A 239 -17.29 -28.45 13.99
CA PRO A 239 -17.66 -29.19 15.19
C PRO A 239 -19.05 -28.81 15.71
N GLY A 240 -19.91 -29.83 15.88
CA GLY A 240 -21.28 -29.60 16.32
C GLY A 240 -22.29 -29.62 15.17
N ASP A 241 -21.85 -29.24 13.98
CA ASP A 241 -22.71 -29.21 12.79
C ASP A 241 -22.95 -30.64 12.30
N ILE A 242 -23.85 -30.78 11.32
CA ILE A 242 -24.20 -32.08 10.75
C ILE A 242 -24.13 -32.02 9.22
N LEU A 243 -23.95 -33.17 8.58
CA LEU A 243 -24.01 -33.28 7.12
C LEU A 243 -25.21 -34.11 6.70
N MET A 244 -25.84 -33.73 5.59
CA MET A 244 -26.92 -34.51 5.00
C MET A 244 -26.87 -34.44 3.47
N ILE A 245 -27.05 -35.58 2.82
CA ILE A 245 -26.96 -35.69 1.37
C ILE A 245 -28.24 -36.33 0.82
N ASN A 246 -29.05 -35.53 0.12
CA ASN A 246 -30.22 -36.03 -0.58
C ASN A 246 -30.03 -35.95 -2.09
N SER A 247 -30.43 -37.00 -2.80
CA SER A 247 -30.25 -37.07 -4.25
C SER A 247 -31.12 -38.17 -4.87
N ASN A 248 -31.65 -37.89 -6.06
CA ASN A 248 -32.39 -38.90 -6.83
C ASN A 248 -31.69 -39.23 -8.17
N GLY A 249 -30.37 -39.08 -8.20
CA GLY A 249 -29.59 -39.39 -9.39
C GLY A 249 -28.29 -38.62 -9.50
N ASN A 250 -27.37 -39.17 -10.30
CA ASN A 250 -26.15 -38.50 -10.74
C ASN A 250 -25.11 -38.23 -9.65
N LEU A 251 -25.26 -38.86 -8.49
CA LEU A 251 -24.41 -38.56 -7.33
C LEU A 251 -23.09 -39.31 -7.37
N VAL A 252 -21.98 -38.55 -7.41
CA VAL A 252 -20.65 -39.09 -7.18
C VAL A 252 -20.33 -38.86 -5.69
N ALA A 253 -20.67 -39.85 -4.87
CA ALA A 253 -20.64 -39.71 -3.41
C ALA A 253 -19.24 -39.79 -2.84
N PRO A 254 -19.03 -39.24 -1.62
CA PRO A 254 -17.75 -39.35 -0.93
C PRO A 254 -17.63 -40.66 -0.16
N ARG A 255 -16.39 -41.08 0.08
CA ARG A 255 -16.11 -42.25 0.92
C ARG A 255 -15.74 -41.87 2.37
N GLY A 256 -15.34 -40.62 2.57
CA GLY A 256 -14.95 -40.16 3.90
C GLY A 256 -14.61 -38.68 3.93
N TYR A 257 -13.87 -38.26 4.96
CA TYR A 257 -13.51 -36.85 5.14
C TYR A 257 -11.99 -36.64 5.18
N PHE A 258 -11.58 -35.43 4.80
CA PHE A 258 -10.19 -34.98 4.98
C PHE A 258 -10.11 -34.12 6.23
N LYS A 259 -9.01 -34.23 6.97
CA LYS A 259 -8.80 -33.41 8.15
C LYS A 259 -8.34 -32.01 7.74
N LEU A 260 -8.88 -30.99 8.41
CA LEU A 260 -8.51 -29.60 8.13
C LEU A 260 -7.72 -29.01 9.30
N LYS A 261 -6.81 -28.10 8.97
CA LYS A 261 -5.92 -27.49 9.96
C LYS A 261 -5.71 -26.01 9.64
N THR A 262 -5.56 -25.21 10.70
CA THR A 262 -5.08 -23.83 10.57
C THR A 262 -3.56 -23.88 10.55
N GLY A 263 -3.01 -24.27 9.41
CA GLY A 263 -1.58 -24.48 9.27
C GLY A 263 -0.86 -23.29 8.67
N LYS A 264 0.42 -23.50 8.36
CA LYS A 264 1.26 -22.47 7.74
C LYS A 264 1.84 -23.00 6.42
N SER A 265 1.12 -23.93 5.80
CA SER A 265 1.58 -24.59 4.58
C SER A 265 1.11 -23.83 3.34
N SER A 266 1.58 -24.25 2.17
CA SER A 266 1.22 -23.60 0.91
C SER A 266 1.53 -24.49 -0.30
N VAL A 267 1.34 -23.92 -1.50
CA VAL A 267 1.63 -24.61 -2.76
C VAL A 267 2.38 -23.66 -3.70
N MET A 268 3.28 -24.21 -4.51
CA MET A 268 4.12 -23.41 -5.42
C MET A 268 4.28 -24.09 -6.78
N ARG A 269 4.25 -23.28 -7.84
CA ARG A 269 4.52 -23.75 -9.19
C ARG A 269 5.99 -23.52 -9.52
N SER A 270 6.71 -24.60 -9.83
CA SER A 270 8.12 -24.50 -10.18
C SER A 270 8.58 -25.73 -10.95
N ASP A 271 9.69 -25.59 -11.68
CA ASP A 271 10.30 -26.69 -12.42
C ASP A 271 11.79 -26.83 -12.08
N VAL A 272 12.15 -26.43 -10.85
CA VAL A 272 13.54 -26.48 -10.40
C VAL A 272 13.73 -27.67 -9.46
N PRO A 273 14.88 -28.38 -9.56
CA PRO A 273 15.14 -29.54 -8.70
C PRO A 273 15.20 -29.24 -7.20
N ILE A 274 14.98 -30.28 -6.39
CA ILE A 274 15.04 -30.18 -4.93
C ILE A 274 16.25 -30.98 -4.44
N ASP A 275 17.03 -30.40 -3.53
CA ASP A 275 18.24 -31.07 -3.01
C ASP A 275 18.63 -30.56 -1.62
N ILE A 276 19.63 -31.20 -1.03
CA ILE A 276 20.08 -30.88 0.34
C ILE A 276 20.83 -29.56 0.40
N CYS A 277 20.35 -28.64 1.26
CA CYS A 277 21.00 -27.35 1.50
C CYS A 277 20.34 -26.60 2.66
N VAL A 278 20.92 -25.48 3.05
CA VAL A 278 20.40 -24.65 4.15
C VAL A 278 19.82 -23.34 3.62
N SER A 279 18.50 -23.17 3.78
CA SER A 279 17.83 -21.91 3.41
C SER A 279 16.44 -21.83 4.03
N GLU A 280 16.06 -20.63 4.47
CA GLU A 280 14.75 -20.37 5.07
C GLU A 280 13.83 -19.62 4.11
N CYS A 281 14.27 -19.41 2.88
CA CYS A 281 13.47 -18.75 1.85
C CYS A 281 13.46 -19.58 0.56
N ILE A 282 12.32 -19.58 -0.12
CA ILE A 282 12.14 -20.36 -1.34
C ILE A 282 11.32 -19.57 -2.36
N THR A 283 11.71 -19.66 -3.62
CA THR A 283 10.98 -19.04 -4.73
C THR A 283 10.87 -20.05 -5.88
N PRO A 284 10.13 -19.69 -6.95
CA PRO A 284 10.08 -20.58 -8.12
C PRO A 284 11.40 -20.70 -8.91
N ASN A 285 12.50 -20.17 -8.38
CA ASN A 285 13.81 -20.28 -9.01
C ASN A 285 14.84 -20.96 -8.12
N GLY A 286 14.37 -21.69 -7.12
CA GLY A 286 15.23 -22.29 -6.10
C GLY A 286 15.27 -21.44 -4.85
N SER A 287 16.02 -21.88 -3.86
CA SER A 287 16.15 -21.15 -2.58
C SER A 287 16.95 -19.87 -2.75
N ILE A 288 16.81 -18.97 -1.78
CA ILE A 288 17.46 -17.66 -1.80
C ILE A 288 18.06 -17.36 -0.43
N SER A 289 19.20 -16.68 -0.43
CA SER A 289 19.86 -16.24 0.80
C SER A 289 19.10 -15.07 1.41
N ASN A 290 18.70 -15.21 2.67
CA ASN A 290 17.87 -14.21 3.36
C ASN A 290 18.67 -13.33 4.34
N GLU A 291 19.82 -12.85 3.88
CA GLU A 291 20.65 -11.96 4.68
C GLU A 291 20.34 -10.51 4.33
N LYS A 292 20.28 -10.21 3.04
CA LYS A 292 19.97 -8.87 2.55
C LYS A 292 18.49 -8.57 2.76
N PRO A 293 18.16 -7.30 3.07
CA PRO A 293 16.78 -6.93 3.40
C PRO A 293 15.82 -6.97 2.22
N PHE A 294 16.34 -6.80 0.99
CA PHE A 294 15.53 -6.86 -0.22
C PHE A 294 16.06 -7.92 -1.19
N GLN A 295 15.22 -8.28 -2.16
CA GLN A 295 15.58 -9.26 -3.19
C GLN A 295 14.96 -8.89 -4.53
N ASN A 296 15.46 -9.52 -5.59
CA ASN A 296 15.02 -9.21 -6.95
C ASN A 296 14.91 -10.46 -7.84
N VAL A 297 14.48 -11.57 -7.24
CA VAL A 297 14.37 -12.84 -7.96
C VAL A 297 12.95 -13.09 -8.45
N ASN A 298 12.01 -13.19 -7.50
CA ASN A 298 10.62 -13.45 -7.83
C ASN A 298 9.67 -12.85 -6.79
N LYS A 299 8.53 -12.36 -7.26
CA LYS A 299 7.50 -11.79 -6.36
C LYS A 299 6.79 -12.86 -5.52
N VAL A 300 6.78 -14.10 -6.02
CA VAL A 300 6.25 -15.23 -5.27
C VAL A 300 7.32 -15.78 -4.34
N THR A 301 7.06 -15.76 -3.04
CA THR A 301 8.01 -16.17 -2.02
C THR A 301 7.34 -16.98 -0.92
N TYR A 302 8.14 -17.82 -0.23
CA TYR A 302 7.66 -18.61 0.89
C TYR A 302 8.71 -18.72 1.99
N GLY A 303 8.31 -18.41 3.22
CA GLY A 303 9.20 -18.50 4.37
C GLY A 303 9.80 -17.17 4.77
N LYS A 304 10.96 -17.22 5.42
CA LYS A 304 11.63 -16.03 5.93
C LYS A 304 12.38 -15.33 4.79
N CYS A 305 11.65 -14.53 4.02
CA CYS A 305 12.16 -13.96 2.78
C CYS A 305 12.30 -12.42 2.80
N PRO A 306 13.30 -11.90 2.06
CA PRO A 306 13.39 -10.45 1.84
C PRO A 306 12.25 -9.93 0.97
N LYS A 307 11.95 -8.64 1.09
CA LYS A 307 10.87 -8.01 0.33
C LYS A 307 11.26 -7.84 -1.13
N TYR A 308 10.38 -8.24 -2.04
CA TYR A 308 10.65 -8.11 -3.48
C TYR A 308 10.49 -6.66 -3.91
N ILE A 309 11.46 -6.18 -4.69
CA ILE A 309 11.40 -4.84 -5.27
C ILE A 309 11.80 -4.88 -6.75
N ARG A 310 11.54 -3.78 -7.46
CA ARG A 310 11.83 -3.69 -8.89
C ARG A 310 13.34 -3.52 -9.14
N GLN A 311 14.03 -2.86 -8.21
CA GLN A 311 15.46 -2.57 -8.35
C GLN A 311 16.28 -3.85 -8.21
N ASN A 312 17.31 -3.96 -9.05
CA ASN A 312 18.24 -5.09 -9.00
C ASN A 312 19.47 -4.83 -8.14
N THR A 313 19.71 -3.56 -7.79
CA THR A 313 20.86 -3.17 -6.96
C THR A 313 20.59 -1.89 -6.16
N LEU A 314 20.98 -1.93 -4.88
CA LEU A 314 20.91 -0.77 -4.00
C LEU A 314 22.13 -0.76 -3.08
N LYS A 315 23.02 0.20 -3.29
CA LYS A 315 24.28 0.29 -2.54
C LYS A 315 24.16 1.17 -1.30
N LEU A 316 24.36 0.56 -0.13
CA LEU A 316 24.37 1.29 1.13
C LEU A 316 25.81 1.60 1.52
N ALA A 317 26.06 2.83 1.95
CA ALA A 317 27.40 3.26 2.35
C ALA A 317 27.71 2.75 3.75
N THR A 318 28.78 1.97 3.87
CA THR A 318 29.27 1.49 5.16
C THR A 318 30.60 2.15 5.49
N GLY A 319 30.73 3.43 5.11
CA GLY A 319 31.99 4.14 5.24
C GLY A 319 31.88 5.59 4.79
N MET A 320 32.90 6.39 5.14
CA MET A 320 32.89 7.83 4.89
C MET A 320 33.16 8.19 3.42
N ARG A 321 33.13 9.49 3.14
CA ARG A 321 33.50 10.03 1.83
C ARG A 321 34.96 9.72 1.51
N ASN A 322 35.20 9.06 0.38
CA ASN A 322 36.55 8.68 -0.02
C ASN A 322 37.22 9.78 -0.82
N VAL A 323 38.44 10.12 -0.44
CA VAL A 323 39.23 11.16 -1.12
C VAL A 323 40.69 10.70 -1.23
N PRO A 324 41.06 10.04 -2.35
CA PRO A 324 42.43 9.55 -2.55
C PRO A 324 43.49 10.65 -2.56
N GLU A 325 44.75 10.25 -2.40
CA GLU A 325 45.88 11.18 -2.41
C GLU A 325 46.31 11.53 -3.83
N LYS A 326 47.23 12.49 -3.95
CA LYS A 326 47.77 12.95 -5.23
C LYS A 326 46.68 13.32 -6.23
N GLY B 1 31.19 17.57 2.69
CA GLY B 1 29.80 17.56 3.24
C GLY B 1 29.32 18.93 3.67
N ILE B 2 28.32 18.96 4.54
CA ILE B 2 27.74 20.22 5.05
C ILE B 2 28.67 20.97 6.01
N PHE B 3 29.46 20.24 6.79
CA PHE B 3 30.42 20.88 7.71
C PHE B 3 31.69 21.34 6.98
N GLY B 4 31.92 20.83 5.79
CA GLY B 4 33.05 21.24 4.96
C GLY B 4 34.39 20.79 5.49
N ALA B 5 34.41 19.65 6.17
CA ALA B 5 35.64 19.09 6.71
C ALA B 5 36.24 18.10 5.71
N ILE B 6 35.57 16.96 5.53
CA ILE B 6 36.02 15.96 4.57
C ILE B 6 35.76 16.50 3.17
N ALA B 7 36.83 16.56 2.36
CA ALA B 7 36.79 17.18 1.03
C ALA B 7 36.39 18.64 1.11
N GLY B 8 36.88 19.34 2.14
CA GLY B 8 36.60 20.75 2.36
C GLY B 8 37.87 21.48 2.74
N PHE B 9 38.00 21.87 4.01
CA PHE B 9 39.24 22.48 4.48
C PHE B 9 40.36 21.45 4.58
N ILE B 10 40.01 20.19 4.83
CA ILE B 10 40.97 19.08 4.71
C ILE B 10 41.01 18.66 3.23
N GLU B 11 42.22 18.67 2.67
CA GLU B 11 42.42 18.49 1.22
C GLU B 11 42.08 17.08 0.76
N ASN B 12 42.69 16.08 1.39
CA ASN B 12 42.44 14.68 1.06
C ASN B 12 42.67 13.77 2.27
N GLY B 13 42.34 12.49 2.10
CA GLY B 13 42.52 11.50 3.16
C GLY B 13 43.90 10.87 3.13
N TRP B 14 44.16 10.00 4.10
CA TRP B 14 45.42 9.26 4.17
C TRP B 14 45.20 7.79 3.88
N GLU B 15 45.83 7.29 2.83
CA GLU B 15 45.80 5.86 2.50
C GLU B 15 46.61 5.06 3.50
N GLY B 16 47.68 5.67 4.02
CA GLY B 16 48.57 5.03 4.98
C GLY B 16 47.95 4.70 6.32
N MET B 17 46.94 5.47 6.72
CA MET B 17 46.25 5.22 7.99
C MET B 17 45.30 4.03 7.86
N VAL B 18 45.72 2.90 8.43
CA VAL B 18 44.98 1.64 8.35
C VAL B 18 44.40 1.17 9.70
N ASP B 19 44.96 1.67 10.80
CA ASP B 19 44.54 1.24 12.14
C ASP B 19 43.33 2.00 12.69
N GLY B 20 42.86 3.02 11.96
CA GLY B 20 41.69 3.79 12.38
C GLY B 20 41.10 4.64 11.27
N TRP B 21 40.00 5.32 11.58
CA TRP B 21 39.29 6.16 10.62
C TRP B 21 39.78 7.61 10.69
N TYR B 22 39.97 8.10 11.90
CA TYR B 22 40.48 9.46 12.13
C TYR B 22 41.80 9.36 12.89
N GLY B 23 42.65 10.37 12.73
CA GLY B 23 43.95 10.36 13.40
C GLY B 23 44.70 11.67 13.35
N PHE B 24 46.01 11.57 13.58
CA PHE B 24 46.89 12.73 13.65
C PHE B 24 48.14 12.51 12.81
N ARG B 25 48.75 13.61 12.38
CA ARG B 25 50.10 13.62 11.82
C ARG B 25 50.81 14.83 12.41
N TYR B 26 52.03 14.63 12.91
CA TYR B 26 52.74 15.67 13.63
C TYR B 26 54.21 15.76 13.22
N GLN B 27 54.86 16.84 13.63
CA GLN B 27 56.28 17.04 13.40
C GLN B 27 56.88 17.92 14.50
N ASN B 28 58.04 17.51 15.00
CA ASN B 28 58.71 18.25 16.07
C ASN B 28 60.21 17.91 16.10
N SER B 29 60.89 18.28 17.18
CA SER B 29 62.32 17.95 17.35
C SER B 29 62.64 16.48 17.15
N GLU B 30 61.73 15.60 17.61
CA GLU B 30 61.96 14.15 17.57
C GLU B 30 61.44 13.47 16.30
N GLY B 31 61.28 14.24 15.22
CA GLY B 31 60.84 13.69 13.94
C GLY B 31 59.34 13.77 13.72
N THR B 32 58.87 13.03 12.72
CA THR B 32 57.44 12.99 12.39
C THR B 32 56.81 11.69 12.88
N GLY B 33 55.49 11.61 12.78
CA GLY B 33 54.76 10.42 13.18
C GLY B 33 53.29 10.46 12.78
N GLN B 34 52.62 9.32 12.93
CA GLN B 34 51.20 9.20 12.59
C GLN B 34 50.50 8.29 13.60
N ALA B 35 49.45 8.81 14.24
CA ALA B 35 48.71 8.07 15.25
C ALA B 35 47.21 8.21 15.02
N ALA B 36 46.50 7.07 15.06
CA ALA B 36 45.05 7.06 14.89
C ALA B 36 44.34 7.54 16.16
N ASP B 37 43.05 7.84 16.01
CA ASP B 37 42.19 8.22 17.12
C ASP B 37 41.05 7.21 17.21
N LEU B 38 40.91 6.59 18.38
CA LEU B 38 39.96 5.49 18.58
C LEU B 38 38.56 5.98 18.94
N LYS B 39 38.48 7.12 19.62
CA LYS B 39 37.21 7.65 20.11
C LYS B 39 36.29 8.09 18.96
N SER B 40 36.83 8.89 18.04
CA SER B 40 36.06 9.36 16.88
C SER B 40 35.70 8.21 15.94
N THR B 41 36.63 7.26 15.79
CA THR B 41 36.42 6.10 14.93
C THR B 41 35.28 5.20 15.44
N GLN B 42 35.33 4.88 16.73
CA GLN B 42 34.33 4.01 17.35
C GLN B 42 32.93 4.63 17.29
N THR B 43 32.84 5.93 17.54
CA THR B 43 31.58 6.65 17.49
C THR B 43 30.94 6.61 16.10
N ALA B 44 31.78 6.64 15.07
CA ALA B 44 31.31 6.56 13.69
C ALA B 44 30.86 5.15 13.29
N ILE B 45 31.60 4.15 13.78
CA ILE B 45 31.29 2.74 13.46
C ILE B 45 30.00 2.27 14.14
N ASP B 46 29.74 2.74 15.35
CA ASP B 46 28.51 2.37 16.08
C ASP B 46 27.26 2.94 15.42
N GLN B 47 27.37 4.11 14.81
CA GLN B 47 26.25 4.72 14.09
C GLN B 47 25.96 4.04 12.74
N ILE B 48 26.99 3.48 12.11
CA ILE B 48 26.86 2.87 10.77
C ILE B 48 26.61 1.36 10.82
N ASN B 49 27.30 0.67 11.73
CA ASN B 49 27.16 -0.79 11.83
C ASN B 49 25.72 -1.23 12.09
N GLU B 50 25.15 -1.99 11.15
CA GLU B 50 23.77 -2.46 11.23
C GLU B 50 22.79 -1.32 11.50
N LYS B 51 22.91 -0.25 10.71
CA LYS B 51 22.06 0.92 10.88
C LYS B 51 20.64 0.72 10.34
N LEU B 52 20.47 -0.24 9.44
CA LEU B 52 19.15 -0.57 8.89
C LEU B 52 18.27 -1.36 9.87
N ASN B 53 18.88 -1.95 10.90
CA ASN B 53 18.12 -2.65 11.94
C ASN B 53 17.25 -1.70 12.77
N ARG B 54 17.59 -0.42 12.75
CA ARG B 54 16.86 0.59 13.53
C ARG B 54 15.56 1.04 12.85
N VAL B 55 15.36 0.62 11.60
CA VAL B 55 14.15 0.99 10.83
C VAL B 55 13.43 -0.22 10.22
N ILE B 56 14.18 -1.21 9.72
CA ILE B 56 13.60 -2.42 9.13
C ILE B 56 13.45 -3.52 10.19
N GLU B 57 12.30 -4.19 10.15
CA GLU B 57 11.99 -5.31 11.05
C GLU B 57 12.89 -6.51 10.75
N ARG B 58 13.18 -7.30 11.77
CA ARG B 58 13.87 -8.58 11.60
C ARG B 58 13.03 -9.47 10.68
N THR B 59 13.50 -9.64 9.45
CA THR B 59 12.77 -10.36 8.39
C THR B 59 11.96 -11.53 8.93
N ASN B 60 10.64 -11.43 8.85
CA ASN B 60 9.74 -12.46 9.38
C ASN B 60 9.18 -13.36 8.27
N GLU B 61 8.49 -14.42 8.70
CA GLU B 61 8.01 -15.45 7.78
C GLU B 61 6.66 -15.08 7.17
N LYS B 62 6.52 -15.37 5.87
CA LYS B 62 5.23 -15.28 5.18
C LYS B 62 4.92 -16.63 4.56
N PHE B 63 3.69 -17.10 4.77
CA PHE B 63 3.28 -18.43 4.34
C PHE B 63 2.36 -18.33 3.12
N HIS B 64 1.22 -19.02 3.13
CA HIS B 64 0.31 -19.02 1.99
C HIS B 64 -0.18 -17.60 1.66
N GLN B 65 0.11 -17.14 0.45
CA GLN B 65 -0.34 -15.85 -0.05
C GLN B 65 -1.24 -16.02 -1.26
N ILE B 66 -1.70 -14.91 -1.83
CA ILE B 66 -2.49 -14.94 -3.06
C ILE B 66 -1.70 -15.44 -4.27
N GLU B 67 -2.41 -15.81 -5.32
CA GLU B 67 -1.78 -16.23 -6.57
C GLU B 67 -1.33 -14.98 -7.31
N LYS B 68 -0.11 -15.01 -7.85
CA LYS B 68 0.46 -13.87 -8.55
C LYS B 68 0.86 -14.21 -9.99
N GLU B 69 0.41 -15.37 -10.47
CA GLU B 69 0.70 -15.82 -11.84
C GLU B 69 -0.50 -16.61 -12.37
N PHE B 70 -0.98 -16.22 -13.54
CA PHE B 70 -2.20 -16.80 -14.12
C PHE B 70 -1.98 -17.20 -15.57
N SER B 71 -2.47 -18.38 -15.94
CA SER B 71 -2.30 -18.92 -17.30
C SER B 71 -3.55 -18.70 -18.18
N GLU B 72 -4.63 -18.19 -17.59
CA GLU B 72 -5.86 -17.89 -18.33
C GLU B 72 -6.27 -16.44 -18.15
N VAL B 73 -7.30 -16.02 -18.87
CA VAL B 73 -7.92 -14.71 -18.68
C VAL B 73 -9.25 -14.88 -17.96
N GLU B 74 -9.37 -14.23 -16.80
CA GLU B 74 -10.53 -14.40 -15.93
C GLU B 74 -11.33 -13.10 -15.77
N GLY B 75 -10.62 -11.96 -15.69
CA GLY B 75 -11.26 -10.65 -15.72
C GLY B 75 -11.19 -9.91 -14.41
N ARG B 76 -12.36 -9.62 -13.83
CA ARG B 76 -12.48 -8.73 -12.68
C ARG B 76 -11.74 -9.25 -11.45
N ILE B 77 -11.88 -10.54 -11.17
CA ILE B 77 -11.20 -11.17 -10.04
C ILE B 77 -9.68 -11.19 -10.23
N GLN B 78 -9.21 -11.42 -11.46
CA GLN B 78 -7.79 -11.50 -11.76
C GLN B 78 -7.12 -10.12 -11.82
N ASP B 79 -7.80 -9.15 -12.43
CA ASP B 79 -7.27 -7.80 -12.54
C ASP B 79 -6.98 -7.20 -11.16
N LEU B 80 -7.85 -7.49 -10.19
CA LEU B 80 -7.69 -7.00 -8.82
C LEU B 80 -6.48 -7.64 -8.14
N GLU B 81 -6.32 -8.95 -8.30
CA GLU B 81 -5.19 -9.69 -7.74
C GLU B 81 -3.86 -9.22 -8.33
N LYS B 82 -3.85 -8.89 -9.61
CA LYS B 82 -2.67 -8.30 -10.26
C LYS B 82 -2.44 -6.88 -9.79
N TYR B 83 -3.53 -6.12 -9.64
CA TYR B 83 -3.44 -4.71 -9.23
C TYR B 83 -2.95 -4.57 -7.79
N VAL B 84 -3.39 -5.45 -6.90
CA VAL B 84 -2.95 -5.43 -5.50
C VAL B 84 -1.44 -5.66 -5.41
N GLU B 85 -0.92 -6.61 -6.17
CA GLU B 85 0.51 -6.94 -6.15
C GLU B 85 1.37 -5.84 -6.77
N ASP B 86 0.91 -5.25 -7.88
CA ASP B 86 1.62 -4.14 -8.53
C ASP B 86 1.67 -2.92 -7.61
N THR B 87 0.54 -2.58 -7.01
CA THR B 87 0.47 -1.46 -6.06
C THR B 87 1.40 -1.67 -4.87
N LYS B 88 1.50 -2.91 -4.40
CA LYS B 88 2.38 -3.25 -3.29
C LYS B 88 3.86 -3.09 -3.64
N ILE B 89 4.28 -3.71 -4.75
CA ILE B 89 5.68 -3.72 -5.16
C ILE B 89 6.20 -2.30 -5.40
N ASP B 90 5.40 -1.48 -6.07
CA ASP B 90 5.79 -0.11 -6.38
C ASP B 90 6.03 0.73 -5.10
N LEU B 91 5.26 0.45 -4.06
CA LEU B 91 5.40 1.15 -2.78
C LEU B 91 6.66 0.73 -2.02
N TRP B 92 6.94 -0.57 -1.98
CA TRP B 92 8.17 -1.07 -1.34
C TRP B 92 9.41 -0.66 -2.11
N SER B 93 9.29 -0.65 -3.44
CA SER B 93 10.36 -0.18 -4.32
C SER B 93 10.73 1.28 -4.03
N TYR B 94 9.71 2.09 -3.75
CA TYR B 94 9.90 3.49 -3.38
C TYR B 94 10.50 3.63 -1.98
N ASN B 95 9.97 2.84 -1.04
CA ASN B 95 10.47 2.87 0.34
C ASN B 95 11.94 2.47 0.42
N ALA B 96 12.31 1.45 -0.35
CA ALA B 96 13.70 1.00 -0.44
C ALA B 96 14.59 2.10 -1.05
N GLU B 97 14.07 2.76 -2.08
CA GLU B 97 14.80 3.83 -2.76
C GLU B 97 15.04 5.02 -1.83
N LEU B 98 13.99 5.43 -1.13
CA LEU B 98 14.06 6.59 -0.23
C LEU B 98 14.92 6.30 0.99
N LEU B 99 14.81 5.10 1.55
CA LEU B 99 15.56 4.73 2.74
C LEU B 99 17.06 4.78 2.51
N VAL B 100 17.52 4.11 1.46
CA VAL B 100 18.95 4.04 1.13
C VAL B 100 19.54 5.42 0.86
N ALA B 101 18.79 6.27 0.16
CA ALA B 101 19.22 7.64 -0.12
C ALA B 101 19.40 8.46 1.15
N LEU B 102 18.51 8.26 2.13
CA LEU B 102 18.58 8.97 3.42
C LEU B 102 19.70 8.45 4.31
N GLU B 103 19.84 7.13 4.39
CA GLU B 103 20.87 6.51 5.22
C GLU B 103 22.27 6.81 4.68
N ASN B 104 22.42 6.80 3.35
CA ASN B 104 23.67 7.20 2.72
C ASN B 104 23.97 8.67 2.98
N GLN B 105 22.96 9.52 2.88
CA GLN B 105 23.11 10.94 3.20
C GLN B 105 23.51 11.13 4.66
N HIS B 106 22.92 10.32 5.55
CA HIS B 106 23.23 10.36 6.97
C HIS B 106 24.68 9.94 7.27
N THR B 107 25.16 8.93 6.52
CA THR B 107 26.54 8.44 6.67
C THR B 107 27.58 9.50 6.31
N ILE B 108 27.33 10.22 5.22
CA ILE B 108 28.26 11.26 4.76
C ILE B 108 28.30 12.43 5.73
N ASP B 109 27.14 12.81 6.28
CA ASP B 109 27.06 13.91 7.23
C ASP B 109 27.68 13.58 8.59
N LEU B 110 27.42 12.37 9.11
CA LEU B 110 27.93 11.99 10.43
C LEU B 110 29.45 11.83 10.43
N THR B 111 30.00 11.30 9.33
CA THR B 111 31.44 11.12 9.19
C THR B 111 32.16 12.46 8.99
N ASP B 112 31.53 13.36 8.25
CA ASP B 112 32.05 14.71 8.03
C ASP B 112 32.06 15.52 9.32
N ALA B 113 31.06 15.27 10.18
CA ALA B 113 30.94 15.96 11.47
C ALA B 113 31.97 15.46 12.48
N GLU B 114 32.18 14.16 12.53
CA GLU B 114 33.21 13.58 13.41
C GLU B 114 34.60 14.10 13.08
N MET B 115 34.84 14.41 11.81
CA MET B 115 36.09 15.05 11.39
C MET B 115 36.17 16.45 11.98
N ASN B 116 35.09 17.20 11.83
CA ASN B 116 35.02 18.58 12.34
C ASN B 116 35.04 18.66 13.86
N LYS B 117 34.43 17.69 14.53
CA LYS B 117 34.38 17.66 15.99
C LYS B 117 35.75 17.42 16.62
N LEU B 118 36.55 16.56 15.99
CA LEU B 118 37.91 16.28 16.45
C LEU B 118 38.81 17.50 16.28
N PHE B 119 38.60 18.26 15.21
CA PHE B 119 39.35 19.49 14.96
C PHE B 119 39.05 20.55 16.02
N GLU B 120 37.77 20.80 16.24
CA GLU B 120 37.33 21.82 17.19
C GLU B 120 37.67 21.44 18.63
N LYS B 121 37.70 20.13 18.90
CA LYS B 121 38.13 19.62 20.21
C LYS B 121 39.58 19.99 20.49
N THR B 122 40.44 19.82 19.48
CA THR B 122 41.87 20.11 19.62
C THR B 122 42.15 21.61 19.72
N ARG B 123 41.40 22.41 18.96
CA ARG B 123 41.56 23.87 18.97
C ARG B 123 41.28 24.46 20.36
N ARG B 124 40.28 23.93 21.04
CA ARG B 124 39.93 24.39 22.39
C ARG B 124 40.97 24.03 23.44
N GLN B 125 41.63 22.88 23.25
CA GLN B 125 42.74 22.48 24.13
C GLN B 125 43.93 23.42 24.00
N LEU B 126 44.30 23.72 22.76
CA LEU B 126 45.49 24.53 22.47
C LEU B 126 45.33 26.01 22.88
N ARG B 127 44.10 26.49 22.94
CA ARG B 127 43.81 27.87 23.36
C ARG B 127 44.56 28.91 22.51
N GLU B 128 45.52 29.61 23.10
CA GLU B 128 46.27 30.65 22.39
C GLU B 128 47.74 30.25 22.21
N ASN B 129 48.02 28.95 22.34
CA ASN B 129 49.37 28.42 22.12
C ASN B 129 49.59 27.95 20.68
N ALA B 130 48.55 28.01 19.85
CA ALA B 130 48.63 27.53 18.48
C ALA B 130 47.66 28.27 17.54
N GLU B 131 48.00 28.28 16.25
CA GLU B 131 47.18 28.91 15.22
C GLU B 131 46.75 27.89 14.17
N ASP B 132 45.63 28.16 13.52
CA ASP B 132 45.12 27.32 12.44
C ASP B 132 45.79 27.72 11.13
N MET B 133 46.52 26.79 10.52
CA MET B 133 47.28 27.06 9.30
C MET B 133 46.39 27.00 8.05
N GLY B 134 45.24 26.35 8.18
CA GLY B 134 44.44 25.95 7.03
C GLY B 134 44.88 24.54 6.65
N GLY B 135 44.04 23.86 5.87
CA GLY B 135 44.32 22.47 5.51
C GLY B 135 44.12 21.52 6.69
N GLY B 136 43.37 21.97 7.70
CA GLY B 136 43.15 21.19 8.90
C GLY B 136 44.38 21.02 9.79
N CYS B 137 45.34 21.93 9.66
CA CYS B 137 46.60 21.84 10.40
C CYS B 137 46.73 22.92 11.46
N PHE B 138 47.53 22.63 12.49
CA PHE B 138 47.77 23.54 13.59
C PHE B 138 49.25 23.83 13.73
N LYS B 139 49.59 25.10 13.96
CA LYS B 139 50.97 25.51 14.21
C LYS B 139 51.13 25.79 15.69
N ILE B 140 51.73 24.85 16.41
CA ILE B 140 51.99 25.01 17.84
C ILE B 140 53.25 25.84 18.02
N TYR B 141 53.20 26.82 18.91
CA TYR B 141 54.27 27.81 19.06
C TYR B 141 55.15 27.61 20.30
N HIS B 142 55.47 26.36 20.64
CA HIS B 142 56.36 26.06 21.76
C HIS B 142 57.01 24.69 21.63
N LYS B 143 57.98 24.40 22.50
CA LYS B 143 58.70 23.13 22.47
C LYS B 143 57.75 21.99 22.83
N CYS B 144 57.55 21.07 21.89
CA CYS B 144 56.53 20.04 22.00
C CYS B 144 57.06 18.67 21.54
N ASP B 145 57.54 17.88 22.49
CA ASP B 145 58.08 16.54 22.21
C ASP B 145 56.95 15.51 22.08
N ASN B 146 57.31 14.24 21.86
CA ASN B 146 56.33 13.16 21.74
C ASN B 146 55.48 12.93 23.00
N ALA B 147 56.05 13.24 24.17
CA ALA B 147 55.31 13.20 25.42
C ALA B 147 54.23 14.30 25.47
N CYS B 148 54.58 15.48 24.96
CA CYS B 148 53.64 16.60 24.88
C CYS B 148 52.57 16.34 23.82
N ILE B 149 52.96 15.79 22.68
CA ILE B 149 52.01 15.41 21.63
C ILE B 149 51.02 14.38 22.17
N GLY B 150 51.52 13.39 22.89
CA GLY B 150 50.70 12.34 23.48
C GLY B 150 49.61 12.85 24.40
N SER B 151 49.90 13.92 25.14
CA SER B 151 48.94 14.51 26.06
C SER B 151 47.75 15.16 25.33
N ILE B 152 47.97 15.63 24.11
CA ILE B 152 46.89 16.19 23.30
C ILE B 152 45.98 15.08 22.79
N ARG B 153 46.58 13.97 22.33
CA ARG B 153 45.83 12.87 21.72
C ARG B 153 44.91 12.14 22.70
N ASN B 154 45.33 12.04 23.97
CA ASN B 154 44.48 11.42 25.00
C ASN B 154 43.67 12.44 25.82
N GLY B 155 44.03 13.72 25.70
CA GLY B 155 43.20 14.81 26.21
C GLY B 155 43.60 15.40 27.55
N THR B 156 44.90 15.46 27.82
CA THR B 156 45.43 16.00 29.08
C THR B 156 46.49 17.06 28.85
N TYR B 157 46.30 17.88 27.81
CA TYR B 157 47.22 18.96 27.49
C TYR B 157 46.86 20.20 28.30
N ASP B 158 47.77 20.61 29.19
CA ASP B 158 47.58 21.83 29.97
C ASP B 158 48.30 22.99 29.28
N HIS B 159 47.52 23.87 28.66
CA HIS B 159 48.06 25.00 27.90
C HIS B 159 48.76 26.04 28.77
N TYR B 160 48.32 26.17 30.02
CA TYR B 160 48.77 27.23 30.92
C TYR B 160 50.28 27.25 31.15
N ILE B 161 50.89 26.07 31.26
CA ILE B 161 52.34 25.96 31.51
C ILE B 161 53.19 26.39 30.31
N TYR B 162 52.65 26.27 29.10
CA TYR B 162 53.34 26.70 27.87
C TYR B 162 52.97 28.12 27.45
N ARG B 163 51.81 28.61 27.89
CA ARG B 163 51.24 29.89 27.43
C ARG B 163 52.25 31.03 27.27
N ASP B 164 52.99 31.33 28.33
CA ASP B 164 53.96 32.43 28.30
C ASP B 164 55.05 32.23 27.25
N GLU B 165 55.46 30.97 27.06
CA GLU B 165 56.45 30.63 26.04
C GLU B 165 55.89 30.84 24.63
N ALA B 166 54.61 30.49 24.46
CA ALA B 166 53.95 30.58 23.15
C ALA B 166 53.61 32.00 22.74
N LEU B 167 53.06 32.79 23.67
CA LEU B 167 52.68 34.17 23.38
C LEU B 167 53.88 35.03 22.98
N ASN B 168 55.05 34.76 23.56
CA ASN B 168 56.27 35.47 23.18
C ASN B 168 56.76 35.07 21.79
N ASN B 169 56.58 33.80 21.43
CA ASN B 169 56.91 33.31 20.09
C ASN B 169 55.94 33.83 19.02
N ARG B 170 54.67 33.97 19.37
CA ARG B 170 53.63 34.37 18.42
C ARG B 170 53.69 35.85 18.02
N PHE B 171 54.02 36.72 18.97
CA PHE B 171 53.98 38.17 18.76
C PHE B 171 55.32 38.89 18.88
N GLN B 172 56.41 38.15 19.06
CA GLN B 172 57.76 38.73 19.06
C GLN B 172 58.72 37.84 18.27
N ASN C 7 39.07 55.84 5.48
CA ASN C 7 40.36 55.40 6.11
C ASN C 7 41.14 54.46 5.19
N ASN C 8 42.46 54.64 5.17
CA ASN C 8 43.35 53.87 4.29
C ASN C 8 44.05 52.69 4.98
N ASN C 9 44.28 52.81 6.28
CA ASN C 9 44.98 51.76 7.04
C ASN C 9 44.22 50.44 7.14
N THR C 10 42.90 50.48 7.06
CA THR C 10 42.07 49.28 7.20
C THR C 10 41.16 49.08 5.99
N ALA C 11 40.51 47.93 5.95
CA ALA C 11 39.54 47.60 4.91
C ALA C 11 38.50 46.64 5.47
N THR C 12 37.26 46.79 5.02
CA THR C 12 36.16 45.94 5.48
C THR C 12 35.74 44.99 4.37
N LEU C 13 35.61 43.71 4.71
CA LEU C 13 35.15 42.68 3.78
C LEU C 13 33.94 41.96 4.37
N CYS C 14 32.78 42.13 3.75
CA CYS C 14 31.54 41.56 4.25
C CYS C 14 31.02 40.45 3.34
N LEU C 15 30.57 39.36 3.95
CA LEU C 15 29.97 38.23 3.24
C LEU C 15 28.46 38.28 3.37
N GLY C 16 27.77 37.69 2.39
CA GLY C 16 26.31 37.66 2.39
C GLY C 16 25.75 36.73 1.33
N HIS C 17 24.46 36.87 1.06
CA HIS C 17 23.79 36.04 0.07
C HIS C 17 22.66 36.81 -0.61
N HIS C 18 22.19 36.28 -1.73
CA HIS C 18 21.14 36.95 -2.51
C HIS C 18 19.74 36.72 -1.93
N ALA C 19 18.81 37.58 -2.33
CA ALA C 19 17.41 37.48 -1.89
C ALA C 19 16.51 38.28 -2.84
N VAL C 20 15.22 37.98 -2.84
CA VAL C 20 14.27 38.61 -3.76
C VAL C 20 13.20 39.40 -3.03
N ALA C 21 12.45 40.21 -3.78
CA ALA C 21 11.38 41.03 -3.22
C ALA C 21 10.15 40.18 -2.90
N ASN C 22 9.61 39.51 -3.92
CA ASN C 22 8.46 38.62 -3.75
C ASN C 22 8.92 37.17 -3.62
N GLY C 23 9.00 36.70 -2.37
CA GLY C 23 9.39 35.33 -2.09
C GLY C 23 8.26 34.34 -2.32
N THR C 24 8.34 33.18 -1.68
CA THR C 24 7.32 32.15 -1.80
C THR C 24 7.37 31.20 -0.59
N LEU C 25 6.20 30.78 -0.11
CA LEU C 25 6.11 29.97 1.10
C LEU C 25 6.21 28.48 0.80
N VAL C 26 7.05 27.78 1.58
CA VAL C 26 7.18 26.32 1.49
C VAL C 26 7.12 25.73 2.90
N LYS C 27 6.94 24.40 2.98
CA LYS C 27 6.84 23.70 4.26
C LYS C 27 7.98 22.72 4.45
N THR C 28 8.52 22.67 5.66
CA THR C 28 9.64 21.79 6.00
C THR C 28 9.30 20.97 7.25
N ILE C 29 10.26 20.17 7.72
CA ILE C 29 10.09 19.37 8.94
C ILE C 29 10.11 20.29 10.17
N SER C 30 10.95 21.32 10.11
CA SER C 30 11.09 22.26 11.22
C SER C 30 9.91 23.22 11.31
N ASP C 31 9.56 23.84 10.18
CA ASP C 31 8.61 24.95 10.15
C ASP C 31 7.36 24.67 9.31
N ASP C 32 6.28 25.39 9.63
CA ASP C 32 5.04 25.27 8.87
C ASP C 32 5.13 26.04 7.57
N GLN C 33 5.41 27.34 7.66
CA GLN C 33 5.53 28.21 6.51
C GLN C 33 6.80 29.04 6.61
N ILE C 34 7.72 28.82 5.69
CA ILE C 34 9.02 29.52 5.67
C ILE C 34 9.28 30.02 4.25
N GLU C 35 9.72 31.27 4.14
CA GLU C 35 9.87 31.92 2.84
C GLU C 35 11.22 31.57 2.20
N VAL C 36 11.20 31.33 0.89
CA VAL C 36 12.41 31.00 0.13
C VAL C 36 12.49 31.85 -1.14
N THR C 37 13.66 31.86 -1.77
CA THR C 37 13.90 32.68 -2.95
C THR C 37 13.12 32.22 -4.17
N ASN C 38 12.91 30.91 -4.27
CA ASN C 38 12.22 30.33 -5.42
C ASN C 38 11.70 28.93 -5.15
N ALA C 39 10.49 28.64 -5.63
CA ALA C 39 9.85 27.34 -5.43
C ALA C 39 9.19 26.85 -6.72
N THR C 40 8.60 25.65 -6.67
CA THR C 40 7.94 25.07 -7.83
C THR C 40 6.82 24.10 -7.40
N GLU C 41 5.78 24.00 -8.23
CA GLU C 41 4.62 23.16 -7.94
C GLU C 41 4.88 21.72 -8.37
N LEU C 42 4.47 20.76 -7.54
CA LEU C 42 4.67 19.32 -7.83
C LEU C 42 3.38 18.55 -8.11
N VAL C 43 2.22 19.18 -7.90
CA VAL C 43 0.93 18.54 -8.21
C VAL C 43 0.31 19.18 -9.44
N GLN C 44 0.06 18.36 -10.47
CA GLN C 44 -0.62 18.81 -11.67
C GLN C 44 -2.09 19.11 -11.38
N SER C 45 -2.36 20.35 -10.99
C SER C 45 -5.32 20.33 -12.04
N ILE C 46 -4.71 20.83 -13.11
CA ILE C 46 -5.46 21.33 -14.25
C ILE C 46 -5.30 20.37 -15.43
N SER C 47 -6.38 20.20 -16.19
CA SER C 47 -6.37 19.37 -17.40
C SER C 47 -6.47 20.25 -18.63
N MET C 48 -6.18 19.67 -19.79
CA MET C 48 -6.30 20.37 -21.07
C MET C 48 -7.76 20.45 -21.53
N GLY C 49 -8.62 19.64 -20.92
CA GLY C 49 -10.05 19.65 -21.22
C GLY C 49 -10.39 18.92 -22.51
N LYS C 50 -9.51 18.01 -22.92
CA LYS C 50 -9.66 17.28 -24.17
C LYS C 50 -8.68 16.12 -24.24
N ILE C 51 -9.12 15.00 -24.83
CA ILE C 51 -8.28 13.81 -24.93
C ILE C 51 -7.45 13.87 -26.21
N CYS C 52 -6.13 13.92 -26.05
CA CYS C 52 -5.20 14.00 -27.18
C CYS C 52 -5.01 12.64 -27.83
N ASN C 53 -5.23 12.58 -29.15
CA ASN C 53 -5.16 11.31 -29.89
C ASN C 53 -3.97 11.21 -30.84
N ASN C 54 -2.86 11.89 -30.51
CA ASN C 54 -1.63 11.80 -31.29
C ASN C 54 -0.73 10.68 -30.78
N SER C 55 -0.48 10.68 -29.48
CA SER C 55 0.42 9.71 -28.85
C SER C 55 -0.19 8.31 -28.83
N TYR C 56 -1.36 8.19 -28.22
CA TYR C 56 -2.08 6.91 -28.15
C TYR C 56 -3.23 6.87 -29.15
N ARG C 57 -3.60 5.67 -29.57
CA ARG C 57 -4.71 5.47 -30.49
C ARG C 57 -6.04 5.50 -29.74
N ILE C 58 -6.80 6.57 -29.94
CA ILE C 58 -8.07 6.78 -29.23
C ILE C 58 -9.26 6.45 -30.14
N LEU C 59 -10.25 5.77 -29.58
CA LEU C 59 -11.46 5.37 -30.32
C LEU C 59 -12.70 5.86 -29.59
N ASP C 60 -13.48 6.72 -30.26
CA ASP C 60 -14.67 7.33 -29.67
C ASP C 60 -15.92 6.47 -29.94
N GLY C 61 -16.53 5.98 -28.87
CA GLY C 61 -17.73 5.14 -28.96
C GLY C 61 -19.01 5.89 -29.33
N ARG C 62 -19.04 7.18 -29.03
CA ARG C 62 -20.17 8.07 -29.37
C ARG C 62 -21.48 7.68 -28.67
N ASN C 63 -22.25 6.76 -29.27
CA ASN C 63 -23.49 6.28 -28.67
C ASN C 63 -23.51 4.75 -28.61
N CYS C 64 -22.32 4.16 -28.45
CA CYS C 64 -22.16 2.72 -28.39
C CYS C 64 -21.22 2.36 -27.25
N THR C 65 -21.47 1.21 -26.62
CA THR C 65 -20.56 0.64 -25.64
C THR C 65 -19.66 -0.37 -26.33
N LEU C 66 -18.66 -0.88 -25.62
CA LEU C 66 -17.75 -1.88 -26.17
C LEU C 66 -18.46 -3.19 -26.50
N ILE C 67 -19.47 -3.55 -25.71
CA ILE C 67 -20.19 -4.81 -25.88
C ILE C 67 -21.12 -4.76 -27.10
N ASP C 68 -21.82 -3.63 -27.29
CA ASP C 68 -22.69 -3.45 -28.45
C ASP C 68 -21.89 -3.45 -29.75
N ALA C 69 -20.72 -2.82 -29.72
CA ALA C 69 -19.81 -2.80 -30.87
C ALA C 69 -19.28 -4.20 -31.16
N MET C 70 -19.06 -5.00 -30.12
CA MET C 70 -18.63 -6.39 -30.28
C MET C 70 -19.75 -7.25 -30.84
N LEU C 71 -20.91 -7.22 -30.19
CA LEU C 71 -22.05 -8.05 -30.59
C LEU C 71 -22.56 -7.71 -32.00
N GLY C 72 -22.45 -6.46 -32.39
CA GLY C 72 -22.87 -6.01 -33.72
C GLY C 72 -24.23 -5.36 -33.72
N ASP C 73 -24.43 -4.40 -32.82
CA ASP C 73 -25.66 -3.63 -32.74
C ASP C 73 -25.73 -2.73 -33.98
N PRO C 74 -26.92 -2.65 -34.63
CA PRO C 74 -27.09 -1.87 -35.87
C PRO C 74 -26.34 -0.54 -35.91
N HIS C 75 -26.55 0.30 -34.90
CA HIS C 75 -25.93 1.64 -34.85
C HIS C 75 -24.46 1.63 -34.40
N CYS C 76 -23.87 0.43 -34.28
CA CYS C 76 -22.46 0.27 -33.92
C CYS C 76 -21.72 -0.58 -34.96
N ASP C 77 -22.23 -0.60 -36.19
CA ASP C 77 -21.60 -1.34 -37.29
C ASP C 77 -20.43 -0.57 -37.90
N VAL C 78 -20.32 0.73 -37.58
CA VAL C 78 -19.16 1.52 -37.95
C VAL C 78 -17.88 1.04 -37.23
N PHE C 79 -18.05 0.39 -36.08
CA PHE C 79 -16.92 -0.10 -35.27
C PHE C 79 -16.42 -1.51 -35.63
N GLN C 80 -16.90 -2.08 -36.74
CA GLN C 80 -16.44 -3.39 -37.18
C GLN C 80 -14.96 -3.35 -37.58
N TYR C 81 -14.21 -4.37 -37.17
CA TYR C 81 -12.77 -4.47 -37.44
C TYR C 81 -12.00 -3.23 -36.99
N GLU C 82 -12.19 -2.84 -35.74
CA GLU C 82 -11.49 -1.70 -35.15
C GLU C 82 -10.54 -2.15 -34.06
N ASN C 83 -9.38 -1.50 -33.97
CA ASN C 83 -8.44 -1.72 -32.88
C ASN C 83 -8.02 -0.39 -32.26
N TRP C 84 -7.64 -0.43 -30.98
CA TRP C 84 -7.40 0.78 -30.20
C TRP C 84 -6.39 0.56 -29.09
N ASP C 85 -5.91 1.66 -28.52
CA ASP C 85 -5.17 1.64 -27.26
C ASP C 85 -6.11 1.97 -26.11
N LEU C 86 -6.96 2.98 -26.31
CA LEU C 86 -7.94 3.37 -25.31
C LEU C 86 -9.31 3.59 -25.95
N PHE C 87 -10.29 2.79 -25.53
CA PHE C 87 -11.67 2.92 -26.02
C PHE C 87 -12.44 3.87 -25.11
N ILE C 88 -12.95 4.96 -25.68
CA ILE C 88 -13.67 5.98 -24.92
C ILE C 88 -15.18 5.71 -24.98
N GLU C 89 -15.75 5.34 -23.83
CA GLU C 89 -17.19 5.13 -23.71
C GLU C 89 -17.85 6.40 -23.21
N ARG C 90 -18.90 6.84 -23.91
CA ARG C 90 -19.66 8.01 -23.50
C ARG C 90 -20.78 7.61 -22.56
N SER C 91 -21.13 8.51 -21.64
CA SER C 91 -22.20 8.27 -20.67
C SER C 91 -23.58 8.25 -21.33
N SER C 92 -23.70 8.88 -22.51
CA SER C 92 -24.94 8.87 -23.30
C SER C 92 -25.00 7.68 -24.27
N ALA C 93 -24.32 6.58 -23.94
CA ALA C 93 -24.35 5.37 -24.74
C ALA C 93 -25.62 4.58 -24.45
N PHE C 94 -26.01 3.72 -25.39
CA PHE C 94 -27.19 2.88 -25.23
C PHE C 94 -27.18 1.72 -26.21
N SER C 95 -28.02 0.73 -25.93
CA SER C 95 -28.26 -0.39 -26.84
C SER C 95 -29.53 -0.10 -27.63
N ASN C 96 -29.55 -0.53 -28.88
CA ASN C 96 -30.73 -0.37 -29.74
C ASN C 96 -30.96 -1.62 -30.60
N CYS C 97 -30.83 -2.78 -29.96
CA CYS C 97 -31.11 -4.06 -30.62
C CYS C 97 -32.05 -4.87 -29.71
N TYR C 98 -31.88 -6.19 -29.68
CA TYR C 98 -32.67 -7.04 -28.78
C TYR C 98 -32.21 -6.80 -27.35
N PRO C 99 -33.15 -6.78 -26.38
CA PRO C 99 -32.74 -6.61 -24.98
C PRO C 99 -31.97 -7.84 -24.47
N TYR C 100 -30.80 -7.60 -23.88
CA TYR C 100 -29.92 -8.69 -23.46
C TYR C 100 -29.32 -8.41 -22.08
N ASP C 101 -28.90 -9.48 -21.41
CA ASP C 101 -28.06 -9.39 -20.21
C ASP C 101 -26.87 -10.32 -20.40
N ILE C 102 -25.81 -10.08 -19.62
CA ILE C 102 -24.62 -10.92 -19.68
C ILE C 102 -24.12 -11.23 -18.27
N PRO C 103 -24.14 -12.51 -17.88
CA PRO C 103 -23.47 -12.93 -16.66
C PRO C 103 -21.97 -12.61 -16.74
N ASP C 104 -21.45 -11.94 -15.72
CA ASP C 104 -20.09 -11.38 -15.73
C ASP C 104 -19.90 -10.47 -16.94
N TYR C 105 -20.67 -9.39 -16.96
CA TYR C 105 -20.61 -8.36 -18.00
C TYR C 105 -19.27 -7.63 -17.96
N ALA C 106 -18.90 -7.16 -16.77
CA ALA C 106 -17.68 -6.38 -16.56
C ALA C 106 -16.42 -7.20 -16.84
N SER C 107 -16.45 -8.49 -16.54
CA SER C 107 -15.33 -9.38 -16.80
C SER C 107 -15.03 -9.50 -18.29
N LEU C 108 -16.08 -9.59 -19.10
CA LEU C 108 -15.95 -9.65 -20.55
C LEU C 108 -15.43 -8.33 -21.10
N ARG C 109 -16.07 -7.24 -20.68
CA ARG C 109 -15.67 -5.87 -21.06
C ARG C 109 -14.18 -5.63 -20.86
N SER C 110 -13.63 -6.15 -19.76
CA SER C 110 -12.20 -5.99 -19.45
C SER C 110 -11.32 -6.83 -20.38
N ILE C 111 -11.73 -8.08 -20.62
CA ILE C 111 -10.97 -9.00 -21.48
C ILE C 111 -10.88 -8.47 -22.91
N VAL C 112 -11.97 -7.89 -23.39
CA VAL C 112 -12.03 -7.35 -24.75
C VAL C 112 -11.25 -6.03 -24.82
N ALA C 113 -11.43 -5.18 -23.82
CA ALA C 113 -10.72 -3.90 -23.74
C ALA C 113 -9.21 -4.12 -23.61
N SER C 114 -8.83 -5.13 -22.82
CA SER C 114 -7.42 -5.49 -22.64
C SER C 114 -6.80 -5.98 -23.95
N SER C 115 -7.57 -6.76 -24.72
CA SER C 115 -7.12 -7.24 -26.03
C SER C 115 -6.90 -6.07 -26.99
N GLY C 116 -7.87 -5.16 -27.02
CA GLY C 116 -7.76 -3.94 -27.82
C GLY C 116 -7.97 -4.13 -29.31
N THR C 117 -8.89 -5.02 -29.68
CA THR C 117 -9.25 -5.24 -31.08
C THR C 117 -10.57 -6.00 -31.22
N LEU C 118 -11.31 -5.71 -32.29
CA LEU C 118 -12.55 -6.42 -32.62
C LEU C 118 -12.42 -7.13 -33.97
N GLU C 119 -11.29 -7.77 -34.19
CA GLU C 119 -11.05 -8.55 -35.39
C GLU C 119 -11.96 -9.77 -35.37
N PHE C 120 -12.85 -9.88 -36.35
CA PHE C 120 -13.78 -10.99 -36.45
C PHE C 120 -13.56 -11.76 -37.75
N THR C 121 -13.65 -13.09 -37.66
CA THR C 121 -13.50 -13.95 -38.83
C THR C 121 -14.63 -14.98 -38.83
N ALA C 122 -15.47 -14.92 -39.86
CA ALA C 122 -16.61 -15.84 -39.97
C ALA C 122 -16.13 -17.25 -40.30
N GLU C 123 -16.67 -18.22 -39.58
CA GLU C 123 -16.34 -19.63 -39.81
C GLU C 123 -17.54 -20.38 -40.38
N GLY C 124 -17.25 -21.35 -41.24
CA GLY C 124 -18.30 -22.10 -41.94
C GLY C 124 -19.04 -23.06 -41.02
N PHE C 125 -20.04 -22.51 -40.32
CA PHE C 125 -20.89 -23.32 -39.45
C PHE C 125 -22.07 -23.90 -40.23
N THR C 126 -22.20 -25.22 -40.22
CA THR C 126 -23.31 -25.92 -40.87
C THR C 126 -24.40 -26.18 -39.83
N TRP C 127 -25.62 -25.73 -40.13
CA TRP C 127 -26.76 -25.91 -39.24
C TRP C 127 -27.85 -26.72 -39.95
N THR C 128 -27.87 -28.02 -39.68
CA THR C 128 -28.73 -28.96 -40.39
C THR C 128 -30.17 -28.95 -39.86
N GLY C 129 -31.10 -28.52 -40.72
CA GLY C 129 -32.52 -28.62 -40.43
C GLY C 129 -33.12 -27.52 -39.57
N VAL C 130 -32.54 -26.32 -39.67
CA VAL C 130 -33.04 -25.16 -38.90
C VAL C 130 -32.95 -23.88 -39.71
N THR C 131 -33.88 -22.97 -39.44
CA THR C 131 -33.92 -21.68 -40.12
C THR C 131 -32.93 -20.72 -39.48
N GLN C 132 -32.07 -20.11 -40.30
CA GLN C 132 -31.02 -19.22 -39.82
C GLN C 132 -31.41 -17.75 -39.94
N ASN C 133 -30.58 -16.88 -39.34
CA ASN C 133 -30.71 -15.43 -39.47
C ASN C 133 -32.08 -14.91 -39.03
N GLY C 134 -32.48 -15.28 -37.81
CA GLY C 134 -33.73 -14.80 -37.24
C GLY C 134 -33.66 -13.30 -37.00
N ARG C 135 -34.80 -12.63 -37.08
CA ARG C 135 -34.84 -11.17 -37.00
C ARG C 135 -35.92 -10.67 -36.04
N SER C 136 -35.74 -9.45 -35.56
CA SER C 136 -36.68 -8.82 -34.63
C SER C 136 -36.85 -7.33 -34.93
N GLY C 137 -38.05 -6.82 -34.68
CA GLY C 137 -38.35 -5.40 -34.88
C GLY C 137 -37.71 -4.49 -33.85
N ALA C 138 -37.24 -5.06 -32.75
CA ALA C 138 -36.49 -4.32 -31.73
C ALA C 138 -35.10 -3.90 -32.22
N CYS C 139 -34.61 -4.58 -33.26
CA CYS C 139 -33.25 -4.38 -33.75
C CYS C 139 -33.28 -4.02 -35.24
N LYS C 140 -33.61 -2.76 -35.53
CA LYS C 140 -33.80 -2.30 -36.91
C LYS C 140 -32.49 -1.97 -37.61
N ARG C 141 -32.27 -2.59 -38.77
CA ARG C 141 -31.13 -2.30 -39.63
C ARG C 141 -31.64 -1.79 -40.97
N GLY C 142 -31.63 -0.47 -41.14
CA GLY C 142 -32.12 0.17 -42.37
C GLY C 142 -33.63 0.16 -42.47
N SER C 143 -34.29 0.54 -41.38
CA SER C 143 -35.76 0.59 -41.30
C SER C 143 -36.40 -0.76 -41.64
N ALA C 144 -35.83 -1.83 -41.10
CA ALA C 144 -36.33 -3.19 -41.33
C ALA C 144 -35.83 -4.14 -40.24
N ASP C 145 -36.59 -5.20 -40.00
CA ASP C 145 -36.25 -6.16 -38.94
C ASP C 145 -34.91 -6.82 -39.18
N SER C 146 -34.12 -6.96 -38.12
CA SER C 146 -32.80 -7.55 -38.21
C SER C 146 -32.32 -8.06 -36.85
N PHE C 147 -31.01 -8.26 -36.71
CA PHE C 147 -30.44 -8.88 -35.50
C PHE C 147 -28.95 -8.57 -35.39
N PHE C 148 -28.36 -8.89 -34.24
CA PHE C 148 -26.91 -8.74 -34.03
C PHE C 148 -26.13 -9.38 -35.18
N SER C 149 -25.17 -8.64 -35.73
CA SER C 149 -24.44 -9.08 -36.91
C SER C 149 -23.41 -10.17 -36.64
N ARG C 150 -23.00 -10.34 -35.38
CA ARG C 150 -22.03 -11.38 -35.01
C ARG C 150 -22.68 -12.63 -34.40
N LEU C 151 -24.00 -12.57 -34.20
CA LEU C 151 -24.76 -13.72 -33.69
C LEU C 151 -25.75 -14.23 -34.75
N ASN C 152 -26.20 -15.46 -34.58
CA ASN C 152 -27.09 -16.11 -35.53
C ASN C 152 -28.25 -16.80 -34.79
N TRP C 153 -29.45 -16.21 -34.91
CA TRP C 153 -30.63 -16.73 -34.24
C TRP C 153 -31.24 -17.87 -35.06
N LEU C 154 -31.16 -19.09 -34.53
CA LEU C 154 -31.68 -20.27 -35.20
C LEU C 154 -33.05 -20.66 -34.66
N THR C 155 -33.96 -21.00 -35.57
CA THR C 155 -35.31 -21.45 -35.21
C THR C 155 -35.69 -22.69 -36.04
N LYS C 156 -36.89 -23.21 -35.83
CA LYS C 156 -37.34 -24.42 -36.52
C LYS C 156 -37.39 -24.26 -38.04
N SER C 157 -37.26 -25.38 -38.75
CA SER C 157 -37.47 -25.44 -40.18
C SER C 157 -38.50 -26.53 -40.46
N GLY C 158 -39.63 -26.14 -41.04
CA GLY C 158 -40.79 -27.03 -41.17
C GLY C 158 -41.48 -27.15 -39.83
N ASN C 159 -41.76 -28.38 -39.42
CA ASN C 159 -42.24 -28.67 -38.06
C ASN C 159 -41.18 -29.43 -37.27
N SER C 160 -39.91 -29.07 -37.49
CA SER C 160 -38.80 -29.82 -36.93
C SER C 160 -37.67 -28.91 -36.46
N TYR C 161 -37.16 -29.21 -35.26
CA TYR C 161 -35.92 -28.62 -34.76
C TYR C 161 -35.08 -29.79 -34.23
N PRO C 162 -34.16 -30.31 -35.05
CA PRO C 162 -33.38 -31.48 -34.65
C PRO C 162 -32.29 -31.13 -33.66
N THR C 163 -31.78 -32.13 -32.95
CA THR C 163 -30.69 -31.94 -32.00
C THR C 163 -29.42 -31.55 -32.76
N LEU C 164 -29.14 -30.25 -32.79
CA LEU C 164 -27.96 -29.74 -33.48
C LEU C 164 -26.68 -30.19 -32.79
N ASN C 165 -25.68 -30.54 -33.61
CA ASN C 165 -24.40 -31.00 -33.10
C ASN C 165 -23.30 -30.66 -34.11
N VAL C 166 -22.47 -29.68 -33.77
CA VAL C 166 -21.40 -29.20 -34.65
C VAL C 166 -20.06 -29.19 -33.93
N THR C 167 -18.99 -29.10 -34.71
CA THR C 167 -17.63 -29.12 -34.20
C THR C 167 -16.76 -28.13 -34.98
N MET C 168 -15.77 -27.55 -34.30
CA MET C 168 -14.94 -26.49 -34.88
C MET C 168 -13.55 -26.43 -34.25
N PRO C 169 -12.56 -27.10 -34.85
CA PRO C 169 -11.21 -27.13 -34.27
C PRO C 169 -10.43 -25.81 -34.44
N ASN C 170 -9.52 -25.56 -33.50
CA ASN C 170 -8.58 -24.45 -33.59
C ASN C 170 -7.24 -24.93 -34.13
N ASN C 171 -7.05 -24.77 -35.44
CA ASN C 171 -5.78 -25.11 -36.08
C ASN C 171 -4.91 -23.88 -36.34
N LYS C 172 -5.01 -22.90 -35.44
CA LYS C 172 -4.21 -21.68 -35.50
C LYS C 172 -3.25 -21.67 -34.32
N ASN C 173 -2.49 -20.58 -34.17
CA ASN C 173 -1.55 -20.43 -33.06
C ASN C 173 -1.90 -19.26 -32.14
N PHE C 174 -3.20 -19.14 -31.82
CA PHE C 174 -3.67 -18.12 -30.87
C PHE C 174 -5.06 -18.46 -30.33
N ASP C 175 -5.42 -17.82 -29.22
CA ASP C 175 -6.71 -18.07 -28.55
C ASP C 175 -7.86 -17.45 -29.33
N LYS C 176 -8.86 -18.26 -29.63
CA LYS C 176 -10.10 -17.79 -30.25
C LYS C 176 -11.12 -17.42 -29.16
N LEU C 177 -11.91 -16.39 -29.42
CA LEU C 177 -13.01 -16.01 -28.52
C LEU C 177 -14.33 -16.15 -29.26
N TYR C 178 -15.18 -17.07 -28.78
CA TYR C 178 -16.51 -17.25 -29.34
C TYR C 178 -17.54 -16.54 -28.49
N ILE C 179 -18.46 -15.82 -29.15
CA ILE C 179 -19.55 -15.14 -28.48
C ILE C 179 -20.86 -15.75 -28.95
N TRP C 180 -21.57 -16.42 -28.04
CA TRP C 180 -22.84 -17.07 -28.34
C TRP C 180 -23.84 -16.70 -27.26
N GLY C 181 -25.06 -17.20 -27.38
CA GLY C 181 -26.08 -16.94 -26.38
C GLY C 181 -27.20 -17.96 -26.36
N ILE C 182 -28.28 -17.61 -25.68
CA ILE C 182 -29.44 -18.46 -25.57
C ILE C 182 -30.69 -17.58 -25.43
N HIS C 183 -31.70 -17.86 -26.25
CA HIS C 183 -32.92 -17.05 -26.23
C HIS C 183 -33.84 -17.48 -25.10
N HIS C 184 -34.35 -16.50 -24.37
CA HIS C 184 -35.34 -16.70 -23.32
C HIS C 184 -36.70 -16.19 -23.79
N PRO C 185 -37.63 -17.11 -24.14
CA PRO C 185 -38.95 -16.66 -24.61
C PRO C 185 -39.87 -16.15 -23.49
N SER C 186 -40.92 -15.45 -23.87
CA SER C 186 -41.85 -14.85 -22.92
C SER C 186 -42.92 -15.84 -22.43
N SER C 187 -43.29 -16.79 -23.29
CA SER C 187 -44.34 -17.75 -22.96
C SER C 187 -44.08 -19.12 -23.61
N ASN C 188 -44.90 -20.10 -23.22
CA ASN C 188 -44.79 -21.47 -23.73
C ASN C 188 -45.15 -21.59 -25.21
N GLN C 189 -45.99 -20.68 -25.70
CA GLN C 189 -46.39 -20.67 -27.11
C GLN C 189 -45.20 -20.38 -28.02
N GLU C 190 -44.39 -19.38 -27.63
CA GLU C 190 -43.17 -19.06 -28.38
C GLU C 190 -42.18 -20.22 -28.39
N GLN C 191 -42.06 -20.92 -27.27
CA GLN C 191 -41.16 -22.05 -27.16
C GLN C 191 -41.56 -23.17 -28.13
N THR C 192 -42.82 -23.59 -28.05
CA THR C 192 -43.32 -24.67 -28.91
C THR C 192 -43.58 -24.23 -30.36
N LYS C 193 -43.63 -22.92 -30.60
CA LYS C 193 -43.78 -22.39 -31.95
C LYS C 193 -42.43 -22.25 -32.65
N LEU C 194 -41.50 -21.55 -32.00
CA LEU C 194 -40.19 -21.25 -32.60
C LEU C 194 -39.24 -22.44 -32.59
N TYR C 195 -39.26 -23.22 -31.51
CA TYR C 195 -38.27 -24.29 -31.31
C TYR C 195 -38.86 -25.70 -31.22
N ILE C 196 -40.17 -25.83 -31.43
CA ILE C 196 -40.87 -27.14 -31.37
C ILE C 196 -40.89 -27.74 -29.96
N GLN C 197 -39.72 -28.07 -29.43
CA GLN C 197 -39.60 -28.70 -28.10
C GLN C 197 -40.24 -27.87 -26.99
N GLU C 198 -40.52 -28.52 -25.86
CA GLU C 198 -41.11 -27.86 -24.69
C GLU C 198 -40.07 -27.16 -23.82
N SER C 199 -38.84 -27.69 -23.82
CA SER C 199 -37.74 -27.09 -23.08
C SER C 199 -36.47 -27.09 -23.93
N GLY C 200 -35.66 -26.04 -23.78
CA GLY C 200 -34.42 -25.91 -24.54
C GLY C 200 -33.22 -26.38 -23.74
N ARG C 201 -32.07 -26.44 -24.41
CA ARG C 201 -30.82 -26.89 -23.81
C ARG C 201 -29.67 -26.55 -24.76
N VAL C 202 -28.59 -26.00 -24.21
CA VAL C 202 -27.44 -25.56 -25.00
C VAL C 202 -26.14 -25.93 -24.27
N THR C 203 -25.35 -26.81 -24.88
CA THR C 203 -24.12 -27.31 -24.27
C THR C 203 -22.90 -26.96 -25.11
N VAL C 204 -22.26 -25.84 -24.78
CA VAL C 204 -21.03 -25.40 -25.44
C VAL C 204 -19.84 -25.85 -24.59
N SER C 205 -18.93 -26.61 -25.19
CA SER C 205 -17.87 -27.27 -24.44
C SER C 205 -16.56 -27.39 -25.22
N THR C 206 -15.48 -27.61 -24.47
CA THR C 206 -14.16 -27.88 -25.03
C THR C 206 -13.57 -29.09 -24.31
N LYS C 207 -12.31 -29.44 -24.63
CA LYS C 207 -11.62 -30.53 -23.93
C LYS C 207 -11.25 -30.18 -22.49
N ARG C 208 -11.27 -28.90 -22.15
CA ARG C 208 -10.85 -28.42 -20.83
C ARG C 208 -11.92 -27.66 -20.05
N SER C 209 -13.13 -27.56 -20.59
CA SER C 209 -14.23 -26.85 -19.93
C SER C 209 -15.58 -27.16 -20.56
N GLN C 210 -16.65 -26.73 -19.90
CA GLN C 210 -18.01 -26.92 -20.41
C GLN C 210 -19.02 -25.96 -19.76
N GLN C 211 -19.95 -25.47 -20.57
CA GLN C 211 -21.00 -24.55 -20.13
C GLN C 211 -22.34 -25.01 -20.69
N THR C 212 -23.29 -25.35 -19.80
CA THR C 212 -24.62 -25.75 -20.21
C THR C 212 -25.67 -24.82 -19.59
N ILE C 213 -26.60 -24.34 -20.42
CA ILE C 213 -27.62 -23.39 -19.98
C ILE C 213 -29.01 -23.80 -20.47
N ILE C 214 -29.97 -23.78 -19.55
CA ILE C 214 -31.39 -24.04 -19.85
C ILE C 214 -32.09 -22.69 -20.01
N PRO C 215 -33.09 -22.60 -20.89
CA PRO C 215 -33.86 -21.35 -20.99
C PRO C 215 -34.77 -21.09 -19.79
N ASN C 216 -35.54 -20.01 -19.86
CA ASN C 216 -36.43 -19.57 -18.79
C ASN C 216 -37.67 -18.92 -19.37
N ILE C 217 -38.73 -19.71 -19.54
CA ILE C 217 -39.99 -19.21 -20.08
C ILE C 217 -40.67 -18.30 -19.05
N GLY C 218 -40.58 -16.99 -19.27
CA GLY C 218 -41.17 -16.02 -18.37
C GLY C 218 -41.27 -14.64 -18.99
N SER C 219 -42.27 -13.87 -18.57
CA SER C 219 -42.50 -12.53 -19.09
C SER C 219 -41.56 -11.52 -18.45
N ARG C 220 -40.92 -10.70 -19.28
CA ARG C 220 -40.07 -9.60 -18.82
C ARG C 220 -40.72 -8.26 -19.20
N PRO C 221 -40.21 -7.14 -18.66
CA PRO C 221 -40.69 -5.82 -19.06
C PRO C 221 -40.54 -5.53 -20.55
N TRP C 222 -41.38 -4.62 -21.04
CA TRP C 222 -41.46 -4.28 -22.45
C TRP C 222 -40.27 -3.41 -22.87
N VAL C 223 -39.46 -3.93 -23.79
CA VAL C 223 -38.28 -3.22 -24.29
C VAL C 223 -38.23 -3.30 -25.81
N ARG C 224 -38.48 -2.17 -26.47
CA ARG C 224 -38.47 -2.08 -27.93
C ARG C 224 -39.36 -3.11 -28.61
N GLY C 225 -40.52 -3.38 -28.00
CA GLY C 225 -41.52 -4.28 -28.57
C GLY C 225 -41.59 -5.65 -27.92
N GLN C 226 -40.43 -6.19 -27.53
CA GLN C 226 -40.33 -7.57 -27.06
C GLN C 226 -40.30 -7.69 -25.54
N SER C 227 -40.91 -8.75 -25.04
CA SER C 227 -40.81 -9.13 -23.63
C SER C 227 -39.88 -10.35 -23.45
N GLY C 228 -39.27 -10.80 -24.55
CA GLY C 228 -38.29 -11.87 -24.51
C GLY C 228 -36.90 -11.33 -24.23
N ARG C 229 -35.98 -12.22 -23.87
CA ARG C 229 -34.61 -11.83 -23.56
C ARG C 229 -33.60 -12.78 -24.20
N ILE C 230 -32.35 -12.33 -24.26
CA ILE C 230 -31.24 -13.16 -24.74
C ILE C 230 -30.07 -13.03 -23.77
N SER C 231 -29.53 -14.16 -23.33
CA SER C 231 -28.37 -14.18 -22.44
C SER C 231 -27.12 -14.54 -23.22
N ILE C 232 -26.07 -13.74 -23.06
CA ILE C 232 -24.81 -13.91 -23.78
C ILE C 232 -23.80 -14.68 -22.93
N TYR C 233 -23.05 -15.56 -23.59
CA TYR C 233 -22.00 -16.35 -22.93
C TYR C 233 -20.82 -16.51 -23.88
N TRP C 234 -19.61 -16.33 -23.37
CA TRP C 234 -18.41 -16.44 -24.19
C TRP C 234 -17.64 -17.73 -23.87
N THR C 235 -16.80 -18.14 -24.81
CA THR C 235 -16.00 -19.36 -24.66
C THR C 235 -14.69 -19.21 -25.42
N ILE C 236 -13.57 -19.52 -24.76
CA ILE C 236 -12.24 -19.39 -25.35
C ILE C 236 -11.70 -20.74 -25.77
N VAL C 237 -11.15 -20.81 -26.98
CA VAL C 237 -10.58 -22.04 -27.54
C VAL C 237 -9.09 -21.84 -27.81
N LYS C 238 -8.26 -22.63 -27.13
CA LYS C 238 -6.81 -22.50 -27.23
C LYS C 238 -6.26 -23.24 -28.46
N PRO C 239 -4.99 -23.00 -28.82
CA PRO C 239 -4.37 -23.72 -29.94
C PRO C 239 -4.37 -25.24 -29.74
N GLY C 240 -4.81 -25.96 -30.77
CA GLY C 240 -4.90 -27.43 -30.70
C GLY C 240 -6.13 -27.97 -30.00
N ASP C 241 -6.95 -27.06 -29.46
CA ASP C 241 -8.18 -27.43 -28.77
C ASP C 241 -9.31 -27.52 -29.80
N ILE C 242 -10.52 -27.80 -29.35
CA ILE C 242 -11.66 -27.94 -30.25
C ILE C 242 -12.96 -27.55 -29.56
N LEU C 243 -13.81 -26.81 -30.28
CA LEU C 243 -15.11 -26.38 -29.77
C LEU C 243 -16.20 -27.35 -30.22
N MET C 244 -17.24 -27.49 -29.40
CA MET C 244 -18.41 -28.29 -29.74
C MET C 244 -19.66 -27.64 -29.19
N ILE C 245 -20.72 -27.63 -29.99
CA ILE C 245 -21.98 -26.98 -29.64
C ILE C 245 -23.15 -27.95 -29.85
N ASN C 246 -23.63 -28.54 -28.77
CA ASN C 246 -24.83 -29.39 -28.82
C ASN C 246 -26.03 -28.62 -28.29
N SER C 247 -27.16 -28.75 -28.97
CA SER C 247 -28.38 -28.06 -28.60
C SER C 247 -29.61 -28.65 -29.27
N ASN C 248 -30.74 -28.61 -28.55
CA ASN C 248 -32.03 -28.99 -29.13
C ASN C 248 -33.06 -27.87 -28.99
N GLY C 249 -32.59 -26.64 -28.78
CA GLY C 249 -33.49 -25.50 -28.67
C GLY C 249 -32.84 -24.25 -28.10
N ASN C 250 -33.32 -23.09 -28.56
CA ASN C 250 -32.98 -21.77 -28.01
C ASN C 250 -31.54 -21.29 -28.25
N LEU C 251 -30.84 -21.90 -29.21
CA LEU C 251 -29.45 -21.54 -29.48
C LEU C 251 -29.37 -20.25 -30.29
N VAL C 252 -28.71 -19.24 -29.73
CA VAL C 252 -28.32 -18.04 -30.47
C VAL C 252 -26.87 -18.27 -30.89
N ALA C 253 -26.70 -18.91 -32.05
CA ALA C 253 -25.40 -19.41 -32.47
C ALA C 253 -24.42 -18.30 -32.85
N PRO C 254 -23.11 -18.60 -32.76
CA PRO C 254 -22.08 -17.68 -33.24
C PRO C 254 -21.83 -17.86 -34.74
N ARG C 255 -21.39 -16.80 -35.40
CA ARG C 255 -21.04 -16.85 -36.82
C ARG C 255 -19.54 -17.09 -37.02
N GLY C 256 -18.74 -16.82 -35.99
CA GLY C 256 -17.29 -16.97 -36.06
C GLY C 256 -16.62 -16.71 -34.73
N TYR C 257 -15.41 -16.16 -34.77
CA TYR C 257 -14.61 -15.91 -33.56
C TYR C 257 -13.93 -14.55 -33.60
N PHE C 258 -13.59 -14.06 -32.41
CA PHE C 258 -12.75 -12.87 -32.25
C PHE C 258 -11.34 -13.30 -31.89
N LYS C 259 -10.34 -12.66 -32.48
CA LYS C 259 -8.95 -12.94 -32.14
C LYS C 259 -8.59 -12.24 -30.82
N LEU C 260 -8.09 -13.02 -29.87
CA LEU C 260 -7.59 -12.48 -28.61
C LEU C 260 -6.07 -12.46 -28.60
N LYS C 261 -5.51 -11.40 -28.04
CA LYS C 261 -4.07 -11.25 -27.90
C LYS C 261 -3.76 -10.43 -26.66
N THR C 262 -2.63 -10.71 -26.02
CA THR C 262 -2.21 -9.95 -24.85
C THR C 262 -1.78 -8.54 -25.27
N GLY C 263 -2.77 -7.66 -25.40
CA GLY C 263 -2.51 -6.26 -25.72
C GLY C 263 -2.28 -5.46 -24.47
N LYS C 264 -1.95 -4.18 -24.64
CA LYS C 264 -1.76 -3.27 -23.53
C LYS C 264 -2.81 -2.15 -23.60
N SER C 265 -4.01 -2.53 -24.04
CA SER C 265 -5.10 -1.58 -24.26
C SER C 265 -6.04 -1.56 -23.07
N SER C 266 -6.99 -0.62 -23.09
CA SER C 266 -7.95 -0.47 -22.01
C SER C 266 -9.21 0.27 -22.46
N VAL C 267 -10.14 0.47 -21.54
CA VAL C 267 -11.38 1.20 -21.80
C VAL C 267 -11.56 2.29 -20.73
N MET C 268 -12.17 3.41 -21.10
CA MET C 268 -12.35 4.53 -20.19
C MET C 268 -13.68 5.23 -20.41
N ARG C 269 -14.30 5.66 -19.31
CA ARG C 269 -15.55 6.44 -19.37
C ARG C 269 -15.21 7.93 -19.33
N SER C 270 -15.76 8.69 -20.27
CA SER C 270 -15.49 10.12 -20.36
C SER C 270 -16.54 10.83 -21.22
N ASP C 271 -16.72 12.12 -20.97
CA ASP C 271 -17.67 12.96 -21.70
C ASP C 271 -17.02 14.29 -22.12
N VAL C 272 -15.79 14.22 -22.62
CA VAL C 272 -15.08 15.40 -23.11
C VAL C 272 -14.71 15.24 -24.59
N PRO C 273 -14.50 16.35 -25.31
CA PRO C 273 -14.09 16.28 -26.71
C PRO C 273 -12.77 15.54 -26.95
N ILE C 274 -12.56 15.12 -28.19
CA ILE C 274 -11.33 14.47 -28.61
C ILE C 274 -10.79 15.20 -29.84
N ASP C 275 -9.52 15.60 -29.79
CA ASP C 275 -8.91 16.33 -30.90
C ASP C 275 -7.38 16.24 -30.84
N ILE C 276 -6.72 16.72 -31.89
CA ILE C 276 -5.25 16.64 -32.00
C ILE C 276 -4.51 17.56 -31.04
N CYS C 277 -3.62 16.98 -30.24
CA CYS C 277 -2.74 17.72 -29.33
C CYS C 277 -1.62 16.79 -28.81
N VAL C 278 -0.64 17.36 -28.11
CA VAL C 278 0.53 16.61 -27.63
C VAL C 278 0.45 16.35 -26.13
N SER C 279 0.23 15.09 -25.76
CA SER C 279 0.22 14.66 -24.36
C SER C 279 0.30 13.14 -24.25
N GLU C 280 0.94 12.65 -23.19
CA GLU C 280 1.14 11.21 -22.99
C GLU C 280 0.45 10.65 -21.72
N CYS C 281 -0.48 11.43 -21.15
CA CYS C 281 -1.34 10.93 -20.08
C CYS C 281 -2.79 11.30 -20.37
N ILE C 282 -3.71 10.40 -20.03
CA ILE C 282 -5.12 10.56 -20.34
C ILE C 282 -5.99 10.23 -19.13
N THR C 283 -6.93 11.12 -18.83
CA THR C 283 -7.89 10.94 -17.74
C THR C 283 -9.32 11.20 -18.28
N PRO C 284 -10.34 10.94 -17.45
CA PRO C 284 -11.71 11.32 -17.83
C PRO C 284 -11.90 12.82 -18.04
N ASN C 285 -11.20 13.64 -17.25
CA ASN C 285 -11.24 15.10 -17.42
C ASN C 285 -10.60 15.57 -18.73
N GLY C 286 -9.65 14.79 -19.23
CA GLY C 286 -8.95 15.08 -20.48
C GLY C 286 -7.49 14.70 -20.34
N SER C 287 -6.69 15.06 -21.32
CA SER C 287 -5.25 14.82 -21.27
C SER C 287 -4.60 15.80 -20.29
N ILE C 288 -3.62 15.32 -19.53
CA ILE C 288 -2.91 16.15 -18.56
C ILE C 288 -1.41 16.09 -18.80
N SER C 289 -0.72 17.17 -18.43
CA SER C 289 0.71 17.29 -18.62
C SER C 289 1.44 16.45 -17.56
N ASN C 290 2.35 15.59 -18.02
CA ASN C 290 3.08 14.68 -17.12
C ASN C 290 4.48 15.19 -16.74
N GLU C 291 4.63 16.51 -16.64
CA GLU C 291 5.91 17.11 -16.29
C GLU C 291 6.17 17.00 -14.80
N LYS C 292 5.10 17.06 -14.01
CA LYS C 292 5.18 16.99 -12.56
C LYS C 292 5.01 15.53 -12.07
N PRO C 293 5.52 15.22 -10.87
CA PRO C 293 5.45 13.86 -10.34
C PRO C 293 4.07 13.41 -9.84
N PHE C 294 3.23 14.36 -9.42
CA PHE C 294 1.90 14.06 -8.87
C PHE C 294 0.79 14.76 -9.65
N GLN C 295 -0.45 14.45 -9.28
CA GLN C 295 -1.62 15.09 -9.90
C GLN C 295 -2.86 14.93 -9.02
N ASN C 296 -3.76 15.91 -9.08
CA ASN C 296 -5.02 15.87 -8.34
C ASN C 296 -6.21 16.13 -9.27
N VAL C 297 -6.19 15.46 -10.42
CA VAL C 297 -7.24 15.62 -11.43
C VAL C 297 -8.24 14.47 -11.30
N ASN C 298 -7.75 13.25 -11.44
CA ASN C 298 -8.59 12.06 -11.36
C ASN C 298 -7.76 10.81 -11.11
N LYS C 299 -8.25 9.93 -10.23
CA LYS C 299 -7.59 8.67 -9.94
C LYS C 299 -7.61 7.69 -11.13
N VAL C 300 -8.59 7.86 -12.02
CA VAL C 300 -8.66 7.08 -13.25
C VAL C 300 -7.70 7.68 -14.28
N THR C 301 -6.69 6.91 -14.69
CA THR C 301 -5.67 7.40 -15.63
C THR C 301 -5.24 6.32 -16.62
N TYR C 302 -4.51 6.74 -17.64
CA TYR C 302 -3.95 5.83 -18.65
C TYR C 302 -2.78 6.50 -19.39
N GLY C 303 -1.63 5.83 -19.39
CA GLY C 303 -0.42 6.34 -20.06
C GLY C 303 0.69 6.63 -19.07
N LYS C 304 1.64 7.49 -19.46
CA LYS C 304 2.70 7.94 -18.56
C LYS C 304 2.16 9.01 -17.64
N CYS C 305 1.43 8.58 -16.61
CA CYS C 305 0.65 9.48 -15.77
C CYS C 305 1.27 9.70 -14.39
N PRO C 306 1.22 10.95 -13.90
CA PRO C 306 1.61 11.22 -12.51
C PRO C 306 0.69 10.52 -11.51
N LYS C 307 1.20 10.28 -10.30
CA LYS C 307 0.47 9.55 -9.27
C LYS C 307 -0.60 10.41 -8.64
N TYR C 308 -1.82 9.87 -8.49
CA TYR C 308 -2.91 10.60 -7.87
C TYR C 308 -2.75 10.65 -6.35
N ILE C 309 -2.95 11.83 -5.78
CA ILE C 309 -2.89 12.03 -4.34
C ILE C 309 -4.06 12.91 -3.89
N ARG C 310 -4.26 12.99 -2.57
CA ARG C 310 -5.35 13.80 -2.02
C ARG C 310 -5.07 15.31 -2.14
N GLN C 311 -3.80 15.70 -2.06
CA GLN C 311 -3.43 17.11 -1.98
C GLN C 311 -3.52 17.79 -3.35
N ASN C 312 -3.89 19.06 -3.33
CA ASN C 312 -4.00 19.88 -4.56
C ASN C 312 -2.78 20.79 -4.77
N THR C 313 -1.82 20.74 -3.85
CA THR C 313 -0.61 21.56 -3.96
C THR C 313 0.50 21.07 -3.04
N LEU C 314 1.72 20.94 -3.61
CA LEU C 314 2.92 20.60 -2.85
C LEU C 314 4.11 21.38 -3.41
N LYS C 315 4.54 22.39 -2.66
CA LYS C 315 5.56 23.33 -3.13
C LYS C 315 6.96 22.87 -2.71
N LEU C 316 7.79 22.56 -3.71
CA LEU C 316 9.19 22.21 -3.47
C LEU C 316 10.05 23.45 -3.56
N ALA C 317 10.97 23.61 -2.61
CA ALA C 317 11.90 24.72 -2.61
C ALA C 317 13.04 24.44 -3.61
N THR C 318 13.34 25.43 -4.45
CA THR C 318 14.46 25.34 -5.38
C THR C 318 15.41 26.52 -5.16
N GLY C 319 15.60 26.88 -3.89
CA GLY C 319 16.44 28.01 -3.52
C GLY C 319 16.54 28.20 -2.01
N MET C 320 17.47 29.04 -1.59
CA MET C 320 17.71 29.30 -0.17
C MET C 320 16.56 30.05 0.49
N ARG C 321 16.65 30.21 1.81
CA ARG C 321 15.69 31.00 2.58
C ARG C 321 15.77 32.48 2.15
N ASN C 322 14.62 33.12 2.07
CA ASN C 322 14.54 34.51 1.64
C ASN C 322 14.54 35.45 2.85
N VAL C 323 15.50 36.37 2.87
CA VAL C 323 15.62 37.36 3.93
C VAL C 323 15.77 38.75 3.30
N PRO C 324 14.64 39.41 2.99
CA PRO C 324 14.67 40.73 2.34
C PRO C 324 15.32 41.82 3.19
N GLU C 325 15.72 42.91 2.55
CA GLU C 325 16.36 44.02 3.25
C GLU C 325 15.32 44.87 4.00
N LYS C 326 15.80 45.64 4.96
CA LYS C 326 14.93 46.52 5.76
C LYS C 326 14.55 47.77 4.98
N GLY D 1 17.90 28.31 9.97
CA GLY D 1 19.16 27.56 9.70
C GLY D 1 19.77 26.95 10.94
N ILE D 2 20.27 25.71 10.84
CA ILE D 2 20.91 25.02 11.95
C ILE D 2 22.36 25.47 12.16
N PHE D 3 23.01 25.93 11.10
CA PHE D 3 24.35 26.49 11.20
C PHE D 3 24.28 27.93 11.68
N GLY D 4 23.12 28.56 11.51
CA GLY D 4 22.86 29.89 12.02
C GLY D 4 23.55 30.98 11.22
N ALA D 5 23.62 30.80 9.91
CA ALA D 5 24.23 31.78 9.01
C ALA D 5 23.15 32.61 8.33
N ILE D 6 22.28 31.94 7.58
CA ILE D 6 21.18 32.60 6.89
C ILE D 6 20.06 32.85 7.89
N ALA D 7 19.65 34.12 8.01
CA ALA D 7 18.74 34.56 9.07
C ALA D 7 19.34 34.29 10.45
N GLY D 8 20.65 34.44 10.55
CA GLY D 8 21.39 34.21 11.80
C GLY D 8 22.31 35.39 12.08
N PHE D 9 23.62 35.16 12.05
CA PHE D 9 24.57 36.25 12.29
C PHE D 9 24.64 37.22 11.10
N ILE D 10 24.54 36.70 9.88
CA ILE D 10 24.33 37.56 8.72
C ILE D 10 22.90 38.11 8.81
N GLU D 11 22.80 39.42 9.00
CA GLU D 11 21.51 40.07 9.28
C GLU D 11 20.47 39.83 8.19
N ASN D 12 20.81 40.19 6.95
CA ASN D 12 19.90 40.05 5.82
C ASN D 12 20.60 39.67 4.52
N GLY D 13 19.79 39.30 3.52
CA GLY D 13 20.28 38.99 2.18
C GLY D 13 20.29 40.24 1.29
N TRP D 14 21.11 40.19 0.24
CA TRP D 14 21.24 41.32 -0.68
C TRP D 14 20.36 41.14 -1.91
N GLU D 15 19.52 42.14 -2.18
CA GLU D 15 18.72 42.17 -3.40
C GLU D 15 19.56 42.66 -4.58
N GLY D 16 20.51 43.56 -4.30
CA GLY D 16 21.36 44.15 -5.33
C GLY D 16 22.23 43.17 -6.09
N MET D 17 22.62 42.07 -5.43
CA MET D 17 23.42 41.02 -6.07
C MET D 17 22.55 40.18 -7.00
N VAL D 18 23.04 39.96 -8.22
CA VAL D 18 22.27 39.22 -9.24
C VAL D 18 23.00 37.99 -9.80
N ASP D 19 24.31 38.10 -10.06
CA ASP D 19 25.07 37.03 -10.70
C ASP D 19 25.70 36.05 -9.70
N GLY D 20 24.88 35.50 -8.81
CA GLY D 20 25.36 34.57 -7.78
C GLY D 20 24.38 34.40 -6.63
N TRP D 21 24.54 33.29 -5.92
CA TRP D 21 23.73 32.99 -4.73
C TRP D 21 24.42 33.50 -3.47
N TYR D 22 25.75 33.35 -3.44
CA TYR D 22 26.57 33.90 -2.36
C TYR D 22 27.63 34.84 -2.96
N GLY D 23 28.18 35.73 -2.15
CA GLY D 23 29.17 36.68 -2.63
C GLY D 23 29.77 37.59 -1.58
N PHE D 24 30.56 38.55 -2.05
CA PHE D 24 31.29 39.48 -1.17
C PHE D 24 30.89 40.92 -1.43
N ARG D 25 30.92 41.73 -0.37
CA ARG D 25 30.88 43.18 -0.47
C ARG D 25 32.02 43.74 0.35
N TYR D 26 32.59 44.87 -0.07
CA TYR D 26 33.78 45.40 0.59
C TYR D 26 33.98 46.90 0.41
N GLN D 27 34.83 47.45 1.26
CA GLN D 27 35.27 48.85 1.17
C GLN D 27 36.75 48.94 1.52
N ASN D 28 37.47 49.84 0.85
CA ASN D 28 38.90 49.98 1.04
C ASN D 28 39.40 51.35 0.57
N SER D 29 40.72 51.51 0.46
CA SER D 29 41.33 52.74 -0.05
C SER D 29 40.77 53.19 -1.41
N GLU D 30 40.39 52.22 -2.25
CA GLU D 30 39.84 52.50 -3.57
C GLU D 30 38.31 52.41 -3.62
N GLY D 31 37.65 52.93 -2.58
CA GLY D 31 36.18 52.93 -2.52
C GLY D 31 35.57 51.56 -2.29
N THR D 32 34.28 51.44 -2.60
CA THR D 32 33.52 50.21 -2.34
C THR D 32 33.49 49.30 -3.57
N GLY D 33 32.96 48.09 -3.39
CA GLY D 33 32.84 47.13 -4.47
C GLY D 33 32.01 45.90 -4.10
N GLN D 34 31.70 45.07 -5.09
CA GLN D 34 30.95 43.84 -4.90
C GLN D 34 31.46 42.73 -5.82
N ALA D 35 31.29 41.49 -5.39
CA ALA D 35 31.67 40.32 -6.19
C ALA D 35 30.78 39.12 -5.85
N ALA D 36 30.92 38.05 -6.63
CA ALA D 36 30.15 36.82 -6.41
C ALA D 36 31.07 35.60 -6.44
N ASP D 37 30.72 34.59 -5.65
CA ASP D 37 31.52 33.37 -5.54
C ASP D 37 30.84 32.25 -6.32
N LEU D 38 31.44 31.85 -7.44
CA LEU D 38 30.88 30.82 -8.32
C LEU D 38 30.99 29.41 -7.74
N LYS D 39 32.13 29.11 -7.14
CA LYS D 39 32.39 27.77 -6.59
C LYS D 39 31.34 27.35 -5.57
N SER D 40 31.02 28.23 -4.62
CA SER D 40 30.01 27.95 -3.60
C SER D 40 28.59 27.95 -4.16
N THR D 41 28.34 28.83 -5.13
CA THR D 41 27.03 28.91 -5.80
C THR D 41 26.71 27.63 -6.56
N GLN D 42 27.70 27.11 -7.29
CA GLN D 42 27.51 25.92 -8.12
C GLN D 42 27.19 24.68 -7.28
N THR D 43 27.82 24.58 -6.11
CA THR D 43 27.57 23.45 -5.20
C THR D 43 26.11 23.44 -4.73
N ALA D 44 25.55 24.62 -4.50
CA ALA D 44 24.15 24.76 -4.13
C ALA D 44 23.21 24.34 -5.28
N ILE D 45 23.53 24.78 -6.49
CA ILE D 45 22.70 24.49 -7.67
C ILE D 45 22.76 23.01 -8.05
N ASP D 46 23.96 22.42 -7.98
CA ASP D 46 24.14 21.01 -8.33
C ASP D 46 23.32 20.07 -7.46
N GLN D 47 23.31 20.34 -6.15
CA GLN D 47 22.53 19.52 -5.21
C GLN D 47 21.03 19.71 -5.40
N ILE D 48 20.61 20.95 -5.62
CA ILE D 48 19.19 21.28 -5.73
C ILE D 48 18.59 20.88 -7.07
N ASN D 49 19.27 21.24 -8.17
CA ASN D 49 18.74 21.00 -9.52
C ASN D 49 18.32 19.55 -9.74
N GLU D 50 17.02 19.34 -9.90
CA GLU D 50 16.45 18.02 -10.17
C GLU D 50 16.84 17.00 -9.10
N LYS D 51 16.42 17.27 -7.86
CA LYS D 51 16.78 16.41 -6.72
C LYS D 51 15.74 15.32 -6.42
N LEU D 52 14.61 15.34 -7.14
CA LEU D 52 13.59 14.29 -7.01
C LEU D 52 13.92 13.06 -7.85
N ASN D 53 14.76 13.22 -8.86
CA ASN D 53 15.17 12.11 -9.74
C ASN D 53 16.08 11.09 -9.06
N ARG D 54 16.54 11.40 -7.86
CA ARG D 54 17.30 10.46 -7.03
C ARG D 54 16.39 9.74 -6.04
N VAL D 55 15.08 9.98 -6.13
CA VAL D 55 14.10 9.37 -5.23
C VAL D 55 12.92 8.83 -6.03
N ILE D 56 12.19 9.71 -6.72
CA ILE D 56 11.10 9.31 -7.59
C ILE D 56 11.62 9.13 -9.01
N GLU D 57 11.38 7.96 -9.59
CA GLU D 57 11.85 7.62 -10.93
C GLU D 57 11.14 8.42 -12.02
N ARG D 58 11.60 8.23 -13.26
CA ARG D 58 10.93 8.81 -14.43
C ARG D 58 9.58 8.13 -14.62
N THR D 59 8.52 8.94 -14.70
CA THR D 59 7.14 8.45 -14.74
C THR D 59 6.93 7.35 -15.78
N ASN D 60 6.59 6.15 -15.32
CA ASN D 60 6.44 4.98 -16.18
C ASN D 60 5.02 4.80 -16.71
N GLU D 61 4.86 3.90 -17.67
CA GLU D 61 3.57 3.63 -18.30
C GLU D 61 2.68 2.77 -17.41
N LYS D 62 1.38 3.07 -17.42
CA LYS D 62 0.38 2.26 -16.72
C LYS D 62 -0.85 2.12 -17.61
N PHE D 63 -1.21 0.87 -17.92
CA PHE D 63 -2.28 0.58 -18.87
C PHE D 63 -3.55 0.15 -18.13
N HIS D 64 -4.20 -0.94 -18.54
CA HIS D 64 -5.45 -1.38 -17.94
C HIS D 64 -5.23 -1.84 -16.49
N GLN D 65 -6.04 -1.30 -15.58
CA GLN D 65 -5.93 -1.60 -14.15
C GLN D 65 -7.25 -2.21 -13.64
N ILE D 66 -7.99 -1.48 -12.82
CA ILE D 66 -9.29 -1.94 -12.31
C ILE D 66 -10.28 -0.79 -12.28
N GLU D 67 -11.55 -1.12 -12.04
CA GLU D 67 -12.61 -0.12 -11.95
C GLU D 67 -12.48 0.67 -10.65
N LYS D 68 -12.57 2.00 -10.74
CA LYS D 68 -12.49 2.87 -9.57
C LYS D 68 -13.80 3.63 -9.28
N GLU D 69 -14.68 3.71 -10.28
CA GLU D 69 -15.99 4.34 -10.12
C GLU D 69 -17.06 3.32 -10.51
N PHE D 70 -18.21 3.36 -9.82
CA PHE D 70 -19.27 2.38 -10.01
C PHE D 70 -20.65 3.01 -9.99
N SER D 71 -21.44 2.75 -11.04
CA SER D 71 -22.81 3.22 -11.12
C SER D 71 -23.74 2.33 -10.31
N GLU D 72 -23.58 1.02 -10.45
CA GLU D 72 -24.40 0.04 -9.72
C GLU D 72 -23.93 -0.15 -8.27
N VAL D 73 -24.73 -0.88 -7.50
CA VAL D 73 -24.40 -1.25 -6.13
C VAL D 73 -24.30 -2.78 -6.07
N GLU D 74 -23.11 -3.29 -5.76
CA GLU D 74 -22.81 -4.71 -5.94
C GLU D 74 -22.46 -5.47 -4.66
N GLY D 75 -21.85 -4.81 -3.69
CA GLY D 75 -21.64 -5.38 -2.36
C GLY D 75 -20.18 -5.69 -2.02
N ARG D 76 -19.85 -6.97 -1.91
CA ARG D 76 -18.57 -7.41 -1.37
C ARG D 76 -17.39 -7.08 -2.29
N ILE D 77 -17.44 -7.58 -3.51
CA ILE D 77 -16.35 -7.37 -4.48
C ILE D 77 -16.07 -5.89 -4.76
N GLN D 78 -17.13 -5.09 -4.85
CA GLN D 78 -17.00 -3.65 -5.09
C GLN D 78 -16.32 -2.94 -3.92
N ASP D 79 -16.71 -3.30 -2.70
CA ASP D 79 -16.11 -2.73 -1.48
C ASP D 79 -14.60 -2.97 -1.42
N LEU D 80 -14.16 -4.14 -1.87
CA LEU D 80 -12.74 -4.45 -1.92
C LEU D 80 -12.01 -3.59 -2.95
N GLU D 81 -12.60 -3.46 -4.14
CA GLU D 81 -12.03 -2.65 -5.23
C GLU D 81 -11.87 -1.18 -4.83
N LYS D 82 -12.86 -0.66 -4.10
CA LYS D 82 -12.79 0.70 -3.58
C LYS D 82 -11.77 0.83 -2.46
N TYR D 83 -11.73 -0.18 -1.59
CA TYR D 83 -10.79 -0.20 -0.46
C TYR D 83 -9.34 -0.29 -0.93
N VAL D 84 -9.10 -1.13 -1.95
CA VAL D 84 -7.76 -1.29 -2.52
C VAL D 84 -7.20 0.04 -3.02
N GLU D 85 -8.03 0.80 -3.74
CA GLU D 85 -7.61 2.09 -4.29
C GLU D 85 -7.51 3.17 -3.21
N ASP D 86 -8.46 3.18 -2.28
CA ASP D 86 -8.45 4.13 -1.17
C ASP D 86 -7.17 3.97 -0.34
N THR D 87 -6.72 2.73 -0.19
CA THR D 87 -5.48 2.42 0.53
C THR D 87 -4.26 2.91 -0.24
N LYS D 88 -4.28 2.73 -1.57
CA LYS D 88 -3.19 3.20 -2.42
C LYS D 88 -3.03 4.71 -2.35
N ILE D 89 -4.15 5.43 -2.45
CA ILE D 89 -4.12 6.89 -2.49
C ILE D 89 -3.55 7.49 -1.21
N ASP D 90 -3.96 6.97 -0.06
CA ASP D 90 -3.50 7.46 1.24
C ASP D 90 -1.99 7.25 1.44
N LEU D 91 -1.52 6.05 1.11
CA LEU D 91 -0.11 5.71 1.27
C LEU D 91 0.81 6.55 0.37
N TRP D 92 0.36 6.85 -0.84
CA TRP D 92 1.09 7.74 -1.74
C TRP D 92 0.99 9.20 -1.30
N SER D 93 -0.21 9.60 -0.90
CA SER D 93 -0.45 10.96 -0.38
C SER D 93 0.43 11.27 0.81
N TYR D 94 0.68 10.27 1.66
CA TYR D 94 1.59 10.41 2.79
C TYR D 94 3.03 10.56 2.30
N ASN D 95 3.47 9.63 1.45
CA ASN D 95 4.82 9.64 0.90
C ASN D 95 5.17 10.94 0.18
N ALA D 96 4.19 11.51 -0.51
CA ALA D 96 4.35 12.80 -1.18
C ALA D 96 4.52 13.93 -0.16
N GLU D 97 3.64 13.98 0.83
CA GLU D 97 3.71 14.97 1.90
C GLU D 97 5.02 14.87 2.67
N LEU D 98 5.46 13.63 2.92
CA LEU D 98 6.71 13.35 3.62
C LEU D 98 7.91 13.82 2.80
N LEU D 99 8.00 13.32 1.57
CA LEU D 99 9.15 13.63 0.69
C LEU D 99 9.41 15.12 0.58
N VAL D 100 8.36 15.89 0.31
CA VAL D 100 8.50 17.32 0.04
C VAL D 100 9.05 18.06 1.26
N ALA D 101 8.57 17.70 2.45
CA ALA D 101 9.06 18.30 3.69
C ALA D 101 10.52 17.96 3.94
N LEU D 102 10.89 16.69 3.72
CA LEU D 102 12.29 16.24 3.86
C LEU D 102 13.19 16.94 2.85
N GLU D 103 12.76 16.95 1.59
CA GLU D 103 13.52 17.59 0.52
C GLU D 103 13.71 19.08 0.80
N ASN D 104 12.65 19.74 1.24
CA ASN D 104 12.72 21.16 1.61
C ASN D 104 13.63 21.39 2.81
N GLN D 105 13.47 20.55 3.85
CA GLN D 105 14.33 20.63 5.04
C GLN D 105 15.80 20.52 4.67
N HIS D 106 16.11 19.63 3.73
CA HIS D 106 17.47 19.44 3.25
C HIS D 106 17.97 20.65 2.44
N THR D 107 17.11 21.19 1.58
CA THR D 107 17.46 22.33 0.73
C THR D 107 17.73 23.60 1.53
N ILE D 108 17.03 23.77 2.65
CA ILE D 108 17.28 24.89 3.56
C ILE D 108 18.63 24.72 4.26
N ASP D 109 18.92 23.49 4.67
CA ASP D 109 20.14 23.19 5.44
C ASP D 109 21.42 23.22 4.60
N LEU D 110 21.37 22.69 3.38
CA LEU D 110 22.54 22.66 2.50
C LEU D 110 22.96 24.07 2.08
N THR D 111 21.99 24.95 1.89
CA THR D 111 22.25 26.35 1.57
C THR D 111 22.76 27.12 2.78
N ASP D 112 22.24 26.77 3.96
CA ASP D 112 22.70 27.35 5.22
C ASP D 112 24.14 26.91 5.53
N ALA D 113 24.48 25.70 5.13
CA ALA D 113 25.84 25.17 5.29
C ALA D 113 26.83 25.88 4.38
N GLU D 114 26.48 26.04 3.11
CA GLU D 114 27.34 26.70 2.12
C GLU D 114 27.73 28.12 2.53
N MET D 115 26.80 28.84 3.16
CA MET D 115 27.06 30.19 3.65
C MET D 115 28.08 30.16 4.79
N ASN D 116 27.90 29.22 5.71
CA ASN D 116 28.80 29.05 6.83
C ASN D 116 30.21 28.68 6.41
N LYS D 117 30.32 27.75 5.44
CA LYS D 117 31.62 27.29 4.95
C LYS D 117 32.40 28.41 4.27
N LEU D 118 31.70 29.20 3.45
CA LEU D 118 32.30 30.35 2.76
C LEU D 118 32.88 31.36 3.75
N PHE D 119 32.23 31.50 4.89
CA PHE D 119 32.69 32.39 5.96
C PHE D 119 33.92 31.82 6.67
N GLU D 120 33.93 30.50 6.88
CA GLU D 120 35.06 29.83 7.52
C GLU D 120 36.28 29.80 6.60
N LYS D 121 36.05 29.53 5.32
CA LYS D 121 37.11 29.55 4.30
C LYS D 121 37.87 30.87 4.33
N THR D 122 37.14 31.98 4.38
CA THR D 122 37.73 33.32 4.41
C THR D 122 38.45 33.59 5.72
N ARG D 123 37.86 33.14 6.82
CA ARG D 123 38.45 33.30 8.15
C ARG D 123 39.81 32.61 8.26
N ARG D 124 39.89 31.39 7.75
CA ARG D 124 41.14 30.63 7.75
C ARG D 124 42.21 31.30 6.89
N GLN D 125 41.81 31.88 5.76
CA GLN D 125 42.74 32.57 4.86
C GLN D 125 43.38 33.80 5.52
N LEU D 126 42.56 34.60 6.20
CA LEU D 126 43.04 35.83 6.84
C LEU D 126 43.92 35.55 8.06
N ARG D 127 43.79 34.35 8.63
CA ARG D 127 44.64 33.89 9.74
C ARG D 127 44.45 34.79 10.97
N GLU D 128 45.39 35.71 11.23
CA GLU D 128 45.29 36.64 12.36
C GLU D 128 45.52 38.08 11.90
N ASN D 129 45.21 38.35 10.64
CA ASN D 129 45.31 39.70 10.08
C ASN D 129 43.97 40.44 10.11
N ALA D 130 42.90 39.71 10.42
CA ALA D 130 41.55 40.27 10.44
C ALA D 130 40.76 39.76 11.64
N GLU D 131 39.53 40.23 11.78
CA GLU D 131 38.68 39.88 12.92
C GLU D 131 37.20 39.95 12.56
N ASP D 132 36.41 39.06 13.16
CA ASP D 132 34.97 39.02 12.94
C ASP D 132 34.28 40.21 13.61
N MET D 133 33.74 41.11 12.79
CA MET D 133 32.99 42.27 13.30
C MET D 133 31.56 41.90 13.69
N GLY D 134 31.09 40.74 13.25
CA GLY D 134 29.68 40.36 13.41
C GLY D 134 28.92 40.82 12.19
N GLY D 135 27.88 40.07 11.83
CA GLY D 135 27.17 40.31 10.58
C GLY D 135 27.91 39.70 9.40
N GLY D 136 28.78 38.73 9.68
CA GLY D 136 29.59 38.10 8.65
C GLY D 136 30.60 39.01 7.98
N CYS D 137 31.02 40.06 8.70
CA CYS D 137 31.98 41.03 8.17
C CYS D 137 33.33 40.89 8.85
N PHE D 138 34.39 41.08 8.07
CA PHE D 138 35.77 41.02 8.57
C PHE D 138 36.40 42.41 8.54
N LYS D 139 37.05 42.78 9.64
CA LYS D 139 37.86 44.00 9.67
C LYS D 139 39.31 43.64 9.38
N ILE D 140 39.80 44.06 8.22
CA ILE D 140 41.19 43.81 7.83
C ILE D 140 42.05 44.97 8.30
N TYR D 141 43.07 44.68 9.10
CA TYR D 141 43.88 45.72 9.76
C TYR D 141 45.14 46.12 8.97
N HIS D 142 45.07 46.03 7.64
CA HIS D 142 46.18 46.46 6.78
C HIS D 142 45.63 47.01 5.46
N LYS D 143 46.49 47.73 4.74
CA LYS D 143 46.10 48.32 3.46
C LYS D 143 45.79 47.23 2.44
N CYS D 144 44.53 47.16 2.04
CA CYS D 144 44.03 46.10 1.17
C CYS D 144 43.27 46.67 -0.02
N ASP D 145 43.98 46.93 -1.11
CA ASP D 145 43.37 47.43 -2.35
C ASP D 145 42.55 46.34 -3.06
N ASN D 146 41.94 46.70 -4.18
CA ASN D 146 41.11 45.76 -4.95
C ASN D 146 41.90 44.54 -5.47
N ALA D 147 43.18 44.72 -5.74
CA ALA D 147 44.05 43.62 -6.16
C ALA D 147 44.32 42.64 -5.01
N CYS D 148 44.38 43.17 -3.78
CA CYS D 148 44.54 42.34 -2.58
C CYS D 148 43.24 41.62 -2.22
N ILE D 149 42.10 42.27 -2.48
CA ILE D 149 40.80 41.63 -2.28
C ILE D 149 40.61 40.44 -3.21
N GLY D 150 40.95 40.62 -4.49
CA GLY D 150 40.87 39.54 -5.47
C GLY D 150 41.58 38.28 -5.05
N SER D 151 42.73 38.44 -4.38
CA SER D 151 43.51 37.30 -3.89
C SER D 151 42.80 36.53 -2.79
N ILE D 152 41.98 37.24 -2.00
CA ILE D 152 41.15 36.61 -0.98
C ILE D 152 40.03 35.81 -1.63
N ARG D 153 39.43 36.38 -2.69
CA ARG D 153 38.31 35.75 -3.38
C ARG D 153 38.69 34.43 -4.06
N ASN D 154 39.74 34.44 -4.88
CA ASN D 154 40.16 33.22 -5.59
C ASN D 154 41.11 32.30 -4.80
N GLY D 155 41.38 32.66 -3.53
CA GLY D 155 42.08 31.77 -2.61
C GLY D 155 43.59 31.79 -2.74
N THR D 156 44.16 32.98 -2.87
CA THR D 156 45.62 33.14 -2.99
C THR D 156 46.16 34.21 -2.04
N TYR D 157 45.42 34.48 -0.96
CA TYR D 157 45.83 35.49 0.03
C TYR D 157 46.92 34.92 0.94
N ASP D 158 48.09 35.57 0.94
CA ASP D 158 49.22 35.16 1.78
C ASP D 158 49.35 36.10 2.98
N HIS D 159 48.85 35.65 4.13
CA HIS D 159 48.82 36.46 5.36
C HIS D 159 50.20 36.91 5.86
N TYR D 160 51.24 36.12 5.56
CA TYR D 160 52.60 36.42 6.02
C TYR D 160 53.16 37.74 5.48
N ILE D 161 52.64 38.19 4.32
CA ILE D 161 53.06 39.46 3.74
C ILE D 161 52.58 40.64 4.58
N TYR D 162 51.38 40.51 5.15
CA TYR D 162 50.78 41.57 5.97
C TYR D 162 50.70 41.22 7.45
N ARG D 163 51.52 40.26 7.89
CA ARG D 163 51.55 39.84 9.29
C ARG D 163 51.92 41.00 10.21
N ASP D 164 53.08 41.61 9.95
CA ASP D 164 53.61 42.67 10.80
C ASP D 164 52.77 43.95 10.77
N GLU D 165 52.15 44.25 9.64
CA GLU D 165 51.29 45.42 9.51
C GLU D 165 50.03 45.26 10.36
N ALA D 166 49.38 44.11 10.20
CA ALA D 166 48.13 43.81 10.91
C ALA D 166 48.35 43.79 12.42
N LEU D 167 49.23 42.91 12.88
CA LEU D 167 49.48 42.74 14.32
C LEU D 167 49.94 44.02 15.05
N ASN D 168 50.44 45.00 14.30
CA ASN D 168 50.76 46.31 14.88
C ASN D 168 49.48 47.12 15.16
N ASN D 169 48.63 47.24 14.14
CA ASN D 169 47.36 47.96 14.28
C ASN D 169 46.40 47.23 15.22
N ARG D 170 46.44 45.90 15.19
CA ARG D 170 45.63 45.04 16.05
C ARG D 170 45.76 45.41 17.53
N PHE D 171 46.98 45.32 18.05
CA PHE D 171 47.25 45.47 19.49
C PHE D 171 48.26 46.58 19.76
N SER E 1 44.21 28.65 38.22
CA SER E 1 44.48 30.10 38.48
C SER E 1 45.64 30.33 39.49
N GLN E 2 45.56 29.88 40.74
CA GLN E 2 44.37 29.24 41.34
C GLN E 2 43.53 30.24 42.13
N ASN E 3 44.20 31.16 42.84
CA ASN E 3 43.56 32.19 43.67
C ASN E 3 42.19 31.82 44.24
N PRO E 4 42.15 31.28 45.47
CA PRO E 4 40.90 30.76 46.05
C PRO E 4 39.72 31.74 46.04
N ILE E 5 40.00 33.03 46.14
CA ILE E 5 39.00 34.07 45.95
C ILE E 5 39.23 34.72 44.59
N SER E 6 38.25 34.59 43.69
CA SER E 6 38.36 35.12 42.34
C SER E 6 38.48 36.64 42.32
N ASN E 7 39.05 37.16 41.24
CA ASN E 7 39.41 38.57 41.13
C ASN E 7 38.21 39.46 40.80
N ASN E 8 38.25 40.70 41.29
CA ASN E 8 37.24 41.71 40.99
C ASN E 8 37.25 42.12 39.52
N ASN E 9 38.45 42.33 38.97
CA ASN E 9 38.63 42.83 37.61
C ASN E 9 38.61 41.78 36.49
N THR E 10 38.08 40.58 36.79
CA THR E 10 37.76 39.59 35.75
C THR E 10 36.43 38.93 36.07
N ALA E 11 35.89 38.20 35.09
CA ALA E 11 34.60 37.53 35.24
C ALA E 11 34.56 36.21 34.49
N THR E 12 33.58 35.39 34.85
CA THR E 12 33.37 34.10 34.20
C THR E 12 31.95 34.04 33.66
N LEU E 13 31.77 33.46 32.47
CA LEU E 13 30.48 33.39 31.82
C LEU E 13 30.31 32.04 31.14
N CYS E 14 29.55 31.16 31.77
CA CYS E 14 29.35 29.80 31.27
C CYS E 14 28.00 29.64 30.57
N LEU E 15 28.00 28.79 29.56
CA LEU E 15 26.79 28.46 28.82
C LEU E 15 26.47 26.99 29.00
N GLY E 16 25.20 26.64 28.84
CA GLY E 16 24.77 25.27 28.98
C GLY E 16 23.28 25.08 28.72
N HIS E 17 22.86 23.83 28.76
CA HIS E 17 21.45 23.50 28.56
C HIS E 17 20.88 22.89 29.83
N HIS E 18 19.55 22.83 29.90
CA HIS E 18 18.87 22.30 31.07
C HIS E 18 18.85 20.78 31.09
N ALA E 19 18.33 20.19 32.16
CA ALA E 19 18.24 18.73 32.29
C ALA E 19 17.23 18.33 33.37
N VAL E 20 16.91 17.03 33.37
CA VAL E 20 16.02 16.44 34.38
C VAL E 20 16.73 15.27 35.06
N ALA E 21 16.14 14.76 36.14
CA ALA E 21 16.71 13.63 36.86
C ALA E 21 16.40 12.33 36.13
N ASN E 22 15.11 12.07 35.91
CA ASN E 22 14.65 10.84 35.28
C ASN E 22 14.22 11.06 33.82
N GLY E 23 15.12 10.74 32.89
CA GLY E 23 14.83 10.87 31.46
C GLY E 23 14.09 9.67 30.91
N THR E 24 14.20 9.47 29.60
CA THR E 24 13.52 8.36 28.92
C THR E 24 14.18 8.06 27.57
N LEU E 25 14.14 6.78 27.20
CA LEU E 25 14.87 6.29 26.01
C LEU E 25 14.04 6.37 24.74
N VAL E 26 14.65 6.92 23.68
CA VAL E 26 14.05 6.96 22.34
C VAL E 26 15.00 6.32 21.33
N LYS E 27 14.52 6.08 20.12
CA LYS E 27 15.33 5.51 19.05
C LYS E 27 15.50 6.53 17.93
N THR E 28 16.74 6.62 17.41
CA THR E 28 17.06 7.53 16.32
C THR E 28 17.67 6.73 15.15
N ILE E 29 18.11 7.45 14.12
CA ILE E 29 18.82 6.83 12.99
C ILE E 29 20.24 6.45 13.40
N SER E 30 20.81 7.20 14.35
CA SER E 30 22.19 7.00 14.80
C SER E 30 22.30 5.97 15.92
N ASP E 31 21.45 6.10 16.94
CA ASP E 31 21.56 5.28 18.15
C ASP E 31 20.41 4.30 18.32
N ASP E 32 20.70 3.19 18.98
CA ASP E 32 19.68 2.21 19.34
C ASP E 32 18.82 2.80 20.45
N GLN E 33 19.47 3.21 21.52
CA GLN E 33 18.83 3.88 22.65
C GLN E 33 19.57 5.17 22.96
N ILE E 34 18.83 6.17 23.43
CA ILE E 34 19.39 7.48 23.75
C ILE E 34 18.43 8.25 24.65
N GLU E 35 18.94 8.71 25.79
CA GLU E 35 18.10 9.32 26.83
C GLU E 35 17.76 10.77 26.48
N VAL E 36 16.46 11.11 26.55
CA VAL E 36 16.00 12.47 26.30
C VAL E 36 15.24 13.01 27.52
N THR E 37 14.99 14.31 27.52
CA THR E 37 14.35 14.99 28.65
C THR E 37 12.89 14.59 28.81
N ASN E 38 12.12 14.66 27.72
CA ASN E 38 10.75 14.16 27.71
C ASN E 38 10.38 13.57 26.36
N ALA E 39 9.64 12.46 26.39
CA ALA E 39 9.15 11.79 25.18
C ALA E 39 7.65 11.54 25.31
N THR E 40 7.02 11.14 24.21
CA THR E 40 5.57 10.92 24.19
C THR E 40 5.19 9.69 23.36
N GLU E 41 4.14 9.01 23.79
CA GLU E 41 3.67 7.78 23.15
C GLU E 41 2.76 8.10 21.96
N LEU E 42 3.03 7.49 20.81
CA LEU E 42 2.23 7.69 19.61
C LEU E 42 1.25 6.55 19.33
N VAL E 43 1.45 5.40 19.97
CA VAL E 43 0.61 4.22 19.76
C VAL E 43 -0.39 4.06 20.90
N GLN E 44 -1.67 4.22 20.59
CA GLN E 44 -2.75 3.98 21.55
C GLN E 44 -2.92 2.48 21.79
N SER E 45 -2.48 2.01 22.95
CA SER E 45 -2.55 0.60 23.33
C SER E 45 -3.77 0.28 24.19
N ILE E 46 -4.28 1.29 24.90
CA ILE E 46 -5.38 1.09 25.86
C ILE E 46 -6.71 1.50 25.26
N SER E 47 -7.68 0.59 25.29
CA SER E 47 -9.05 0.88 24.90
C SER E 47 -9.83 1.40 26.10
N MET E 48 -10.99 2.03 25.83
CA MET E 48 -11.87 2.52 26.89
C MET E 48 -12.71 1.40 27.50
N GLY E 49 -12.81 0.26 26.78
CA GLY E 49 -13.54 -0.90 27.27
C GLY E 49 -15.05 -0.82 27.11
N LYS E 50 -15.51 0.16 26.34
CA LYS E 50 -16.94 0.36 26.10
C LYS E 50 -17.15 1.29 24.91
N ILE E 51 -18.34 1.24 24.32
CA ILE E 51 -18.66 2.02 23.13
C ILE E 51 -19.38 3.31 23.51
N CYS E 52 -18.86 4.44 23.02
CA CYS E 52 -19.47 5.75 23.28
C CYS E 52 -20.54 6.05 22.24
N ASN E 53 -21.72 6.45 22.71
CA ASN E 53 -22.90 6.63 21.86
C ASN E 53 -23.29 8.09 21.59
N ASN E 54 -22.62 9.03 22.23
CA ASN E 54 -22.96 10.45 22.10
C ASN E 54 -22.36 11.14 20.87
N SER E 55 -21.30 10.56 20.30
CA SER E 55 -20.70 11.09 19.08
C SER E 55 -21.49 10.63 17.85
N TYR E 56 -21.41 9.34 17.54
CA TYR E 56 -22.15 8.76 16.41
C TYR E 56 -23.39 8.04 16.93
N ARG E 57 -24.44 8.02 16.11
CA ARG E 57 -25.69 7.35 16.46
C ARG E 57 -25.54 5.83 16.39
N ILE E 58 -25.33 5.20 17.55
CA ILE E 58 -25.09 3.76 17.63
C ILE E 58 -26.42 3.03 17.78
N LEU E 59 -26.47 1.78 17.29
CA LEU E 59 -27.65 0.93 17.43
C LEU E 59 -27.24 -0.49 17.77
N ASP E 60 -27.73 -0.98 18.90
CA ASP E 60 -27.39 -2.32 19.39
C ASP E 60 -28.33 -3.37 18.81
N GLY E 61 -27.75 -4.36 18.12
CA GLY E 61 -28.53 -5.44 17.50
C GLY E 61 -29.11 -6.44 18.48
N ARG E 62 -28.54 -6.50 19.68
CA ARG E 62 -28.99 -7.41 20.74
C ARG E 62 -28.85 -8.88 20.28
N ASN E 63 -29.95 -9.64 20.27
CA ASN E 63 -29.92 -11.02 19.75
C ASN E 63 -30.52 -11.12 18.34
N CYS E 64 -30.41 -10.04 17.57
CA CYS E 64 -30.81 -10.01 16.17
C CYS E 64 -29.64 -9.52 15.33
N THR E 65 -29.43 -10.17 14.19
CA THR E 65 -28.48 -9.69 13.20
C THR E 65 -29.14 -8.60 12.36
N LEU E 66 -28.35 -7.89 11.57
CA LEU E 66 -28.88 -6.86 10.67
C LEU E 66 -29.84 -7.45 9.64
N ILE E 67 -29.56 -8.68 9.21
CA ILE E 67 -30.39 -9.38 8.22
C ILE E 67 -31.71 -9.87 8.84
N ASP E 68 -31.64 -10.42 10.05
CA ASP E 68 -32.85 -10.85 10.77
C ASP E 68 -33.79 -9.67 11.03
N ALA E 69 -33.21 -8.55 11.47
CA ALA E 69 -33.97 -7.32 11.70
C ALA E 69 -34.59 -6.79 10.40
N MET E 70 -33.84 -6.90 9.31
CA MET E 70 -34.33 -6.49 7.99
C MET E 70 -35.44 -7.41 7.51
N LEU E 71 -35.16 -8.71 7.46
CA LEU E 71 -36.13 -9.71 7.02
C LEU E 71 -37.48 -9.57 7.72
N GLY E 72 -37.44 -9.35 9.03
CA GLY E 72 -38.65 -9.14 9.83
C GLY E 72 -38.97 -10.31 10.75
N ASP E 73 -37.97 -10.74 11.51
CA ASP E 73 -38.11 -11.86 12.44
C ASP E 73 -39.00 -11.42 13.60
N PRO E 74 -39.94 -12.30 14.04
CA PRO E 74 -40.86 -12.01 15.15
C PRO E 74 -40.24 -11.33 16.37
N HIS E 75 -39.07 -11.80 16.80
CA HIS E 75 -38.38 -11.23 17.98
C HIS E 75 -37.48 -10.04 17.63
N CYS E 76 -37.56 -9.55 16.40
CA CYS E 76 -36.81 -8.37 15.95
C CYS E 76 -37.74 -7.30 15.36
N ASP E 77 -39.01 -7.31 15.76
CA ASP E 77 -39.99 -6.33 15.28
C ASP E 77 -39.82 -4.94 15.91
N VAL E 78 -39.06 -4.87 17.01
CA VAL E 78 -38.72 -3.60 17.64
C VAL E 78 -37.81 -2.75 16.75
N PHE E 79 -37.07 -3.39 15.85
CA PHE E 79 -36.11 -2.71 14.96
C PHE E 79 -36.73 -2.03 13.73
N GLN E 80 -38.04 -2.13 13.55
CA GLN E 80 -38.70 -1.52 12.39
C GLN E 80 -38.44 -0.02 12.28
N TYR E 81 -38.18 0.44 11.05
CA TYR E 81 -37.98 1.86 10.74
C TYR E 81 -36.84 2.50 11.52
N GLU E 82 -35.72 1.79 11.63
CA GLU E 82 -34.55 2.28 12.36
C GLU E 82 -33.45 2.76 11.42
N ASN E 83 -32.74 3.80 11.83
CA ASN E 83 -31.57 4.30 11.11
C ASN E 83 -30.40 4.47 12.08
N TRP E 84 -29.18 4.34 11.57
CA TRP E 84 -28.00 4.30 12.42
C TRP E 84 -26.74 4.78 11.69
N ASP E 85 -25.68 4.98 12.47
CA ASP E 85 -24.34 5.19 11.94
C ASP E 85 -23.52 3.90 12.06
N LEU E 86 -23.63 3.22 13.21
CA LEU E 86 -22.95 1.95 13.42
C LEU E 86 -23.87 0.93 14.07
N PHE E 87 -24.19 -0.13 13.32
CA PHE E 87 -24.95 -1.26 13.85
C PHE E 87 -23.99 -2.22 14.54
N ILE E 88 -24.45 -2.84 15.63
CA ILE E 88 -23.63 -3.73 16.43
C ILE E 88 -24.21 -5.14 16.47
N GLU E 89 -23.41 -6.12 16.04
CA GLU E 89 -23.82 -7.52 16.08
C GLU E 89 -23.18 -8.23 17.28
N ARG E 90 -23.99 -8.95 18.04
CA ARG E 90 -23.51 -9.73 19.19
C ARG E 90 -23.32 -11.18 18.78
N SER E 91 -22.38 -11.85 19.45
CA SER E 91 -22.02 -13.23 19.13
C SER E 91 -23.12 -14.24 19.44
N SER E 92 -23.97 -13.91 20.42
CA SER E 92 -25.04 -14.80 20.87
C SER E 92 -26.35 -14.68 20.07
N ALA E 93 -26.37 -13.85 19.03
CA ALA E 93 -27.57 -13.68 18.20
C ALA E 93 -27.92 -14.95 17.44
N PHE E 94 -29.19 -15.04 17.02
CA PHE E 94 -29.71 -16.25 16.36
C PHE E 94 -30.98 -15.95 15.56
N SER E 95 -31.48 -16.97 14.87
CA SER E 95 -32.75 -16.89 14.14
C SER E 95 -33.75 -17.88 14.72
N ASN E 96 -34.98 -17.42 14.92
CA ASN E 96 -36.06 -18.26 15.46
C ASN E 96 -37.28 -18.24 14.54
N CYS E 97 -37.03 -18.16 13.23
CA CYS E 97 -38.08 -18.16 12.21
C CYS E 97 -37.90 -19.38 11.32
N TYR E 98 -38.38 -19.30 10.07
CA TYR E 98 -38.20 -20.41 9.12
C TYR E 98 -36.73 -20.45 8.69
N PRO E 99 -36.11 -21.66 8.68
CA PRO E 99 -34.68 -21.76 8.34
C PRO E 99 -34.40 -21.30 6.92
N TYR E 100 -33.30 -20.57 6.74
CA TYR E 100 -32.99 -19.94 5.46
C TYR E 100 -31.48 -19.85 5.22
N ASP E 101 -31.13 -19.60 3.96
CA ASP E 101 -29.77 -19.22 3.58
C ASP E 101 -29.84 -18.14 2.52
N ILE E 102 -28.85 -17.25 2.51
CA ILE E 102 -28.78 -16.18 1.53
C ILE E 102 -27.48 -16.32 0.74
N PRO E 103 -27.56 -16.79 -0.52
CA PRO E 103 -26.38 -16.78 -1.36
C PRO E 103 -25.78 -15.36 -1.45
N ASP E 104 -24.53 -15.24 -1.03
CA ASP E 104 -23.85 -13.95 -0.93
C ASP E 104 -24.50 -13.10 0.18
N TYR E 105 -24.59 -13.70 1.36
CA TYR E 105 -25.08 -13.05 2.57
C TYR E 105 -24.25 -11.82 2.94
N ALA E 106 -22.95 -11.90 2.67
CA ALA E 106 -22.00 -10.83 3.00
C ALA E 106 -22.25 -9.56 2.18
N SER E 107 -22.53 -9.74 0.90
CA SER E 107 -22.80 -8.59 0.01
C SER E 107 -24.09 -7.88 0.40
N LEU E 108 -25.11 -8.66 0.78
CA LEU E 108 -26.38 -8.10 1.23
C LEU E 108 -26.21 -7.37 2.57
N ARG E 109 -25.44 -7.97 3.47
CA ARG E 109 -25.13 -7.36 4.76
C ARG E 109 -24.36 -6.04 4.59
N SER E 110 -23.49 -5.99 3.59
CA SER E 110 -22.71 -4.78 3.29
C SER E 110 -23.56 -3.64 2.75
N ILE E 111 -24.49 -3.96 1.85
CA ILE E 111 -25.35 -2.96 1.20
C ILE E 111 -26.34 -2.32 2.18
N VAL E 112 -26.90 -3.14 3.08
CA VAL E 112 -27.88 -2.65 4.05
C VAL E 112 -27.19 -1.79 5.14
N ALA E 113 -26.06 -2.28 5.65
CA ALA E 113 -25.31 -1.57 6.67
C ALA E 113 -24.79 -0.22 6.18
N SER E 114 -24.31 -0.18 4.94
CA SER E 114 -23.74 1.03 4.36
C SER E 114 -24.79 2.12 4.16
N SER E 115 -25.96 1.74 3.63
CA SER E 115 -27.09 2.65 3.49
C SER E 115 -27.44 3.26 4.85
N GLY E 116 -27.48 2.41 5.86
CA GLY E 116 -27.64 2.85 7.25
C GLY E 116 -29.08 3.11 7.65
N THR E 117 -30.01 2.31 7.12
CA THR E 117 -31.43 2.47 7.46
C THR E 117 -32.27 1.25 7.04
N LEU E 118 -33.30 0.96 7.84
CA LEU E 118 -34.31 -0.04 7.51
C LEU E 118 -35.66 0.65 7.30
N GLU E 119 -35.67 1.66 6.43
CA GLU E 119 -36.87 2.42 6.12
C GLU E 119 -37.70 1.66 5.08
N PHE E 120 -38.72 0.95 5.56
CA PHE E 120 -39.57 0.11 4.70
C PHE E 120 -40.82 0.87 4.25
N THR E 121 -41.25 0.59 3.03
CA THR E 121 -42.49 1.15 2.49
C THR E 121 -43.27 0.05 1.76
N ALA E 122 -44.47 -0.27 2.26
CA ALA E 122 -45.31 -1.29 1.66
C ALA E 122 -45.84 -0.82 0.31
N GLU E 123 -46.16 -1.77 -0.57
CA GLU E 123 -46.70 -1.48 -1.89
C GLU E 123 -47.86 -2.42 -2.25
N GLY E 124 -48.69 -1.98 -3.18
CA GLY E 124 -49.89 -2.69 -3.57
C GLY E 124 -49.66 -3.71 -4.67
N PHE E 125 -49.02 -4.83 -4.33
CA PHE E 125 -48.82 -5.92 -5.27
C PHE E 125 -50.11 -6.71 -5.44
N THR E 126 -50.69 -6.64 -6.64
CA THR E 126 -51.96 -7.30 -6.94
C THR E 126 -51.72 -8.75 -7.34
N TRP E 127 -51.95 -9.67 -6.40
CA TRP E 127 -51.75 -11.09 -6.62
C TRP E 127 -53.06 -11.76 -7.02
N THR E 128 -53.06 -12.46 -8.16
CA THR E 128 -54.26 -13.03 -8.74
C THR E 128 -54.24 -14.56 -8.75
N GLY E 129 -55.18 -15.15 -8.01
CA GLY E 129 -55.37 -16.60 -8.00
C GLY E 129 -54.53 -17.36 -7.01
N VAL E 130 -54.21 -16.73 -5.88
CA VAL E 130 -53.34 -17.32 -4.86
C VAL E 130 -53.66 -16.81 -3.45
N THR E 131 -53.40 -17.65 -2.45
CA THR E 131 -53.64 -17.32 -1.04
C THR E 131 -52.43 -16.58 -0.46
N GLN E 132 -52.65 -15.39 0.07
CA GLN E 132 -51.60 -14.60 0.70
C GLN E 132 -51.43 -14.99 2.17
N ASN E 133 -50.38 -14.47 2.79
CA ASN E 133 -50.10 -14.66 4.22
C ASN E 133 -50.00 -16.13 4.64
N GLY E 134 -48.90 -16.78 4.25
CA GLY E 134 -48.59 -18.13 4.69
C GLY E 134 -47.93 -18.10 6.06
N ARG E 135 -48.28 -19.05 6.91
CA ARG E 135 -47.81 -19.09 8.30
C ARG E 135 -47.09 -20.40 8.59
N SER E 136 -46.29 -20.41 9.65
CA SER E 136 -45.49 -21.58 10.01
C SER E 136 -45.21 -21.64 11.52
N GLY E 137 -45.17 -22.86 12.06
CA GLY E 137 -44.88 -23.09 13.47
C GLY E 137 -43.43 -22.84 13.86
N ALA E 138 -42.53 -22.86 12.87
CA ALA E 138 -41.12 -22.55 13.10
C ALA E 138 -40.90 -21.06 13.37
N CYS E 139 -41.84 -20.22 12.93
CA CYS E 139 -41.76 -18.78 13.09
C CYS E 139 -42.96 -18.25 13.87
N LYS E 140 -42.80 -18.16 15.19
CA LYS E 140 -43.89 -17.76 16.09
C LYS E 140 -43.82 -16.27 16.44
N ARG E 141 -44.94 -15.58 16.22
CA ARG E 141 -45.10 -14.18 16.63
C ARG E 141 -46.34 -14.07 17.50
N GLY E 142 -46.15 -13.78 18.78
CA GLY E 142 -47.26 -13.71 19.73
C GLY E 142 -47.81 -15.09 20.05
N SER E 143 -49.14 -15.23 19.96
CA SER E 143 -49.81 -16.51 20.23
C SER E 143 -50.37 -17.11 18.95
N ALA E 144 -49.53 -17.16 17.90
CA ALA E 144 -49.96 -17.70 16.61
C ALA E 144 -48.77 -17.98 15.70
N ASP E 145 -49.00 -18.82 14.69
CA ASP E 145 -48.00 -19.10 13.66
C ASP E 145 -47.90 -17.90 12.73
N SER E 146 -46.67 -17.51 12.40
CA SER E 146 -46.44 -16.31 11.59
C SER E 146 -45.30 -16.52 10.58
N PHE E 147 -44.83 -15.41 10.01
CA PHE E 147 -43.76 -15.43 9.02
C PHE E 147 -43.00 -14.11 9.08
N PHE E 148 -41.93 -14.00 8.31
CA PHE E 148 -41.19 -12.75 8.20
C PHE E 148 -42.14 -11.63 7.83
N SER E 149 -42.14 -10.55 8.62
CA SER E 149 -43.11 -9.45 8.46
C SER E 149 -42.95 -8.66 7.16
N ARG E 150 -41.77 -8.72 6.55
CA ARG E 150 -41.52 -8.03 5.27
C ARG E 150 -41.62 -8.96 4.05
N LEU E 151 -41.94 -10.23 4.28
CA LEU E 151 -42.10 -11.20 3.20
C LEU E 151 -43.52 -11.78 3.20
N ASN E 152 -43.93 -12.30 2.05
CA ASN E 152 -45.26 -12.84 1.86
C ASN E 152 -45.19 -14.23 1.22
N TRP E 153 -45.53 -15.25 1.99
CA TRP E 153 -45.54 -16.63 1.50
C TRP E 153 -46.83 -16.90 0.73
N LEU E 154 -46.72 -17.00 -0.59
CA LEU E 154 -47.86 -17.28 -1.46
C LEU E 154 -48.08 -18.78 -1.62
N THR E 155 -49.33 -19.21 -1.50
CA THR E 155 -49.70 -20.62 -1.67
C THR E 155 -50.97 -20.75 -2.51
N LYS E 156 -51.31 -21.97 -2.90
CA LYS E 156 -52.42 -22.21 -3.83
C LYS E 156 -53.78 -21.78 -3.25
N SER E 157 -54.67 -21.36 -4.15
CA SER E 157 -56.03 -20.98 -3.79
C SER E 157 -57.02 -21.90 -4.51
N GLY E 158 -57.39 -22.99 -3.82
CA GLY E 158 -58.32 -23.98 -4.37
C GLY E 158 -57.57 -25.18 -4.95
N ASN E 159 -57.73 -25.40 -6.24
CA ASN E 159 -57.09 -26.53 -6.93
C ASN E 159 -56.31 -26.03 -8.14
N SER E 160 -55.66 -24.88 -8.00
CA SER E 160 -54.94 -24.25 -9.10
C SER E 160 -53.97 -23.16 -8.63
N TYR E 161 -52.77 -23.17 -9.19
CA TYR E 161 -51.77 -22.12 -8.95
C TYR E 161 -51.36 -21.58 -10.32
N PRO E 162 -52.01 -20.49 -10.77
CA PRO E 162 -51.76 -19.96 -12.11
C PRO E 162 -50.46 -19.17 -12.19
N THR E 163 -50.03 -18.86 -13.42
CA THR E 163 -48.80 -18.10 -13.65
C THR E 163 -49.00 -16.65 -13.22
N LEU E 164 -48.24 -16.23 -12.20
CA LEU E 164 -48.32 -14.87 -11.69
C LEU E 164 -47.55 -13.90 -12.58
N ASN E 165 -47.98 -12.65 -12.58
CA ASN E 165 -47.34 -11.61 -13.39
C ASN E 165 -47.78 -10.23 -12.90
N VAL E 166 -46.85 -9.46 -12.36
CA VAL E 166 -47.16 -8.15 -11.78
C VAL E 166 -46.15 -7.07 -12.18
N THR E 167 -46.64 -5.84 -12.32
CA THR E 167 -45.79 -4.69 -12.64
C THR E 167 -45.64 -3.79 -11.41
N MET E 168 -44.56 -3.02 -11.38
CA MET E 168 -44.31 -2.08 -10.28
C MET E 168 -43.22 -1.09 -10.68
N PRO E 169 -43.57 -0.04 -11.44
CA PRO E 169 -42.58 0.93 -11.91
C PRO E 169 -42.05 1.85 -10.81
N ASN E 170 -40.74 2.08 -10.82
CA ASN E 170 -40.11 3.02 -9.90
C ASN E 170 -40.16 4.43 -10.45
N ASN E 171 -41.12 5.22 -9.97
CA ASN E 171 -41.27 6.62 -10.39
C ASN E 171 -40.62 7.62 -9.44
N LYS E 172 -39.87 7.12 -8.46
CA LYS E 172 -39.12 7.96 -7.53
C LYS E 172 -37.76 8.34 -8.11
N ASN E 173 -37.00 9.13 -7.36
CA ASN E 173 -35.66 9.57 -7.76
C ASN E 173 -34.52 8.83 -7.04
N PHE E 174 -34.86 7.75 -6.32
CA PHE E 174 -33.88 6.99 -5.55
C PHE E 174 -33.94 5.50 -5.89
N ASP E 175 -32.97 4.74 -5.38
CA ASP E 175 -32.89 3.30 -5.64
C ASP E 175 -33.77 2.51 -4.67
N LYS E 176 -34.66 1.68 -5.22
CA LYS E 176 -35.48 0.77 -4.43
C LYS E 176 -34.77 -0.56 -4.27
N LEU E 177 -34.90 -1.18 -3.09
CA LEU E 177 -34.35 -2.51 -2.83
C LEU E 177 -35.47 -3.46 -2.40
N TYR E 178 -35.80 -4.40 -3.29
CA TYR E 178 -36.82 -5.41 -3.01
C TYR E 178 -36.18 -6.70 -2.52
N ILE E 179 -36.71 -7.25 -1.42
CA ILE E 179 -36.22 -8.50 -0.86
C ILE E 179 -37.26 -9.59 -1.08
N TRP E 180 -36.90 -10.61 -1.86
CA TRP E 180 -37.81 -11.73 -2.18
C TRP E 180 -37.10 -13.07 -1.97
N GLY E 181 -37.86 -14.15 -2.04
CA GLY E 181 -37.31 -15.49 -1.81
C GLY E 181 -38.08 -16.62 -2.47
N ILE E 182 -37.59 -17.84 -2.25
CA ILE E 182 -38.18 -19.06 -2.83
C ILE E 182 -38.10 -20.20 -1.82
N HIS E 183 -39.08 -21.10 -1.86
CA HIS E 183 -39.19 -22.20 -0.90
C HIS E 183 -38.61 -23.50 -1.47
N HIS E 184 -38.06 -24.34 -0.59
CA HIS E 184 -37.51 -25.64 -0.95
C HIS E 184 -38.19 -26.74 -0.12
N PRO E 185 -39.21 -27.41 -0.69
CA PRO E 185 -39.93 -28.47 0.03
C PRO E 185 -39.09 -29.69 0.39
N SER E 186 -39.54 -30.42 1.40
CA SER E 186 -38.85 -31.63 1.87
C SER E 186 -39.13 -32.84 1.00
N SER E 187 -40.31 -32.87 0.37
CA SER E 187 -40.71 -34.01 -0.47
C SER E 187 -41.52 -33.58 -1.68
N ASN E 188 -41.76 -34.53 -2.58
CA ASN E 188 -42.54 -34.29 -3.81
C ASN E 188 -44.00 -34.02 -3.51
N GLN E 189 -44.49 -34.57 -2.39
CA GLN E 189 -45.87 -34.43 -1.98
C GLN E 189 -46.17 -33.02 -1.48
N GLU E 190 -45.22 -32.47 -0.71
CA GLU E 190 -45.33 -31.09 -0.23
C GLU E 190 -45.39 -30.12 -1.41
N GLN E 191 -44.47 -30.27 -2.35
CA GLN E 191 -44.43 -29.44 -3.57
C GLN E 191 -45.76 -29.47 -4.31
N THR E 192 -46.23 -30.67 -4.62
CA THR E 192 -47.44 -30.85 -5.42
C THR E 192 -48.71 -30.39 -4.69
N LYS E 193 -48.78 -30.64 -3.38
CA LYS E 193 -49.95 -30.25 -2.61
C LYS E 193 -49.97 -28.74 -2.28
N LEU E 194 -48.79 -28.13 -2.13
CA LEU E 194 -48.71 -26.72 -1.77
C LEU E 194 -48.94 -25.78 -2.96
N TYR E 195 -48.24 -26.02 -4.06
CA TYR E 195 -48.28 -25.11 -5.21
C TYR E 195 -48.72 -25.77 -6.53
N ILE E 196 -49.43 -26.90 -6.43
CA ILE E 196 -49.95 -27.62 -7.62
C ILE E 196 -48.85 -28.21 -8.51
N GLN E 197 -48.07 -27.35 -9.16
CA GLN E 197 -47.07 -27.78 -10.13
C GLN E 197 -45.97 -28.64 -9.51
N GLU E 198 -45.42 -29.54 -10.33
CA GLU E 198 -44.34 -30.43 -9.91
C GLU E 198 -43.03 -29.66 -9.73
N SER E 199 -42.85 -28.60 -10.52
CA SER E 199 -41.66 -27.76 -10.45
C SER E 199 -42.04 -26.28 -10.49
N GLY E 200 -41.61 -25.53 -9.47
CA GLY E 200 -41.84 -24.10 -9.41
C GLY E 200 -40.77 -23.32 -10.16
N ARG E 201 -40.93 -22.01 -10.20
CA ARG E 201 -40.00 -21.11 -10.88
C ARG E 201 -40.29 -19.67 -10.46
N VAL E 202 -39.23 -18.87 -10.29
CA VAL E 202 -39.38 -17.47 -9.91
C VAL E 202 -38.48 -16.59 -10.77
N THR E 203 -39.05 -15.99 -11.81
CA THR E 203 -38.32 -15.09 -12.70
C THR E 203 -38.58 -13.63 -12.33
N VAL E 204 -37.72 -13.07 -11.47
CA VAL E 204 -37.72 -11.65 -11.18
C VAL E 204 -36.86 -10.98 -12.24
N SER E 205 -37.33 -9.85 -12.77
CA SER E 205 -36.68 -9.21 -13.91
C SER E 205 -37.00 -7.72 -14.03
N THR E 206 -36.03 -6.97 -14.54
CA THR E 206 -36.20 -5.55 -14.83
C THR E 206 -35.91 -5.33 -16.32
N LYS E 207 -35.72 -4.08 -16.73
CA LYS E 207 -35.35 -3.78 -18.12
C LYS E 207 -33.97 -4.32 -18.49
N ARG E 208 -33.08 -4.44 -17.51
CA ARG E 208 -31.70 -4.86 -17.75
C ARG E 208 -31.35 -6.18 -17.08
N SER E 209 -31.70 -6.33 -15.81
CA SER E 209 -31.33 -7.52 -15.03
C SER E 209 -32.44 -8.56 -15.00
N GLN E 210 -32.07 -9.80 -14.73
CA GLN E 210 -33.03 -10.87 -14.49
C GLN E 210 -32.45 -11.96 -13.60
N GLN E 211 -33.32 -12.61 -12.82
CA GLN E 211 -32.94 -13.71 -11.94
C GLN E 211 -34.00 -14.80 -11.98
N THR E 212 -33.59 -16.03 -12.27
CA THR E 212 -34.49 -17.18 -12.27
C THR E 212 -33.90 -18.29 -11.41
N ILE E 213 -34.60 -18.64 -10.34
CA ILE E 213 -34.16 -19.68 -9.42
C ILE E 213 -35.19 -20.81 -9.36
N ILE E 214 -34.71 -22.03 -9.60
CA ILE E 214 -35.56 -23.23 -9.56
C ILE E 214 -35.47 -23.87 -8.17
N PRO E 215 -36.60 -24.35 -7.63
CA PRO E 215 -36.56 -25.09 -6.37
C PRO E 215 -35.83 -26.44 -6.49
N ASN E 216 -35.50 -27.01 -5.33
CA ASN E 216 -34.80 -28.29 -5.27
C ASN E 216 -35.37 -29.13 -4.13
N ILE E 217 -36.27 -30.04 -4.50
CA ILE E 217 -37.04 -30.81 -3.53
C ILE E 217 -36.17 -31.88 -2.88
N GLY E 218 -35.91 -31.75 -1.58
CA GLY E 218 -35.05 -32.68 -0.88
C GLY E 218 -35.00 -32.44 0.62
N SER E 219 -34.48 -33.43 1.34
CA SER E 219 -34.40 -33.39 2.80
C SER E 219 -33.21 -32.57 3.26
N ARG E 220 -33.46 -31.66 4.21
CA ARG E 220 -32.41 -30.93 4.91
C ARG E 220 -32.51 -31.25 6.40
N PRO E 221 -31.47 -30.89 7.18
CA PRO E 221 -31.52 -31.10 8.63
C PRO E 221 -32.79 -30.54 9.29
N TRP E 222 -33.28 -31.27 10.30
CA TRP E 222 -34.43 -30.83 11.08
C TRP E 222 -34.08 -29.57 11.86
N VAL E 223 -34.75 -28.47 11.55
CA VAL E 223 -34.50 -27.18 12.21
C VAL E 223 -35.83 -26.54 12.61
N ARG E 224 -36.15 -26.60 13.90
CA ARG E 224 -37.38 -26.04 14.45
C ARG E 224 -38.63 -26.56 13.74
N GLY E 225 -38.64 -27.86 13.47
CA GLY E 225 -39.81 -28.54 12.89
C GLY E 225 -39.87 -28.57 11.38
N GLN E 226 -38.75 -28.28 10.72
CA GLN E 226 -38.71 -28.20 9.26
C GLN E 226 -37.46 -28.82 8.67
N SER E 227 -37.65 -29.67 7.65
CA SER E 227 -36.56 -30.22 6.85
C SER E 227 -36.53 -29.55 5.47
N GLY E 228 -37.29 -28.47 5.31
CA GLY E 228 -37.25 -27.64 4.11
C GLY E 228 -36.52 -26.33 4.39
N ARG E 229 -36.33 -25.53 3.35
CA ARG E 229 -35.59 -24.28 3.45
C ARG E 229 -36.25 -23.16 2.63
N ILE E 230 -35.75 -21.95 2.80
CA ILE E 230 -36.17 -20.80 2.00
C ILE E 230 -34.96 -19.95 1.63
N SER E 231 -34.60 -19.92 0.35
CA SER E 231 -33.50 -19.09 -0.13
C SER E 231 -33.98 -17.66 -0.36
N ILE E 232 -33.12 -16.69 -0.05
CA ILE E 232 -33.45 -15.26 -0.18
C ILE E 232 -32.56 -14.59 -1.22
N TYR E 233 -33.14 -13.66 -1.97
CA TYR E 233 -32.42 -12.89 -2.99
C TYR E 233 -32.89 -11.43 -2.97
N TRP E 234 -32.28 -10.59 -3.80
CA TRP E 234 -32.66 -9.17 -3.90
C TRP E 234 -32.41 -8.60 -5.28
N THR E 235 -33.15 -7.55 -5.61
CA THR E 235 -32.99 -6.84 -6.88
C THR E 235 -33.16 -5.34 -6.64
N ILE E 236 -32.15 -4.56 -6.98
CA ILE E 236 -32.17 -3.11 -6.78
C ILE E 236 -32.74 -2.42 -8.02
N VAL E 237 -33.98 -1.93 -7.91
CA VAL E 237 -34.65 -1.24 -9.01
C VAL E 237 -34.24 0.22 -9.01
N LYS E 238 -33.72 0.70 -10.13
CA LYS E 238 -33.23 2.07 -10.25
C LYS E 238 -34.34 3.04 -10.66
N PRO E 239 -34.14 4.35 -10.42
CA PRO E 239 -35.11 5.38 -10.80
C PRO E 239 -35.53 5.30 -12.28
N GLY E 240 -36.82 5.13 -12.52
CA GLY E 240 -37.35 4.99 -13.88
C GLY E 240 -37.52 3.56 -14.35
N ASP E 241 -36.73 2.65 -13.77
CA ASP E 241 -36.78 1.22 -14.13
C ASP E 241 -38.06 0.59 -13.54
N ILE E 242 -38.42 -0.57 -14.05
CA ILE E 242 -39.66 -1.25 -13.68
C ILE E 242 -39.38 -2.68 -13.18
N LEU E 243 -40.07 -3.07 -12.11
CA LEU E 243 -39.91 -4.41 -11.52
C LEU E 243 -41.01 -5.34 -12.02
N MET E 244 -40.63 -6.55 -12.40
CA MET E 244 -41.59 -7.58 -12.82
C MET E 244 -41.29 -8.90 -12.14
N ILE E 245 -42.34 -9.57 -11.69
CA ILE E 245 -42.21 -10.83 -10.96
C ILE E 245 -43.11 -11.90 -11.60
N ASN E 246 -42.49 -12.86 -12.27
CA ASN E 246 -43.20 -13.96 -12.89
C ASN E 246 -42.89 -15.27 -12.18
N SER E 247 -43.93 -16.02 -11.81
CA SER E 247 -43.76 -17.27 -11.08
C SER E 247 -45.00 -18.14 -11.15
N ASN E 248 -44.80 -19.45 -11.29
CA ASN E 248 -45.90 -20.42 -11.33
C ASN E 248 -45.89 -21.34 -10.10
N GLY E 249 -45.17 -20.94 -9.06
CA GLY E 249 -45.07 -21.74 -7.84
C GLY E 249 -43.86 -21.39 -6.99
N ASN E 250 -43.98 -21.67 -5.69
CA ASN E 250 -42.88 -21.57 -4.72
C ASN E 250 -42.42 -20.14 -4.40
N LEU E 251 -43.22 -19.14 -4.78
CA LEU E 251 -42.83 -17.74 -4.60
C LEU E 251 -43.09 -17.24 -3.18
N VAL E 252 -42.06 -16.68 -2.57
CA VAL E 252 -42.20 -15.91 -1.33
C VAL E 252 -42.10 -14.43 -1.71
N ALA E 253 -43.26 -13.82 -1.95
CA ALA E 253 -43.32 -12.48 -2.53
C ALA E 253 -42.81 -11.38 -1.60
N PRO E 254 -42.30 -10.27 -2.18
CA PRO E 254 -41.92 -9.08 -1.42
C PRO E 254 -43.12 -8.20 -1.16
N ARG E 255 -43.23 -7.67 0.05
CA ARG E 255 -44.35 -6.79 0.42
C ARG E 255 -44.08 -5.34 0.02
N GLY E 256 -42.81 -4.95 -0.02
CA GLY E 256 -42.45 -3.58 -0.38
C GLY E 256 -40.96 -3.40 -0.62
N TYR E 257 -40.52 -2.14 -0.63
CA TYR E 257 -39.15 -1.79 -0.95
C TYR E 257 -38.46 -1.06 0.20
N PHE E 258 -37.13 -1.10 0.19
CA PHE E 258 -36.30 -0.34 1.13
C PHE E 258 -35.67 0.83 0.40
N LYS E 259 -35.66 2.00 1.06
CA LYS E 259 -35.06 3.20 0.48
C LYS E 259 -33.54 3.18 0.68
N LEU E 260 -32.79 3.04 -0.40
CA LEU E 260 -31.34 3.03 -0.35
C LEU E 260 -30.76 4.44 -0.49
N LYS E 261 -29.70 4.71 0.28
CA LYS E 261 -29.00 5.99 0.25
C LYS E 261 -27.49 5.74 0.16
N THR E 262 -26.76 6.69 -0.39
CA THR E 262 -25.30 6.65 -0.38
C THR E 262 -24.85 7.02 1.03
N GLY E 263 -25.01 6.09 1.96
CA GLY E 263 -24.81 6.35 3.37
C GLY E 263 -23.35 6.34 3.79
N LYS E 264 -23.12 6.77 5.02
CA LYS E 264 -21.79 6.80 5.61
C LYS E 264 -21.80 5.95 6.88
N SER E 265 -22.65 4.90 6.87
CA SER E 265 -22.86 4.03 8.02
C SER E 265 -22.20 2.68 7.79
N SER E 266 -22.23 1.82 8.80
CA SER E 266 -21.63 0.49 8.70
C SER E 266 -22.11 -0.46 9.79
N VAL E 267 -21.51 -1.65 9.85
CA VAL E 267 -21.82 -2.67 10.84
C VAL E 267 -20.53 -3.21 11.47
N MET E 268 -20.63 -3.64 12.73
CA MET E 268 -19.47 -4.14 13.47
C MET E 268 -19.85 -5.28 14.41
N ARG E 269 -18.96 -6.27 14.54
CA ARG E 269 -19.15 -7.37 15.47
C ARG E 269 -18.38 -7.09 16.76
N SER E 270 -19.12 -6.88 17.84
CA SER E 270 -18.51 -6.54 19.14
C SER E 270 -19.40 -7.03 20.29
N ASP E 271 -18.76 -7.44 21.38
CA ASP E 271 -19.48 -7.97 22.55
C ASP E 271 -19.39 -7.08 23.80
N VAL E 272 -18.71 -5.93 23.70
CA VAL E 272 -18.62 -4.99 24.83
C VAL E 272 -19.89 -4.14 24.93
N PRO E 273 -20.29 -3.77 26.17
CA PRO E 273 -21.53 -3.02 26.35
C PRO E 273 -21.42 -1.55 25.94
N ILE E 274 -22.55 -0.96 25.55
CA ILE E 274 -22.62 0.44 25.14
C ILE E 274 -22.96 1.32 26.34
N ASP E 275 -22.32 2.49 26.44
CA ASP E 275 -22.43 3.35 27.62
C ASP E 275 -22.37 4.84 27.23
N ILE E 276 -22.94 5.68 28.10
CA ILE E 276 -22.95 7.14 27.88
C ILE E 276 -21.57 7.79 28.03
N CYS E 277 -20.99 8.17 26.89
CA CYS E 277 -19.70 8.89 26.86
C CYS E 277 -19.48 9.48 25.46
N VAL E 278 -18.40 10.24 25.29
CA VAL E 278 -18.10 10.88 24.01
C VAL E 278 -16.77 10.36 23.44
N SER E 279 -16.84 9.73 22.27
CA SER E 279 -15.64 9.27 21.55
C SER E 279 -15.96 9.06 20.08
N GLU E 280 -15.07 9.56 19.22
CA GLU E 280 -15.28 9.55 17.77
C GLU E 280 -14.69 8.32 17.07
N CYS E 281 -13.95 7.50 17.81
CA CYS E 281 -13.43 6.24 17.26
C CYS E 281 -14.05 5.05 17.98
N ILE E 282 -14.37 4.01 17.22
CA ILE E 282 -15.01 2.80 17.76
C ILE E 282 -14.37 1.56 17.15
N THR E 283 -13.97 0.63 18.03
CA THR E 283 -13.41 -0.65 17.62
C THR E 283 -14.21 -1.78 18.26
N PRO E 284 -13.95 -3.04 17.87
CA PRO E 284 -14.58 -4.18 18.56
C PRO E 284 -14.22 -4.29 20.05
N ASN E 285 -13.11 -3.67 20.46
CA ASN E 285 -12.72 -3.62 21.88
C ASN E 285 -13.25 -2.35 22.57
N GLY E 286 -14.28 -1.73 22.00
CA GLY E 286 -14.84 -0.48 22.53
C GLY E 286 -14.25 0.74 21.84
N SER E 287 -14.64 1.92 22.31
CA SER E 287 -14.11 3.17 21.78
C SER E 287 -12.70 3.41 22.30
N ILE E 288 -11.95 4.25 21.58
CA ILE E 288 -10.57 4.59 21.96
C ILE E 288 -10.32 6.08 21.81
N SER E 289 -9.23 6.55 22.41
CA SER E 289 -8.82 7.95 22.31
C SER E 289 -8.21 8.20 20.93
N ASN E 290 -8.71 9.23 20.25
CA ASN E 290 -8.25 9.56 18.88
C ASN E 290 -7.28 10.74 18.85
N GLU E 291 -6.54 10.95 19.94
CA GLU E 291 -5.52 12.01 19.99
C GLU E 291 -4.18 11.53 19.46
N LYS E 292 -3.85 10.26 19.75
CA LYS E 292 -2.63 9.65 19.23
C LYS E 292 -2.80 9.34 17.74
N PRO E 293 -1.70 9.44 16.96
CA PRO E 293 -1.76 9.19 15.52
C PRO E 293 -1.86 7.72 15.13
N PHE E 294 -1.37 6.83 15.99
CA PHE E 294 -1.44 5.38 15.73
C PHE E 294 -2.15 4.65 16.86
N GLN E 295 -2.41 3.36 16.64
CA GLN E 295 -3.06 2.54 17.65
C GLN E 295 -2.80 1.05 17.40
N ASN E 296 -2.79 0.27 18.48
CA ASN E 296 -2.54 -1.17 18.43
C ASN E 296 -3.68 -1.94 19.08
N VAL E 297 -4.90 -1.42 18.94
CA VAL E 297 -6.08 -2.03 19.57
C VAL E 297 -6.72 -3.02 18.61
N ASN E 298 -7.12 -2.54 17.44
CA ASN E 298 -7.74 -3.40 16.42
C ASN E 298 -7.66 -2.79 15.04
N LYS E 299 -7.43 -3.64 14.04
CA LYS E 299 -7.45 -3.23 12.63
C LYS E 299 -8.85 -2.79 12.18
N VAL E 300 -9.87 -3.44 12.73
CA VAL E 300 -11.26 -3.07 12.47
C VAL E 300 -11.62 -1.85 13.30
N THR E 301 -12.00 -0.75 12.63
CA THR E 301 -12.48 0.45 13.30
C THR E 301 -13.62 1.11 12.53
N TYR E 302 -14.20 2.15 13.12
CA TYR E 302 -15.19 2.98 12.46
C TYR E 302 -15.12 4.40 13.00
N GLY E 303 -15.00 5.38 12.10
CA GLY E 303 -15.01 6.81 12.48
C GLY E 303 -13.65 7.46 12.43
N LYS E 304 -13.51 8.59 13.11
CA LYS E 304 -12.25 9.34 13.16
C LYS E 304 -11.23 8.59 14.01
N CYS E 305 -10.55 7.63 13.40
CA CYS E 305 -9.65 6.75 14.12
C CYS E 305 -8.19 6.92 13.69
N PRO E 306 -7.24 6.52 14.55
CA PRO E 306 -5.85 6.47 14.13
C PRO E 306 -5.56 5.20 13.36
N LYS E 307 -4.45 5.17 12.63
CA LYS E 307 -4.10 4.04 11.77
C LYS E 307 -3.53 2.89 12.59
N TYR E 308 -3.94 1.67 12.26
CA TYR E 308 -3.48 0.48 12.97
C TYR E 308 -2.07 0.11 12.54
N ILE E 309 -1.27 -0.34 13.51
CA ILE E 309 0.10 -0.78 13.26
C ILE E 309 0.44 -1.99 14.13
N ARG E 310 1.49 -2.72 13.74
CA ARG E 310 1.91 -3.92 14.48
C ARG E 310 2.71 -3.58 15.72
N GLN E 311 3.29 -2.38 15.77
CA GLN E 311 4.04 -1.93 16.94
C GLN E 311 3.07 -1.62 18.08
N ASN E 312 3.53 -1.87 19.31
CA ASN E 312 2.74 -1.58 20.50
C ASN E 312 3.22 -0.33 21.25
N THR E 313 4.36 0.24 20.82
CA THR E 313 4.90 1.44 21.45
C THR E 313 5.90 2.16 20.54
N LEU E 314 5.71 3.46 20.35
CA LEU E 314 6.59 4.30 19.56
C LEU E 314 6.80 5.65 20.26
N LYS E 315 7.97 5.82 20.88
CA LYS E 315 8.28 7.03 21.64
C LYS E 315 8.85 8.12 20.75
N LEU E 316 8.13 9.25 20.66
CA LEU E 316 8.60 10.43 19.94
C LEU E 316 9.21 11.40 20.95
N ALA E 317 10.47 11.76 20.75
CA ALA E 317 11.15 12.68 21.63
C ALA E 317 10.52 14.07 21.53
N THR E 318 10.21 14.65 22.69
CA THR E 318 9.65 16.00 22.77
C THR E 318 10.57 16.88 23.60
N GLY E 319 11.87 16.74 23.34
CA GLY E 319 12.89 17.46 24.09
C GLY E 319 14.29 17.01 23.72
N MET E 320 15.29 17.69 24.26
CA MET E 320 16.69 17.43 23.91
C MET E 320 17.23 16.19 24.62
N ARG E 321 18.47 15.83 24.29
CA ARG E 321 19.18 14.73 24.96
C ARG E 321 19.51 15.14 26.39
N ASN E 322 19.22 14.25 27.33
CA ASN E 322 19.43 14.53 28.74
C ASN E 322 20.79 14.03 29.22
N VAL E 323 21.58 14.92 29.80
CA VAL E 323 22.89 14.58 30.37
C VAL E 323 22.90 15.03 31.84
N PRO E 324 22.61 14.10 32.77
CA PRO E 324 22.58 14.44 34.20
C PRO E 324 23.94 14.85 34.77
N GLU E 325 23.92 15.60 35.87
CA GLU E 325 25.14 16.10 36.51
C GLU E 325 25.86 15.00 37.29
N GLY F 1 25.93 14.62 19.84
CA GLY F 1 25.48 15.58 18.80
C GLY F 1 26.40 15.64 17.59
N ILE F 2 25.86 16.09 16.46
CA ILE F 2 26.64 16.25 15.23
C ILE F 2 27.44 17.55 15.23
N PHE F 3 26.92 18.58 15.91
CA PHE F 3 27.68 19.81 16.15
C PHE F 3 28.65 19.62 17.32
N GLY F 4 28.34 18.65 18.18
CA GLY F 4 29.23 18.27 19.28
C GLY F 4 29.17 19.23 20.46
N ALA F 5 28.04 19.90 20.62
CA ALA F 5 27.84 20.82 21.75
C ALA F 5 27.21 20.08 22.92
N ILE F 6 25.99 19.59 22.73
CA ILE F 6 25.29 18.82 23.76
C ILE F 6 25.90 17.42 23.81
N ALA F 7 26.25 16.98 25.02
CA ALA F 7 26.99 15.73 25.24
C ALA F 7 28.34 15.73 24.50
N GLY F 8 29.00 16.89 24.50
CA GLY F 8 30.30 17.06 23.86
C GLY F 8 31.19 17.97 24.69
N PHE F 9 31.51 19.15 24.15
CA PHE F 9 32.32 20.11 24.90
C PHE F 9 31.54 20.76 26.05
N ILE F 10 30.22 20.56 26.07
CA ILE F 10 29.43 20.79 27.28
C ILE F 10 29.36 19.46 28.02
N GLU F 11 30.10 19.34 29.12
CA GLU F 11 30.18 18.08 29.87
C GLU F 11 28.81 17.55 30.27
N ASN F 12 27.94 18.44 30.74
CA ASN F 12 26.58 18.07 31.09
C ASN F 12 25.64 19.27 31.15
N GLY F 13 24.35 18.99 31.20
CA GLY F 13 23.33 20.02 31.35
C GLY F 13 23.11 20.34 32.82
N TRP F 14 22.22 21.29 33.09
CA TRP F 14 21.93 21.74 34.45
C TRP F 14 20.49 21.39 34.84
N GLU F 15 20.34 20.71 35.97
CA GLU F 15 19.01 20.45 36.53
C GLU F 15 18.47 21.68 37.26
N GLY F 16 19.37 22.58 37.67
CA GLY F 16 18.99 23.83 38.32
C GLY F 16 18.18 24.77 37.44
N MET F 17 18.51 24.82 36.15
CA MET F 17 17.81 25.68 35.20
C MET F 17 16.42 25.14 34.89
N VAL F 18 15.39 25.88 35.32
CA VAL F 18 13.99 25.45 35.17
C VAL F 18 13.11 26.39 34.36
N ASP F 19 13.58 27.61 34.10
CA ASP F 19 12.80 28.61 33.37
C ASP F 19 13.32 28.78 31.93
N GLY F 20 13.60 27.65 31.28
CA GLY F 20 14.14 27.67 29.93
C GLY F 20 14.99 26.44 29.62
N TRP F 21 15.41 26.33 28.37
CA TRP F 21 16.18 25.19 27.88
C TRP F 21 17.66 25.53 27.80
N TYR F 22 17.97 26.75 27.38
CA TYR F 22 19.36 27.23 27.29
C TYR F 22 19.48 28.51 28.11
N GLY F 23 20.67 28.77 28.63
CA GLY F 23 20.89 29.96 29.43
C GLY F 23 22.34 30.26 29.76
N PHE F 24 22.52 31.13 30.75
CA PHE F 24 23.85 31.55 31.20
C PHE F 24 23.98 31.32 32.70
N ARG F 25 25.16 30.86 33.12
CA ARG F 25 25.57 30.91 34.52
C ARG F 25 26.85 31.73 34.57
N TYR F 26 26.88 32.75 35.42
CA TYR F 26 28.00 33.68 35.45
C TYR F 26 28.47 33.97 36.87
N GLN F 27 29.70 34.47 36.96
CA GLN F 27 30.32 34.86 38.24
C GLN F 27 31.15 36.11 38.04
N ASN F 28 30.92 37.12 38.88
CA ASN F 28 31.64 38.38 38.79
C ASN F 28 31.78 39.06 40.16
N SER F 29 32.20 40.32 40.16
CA SER F 29 32.39 41.10 41.39
C SER F 29 31.15 41.11 42.29
N GLU F 30 29.98 41.39 41.70
CA GLU F 30 28.74 41.48 42.46
C GLU F 30 28.23 40.12 42.94
N GLY F 31 28.69 39.04 42.31
CA GLY F 31 28.39 37.68 42.76
C GLY F 31 28.12 36.73 41.61
N THR F 32 27.60 35.55 41.95
CA THR F 32 27.17 34.58 40.95
C THR F 32 25.77 34.92 40.45
N GLY F 33 25.29 34.18 39.46
CA GLY F 33 23.95 34.41 38.93
C GLY F 33 23.56 33.44 37.83
N GLN F 34 22.31 33.57 37.37
CA GLN F 34 21.79 32.72 36.31
C GLN F 34 20.68 33.45 35.55
N ALA F 35 20.55 33.13 34.27
CA ALA F 35 19.53 33.73 33.42
C ALA F 35 19.30 32.86 32.18
N ALA F 36 18.05 32.53 31.91
CA ALA F 36 17.71 31.75 30.72
C ALA F 36 17.70 32.62 29.48
N ASP F 37 17.89 31.98 28.32
CA ASP F 37 17.82 32.66 27.04
C ASP F 37 16.52 32.26 26.34
N LEU F 38 15.59 33.21 26.23
CA LEU F 38 14.25 32.92 25.75
C LEU F 38 14.16 32.74 24.23
N LYS F 39 15.07 33.38 23.50
CA LYS F 39 15.04 33.33 22.03
C LYS F 39 15.48 31.96 21.50
N SER F 40 16.57 31.43 22.04
CA SER F 40 17.07 30.11 21.65
C SER F 40 16.19 28.99 22.20
N THR F 41 15.63 29.18 23.40
CA THR F 41 14.71 28.22 23.99
C THR F 41 13.44 28.09 23.15
N GLN F 42 12.87 29.23 22.77
CA GLN F 42 11.61 29.25 22.03
C GLN F 42 11.74 28.69 20.62
N THR F 43 12.85 29.01 19.96
CA THR F 43 13.14 28.48 18.62
C THR F 43 13.12 26.95 18.60
N ALA F 44 13.69 26.33 19.62
CA ALA F 44 13.70 24.87 19.74
C ALA F 44 12.31 24.32 20.04
N ILE F 45 11.53 25.04 20.85
CA ILE F 45 10.17 24.62 21.19
C ILE F 45 9.24 24.77 19.98
N ASP F 46 9.34 25.89 19.26
CA ASP F 46 8.52 26.15 18.08
C ASP F 46 8.59 25.03 17.05
N GLN F 47 9.80 24.51 16.82
CA GLN F 47 10.02 23.45 15.84
C GLN F 47 9.50 22.10 16.34
N ILE F 48 9.80 21.78 17.59
CA ILE F 48 9.43 20.49 18.18
C ILE F 48 7.93 20.39 18.44
N ASN F 49 7.30 21.50 18.79
CA ASN F 49 5.86 21.51 19.09
C ASN F 49 5.02 21.01 17.92
N GLU F 50 4.40 19.83 18.10
CA GLU F 50 3.57 19.20 17.07
C GLU F 50 4.27 19.10 15.73
N LYS F 51 5.27 18.23 15.65
CA LYS F 51 6.04 18.06 14.41
C LYS F 51 5.59 16.85 13.60
N LEU F 52 4.51 16.18 14.03
CA LEU F 52 3.87 15.13 13.24
C LEU F 52 2.72 15.69 12.40
N ASN F 53 2.27 16.90 12.70
CA ASN F 53 1.22 17.56 11.93
C ASN F 53 1.71 18.03 10.56
N ARG F 54 3.03 18.20 10.43
CA ARG F 54 3.63 18.64 9.18
C ARG F 54 3.82 17.50 8.17
N VAL F 55 3.39 16.29 8.53
CA VAL F 55 3.42 15.14 7.62
C VAL F 55 2.13 14.30 7.66
N ILE F 56 1.65 13.97 8.86
CA ILE F 56 0.38 13.24 9.03
C ILE F 56 -0.68 14.20 9.56
N GLU F 57 -1.77 14.34 8.80
CA GLU F 57 -2.90 15.19 9.22
C GLU F 57 -3.68 14.48 10.34
N ARG F 58 -4.06 15.25 11.36
CA ARG F 58 -4.54 14.72 12.65
C ARG F 58 -5.06 13.27 12.61
N THR F 59 -6.21 13.07 11.97
CA THR F 59 -6.81 11.73 11.82
C THR F 59 -7.91 11.75 10.77
N ASN F 60 -7.94 10.72 9.94
CA ASN F 60 -8.93 10.63 8.86
C ASN F 60 -10.22 9.98 9.31
N GLU F 61 -11.34 10.49 8.81
CA GLU F 61 -12.65 9.92 9.10
C GLU F 61 -12.97 8.84 8.06
N LYS F 62 -13.25 7.63 8.55
CA LYS F 62 -13.55 6.49 7.66
C LYS F 62 -14.76 5.72 8.19
N PHE F 63 -15.50 5.11 7.26
CA PHE F 63 -16.79 4.49 7.57
C PHE F 63 -16.79 3.00 7.21
N HIS F 64 -17.64 2.59 6.26
CA HIS F 64 -17.74 1.17 5.89
C HIS F 64 -16.51 0.71 5.11
N GLN F 65 -15.93 -0.40 5.54
CA GLN F 65 -14.76 -0.99 4.89
C GLN F 65 -15.02 -2.47 4.66
N ILE F 66 -13.99 -3.22 4.27
CA ILE F 66 -14.10 -4.67 4.09
C ILE F 66 -14.05 -5.42 5.42
N GLU F 67 -14.49 -6.67 5.39
CA GLU F 67 -14.42 -7.54 6.57
C GLU F 67 -13.01 -8.04 6.78
N LYS F 68 -12.48 -7.81 7.98
CA LYS F 68 -11.11 -8.19 8.32
C LYS F 68 -11.06 -9.43 9.22
N GLU F 69 -12.22 -9.96 9.59
CA GLU F 69 -12.31 -11.16 10.41
C GLU F 69 -13.38 -12.09 9.83
N PHE F 70 -13.08 -13.39 9.81
CA PHE F 70 -13.98 -14.38 9.21
C PHE F 70 -14.17 -15.58 10.11
N SER F 71 -15.30 -16.27 9.94
CA SER F 71 -15.58 -17.51 10.66
C SER F 71 -15.44 -18.74 9.74
N GLU F 72 -15.99 -18.64 8.53
CA GLU F 72 -15.88 -19.72 7.54
C GLU F 72 -14.63 -19.60 6.68
N VAL F 73 -14.05 -20.75 6.33
CA VAL F 73 -12.98 -20.81 5.33
C VAL F 73 -13.65 -20.88 3.97
N GLU F 74 -13.28 -19.97 3.07
CA GLU F 74 -13.97 -19.81 1.80
C GLU F 74 -13.05 -20.02 0.59
N GLY F 75 -11.90 -19.34 0.60
CA GLY F 75 -10.87 -19.57 -0.40
C GLY F 75 -10.31 -18.30 -1.02
N ARG F 76 -10.45 -18.18 -2.34
CA ARG F 76 -9.79 -17.14 -3.13
C ARG F 76 -10.13 -15.72 -2.67
N ILE F 77 -11.41 -15.37 -2.70
CA ILE F 77 -11.86 -14.03 -2.34
C ILE F 77 -11.53 -13.68 -0.89
N GLN F 78 -11.53 -14.67 -0.01
CA GLN F 78 -11.13 -14.48 1.38
C GLN F 78 -9.63 -14.22 1.50
N ASP F 79 -8.83 -15.00 0.76
CA ASP F 79 -7.37 -14.85 0.78
C ASP F 79 -6.93 -13.46 0.36
N LEU F 80 -7.58 -12.92 -0.67
CA LEU F 80 -7.30 -11.58 -1.17
C LEU F 80 -7.65 -10.52 -0.12
N GLU F 81 -8.76 -10.71 0.58
CA GLU F 81 -9.16 -9.80 1.65
C GLU F 81 -8.14 -9.77 2.78
N LYS F 82 -7.60 -10.94 3.13
CA LYS F 82 -6.55 -11.05 4.14
C LYS F 82 -5.25 -10.40 3.68
N TYR F 83 -4.85 -10.70 2.44
CA TYR F 83 -3.59 -10.19 1.87
C TYR F 83 -3.56 -8.67 1.75
N VAL F 84 -4.68 -8.09 1.28
CA VAL F 84 -4.81 -6.64 1.14
C VAL F 84 -4.59 -5.93 2.48
N GLU F 85 -5.19 -6.45 3.54
CA GLU F 85 -5.12 -5.84 4.87
C GLU F 85 -3.72 -5.92 5.49
N ASP F 86 -3.07 -7.07 5.35
CA ASP F 86 -1.70 -7.25 5.86
C ASP F 86 -0.71 -6.31 5.18
N THR F 87 -0.80 -6.21 3.85
CA THR F 87 0.06 -5.32 3.08
C THR F 87 -0.09 -3.87 3.54
N LYS F 88 -1.32 -3.45 3.81
CA LYS F 88 -1.61 -2.11 4.34
C LYS F 88 -0.99 -1.91 5.72
N ILE F 89 -1.20 -2.87 6.62
CA ILE F 89 -0.67 -2.82 7.97
C ILE F 89 0.87 -2.81 7.94
N ASP F 90 1.45 -3.70 7.13
CA ASP F 90 2.90 -3.80 6.97
C ASP F 90 3.51 -2.49 6.46
N LEU F 91 2.85 -1.86 5.49
CA LEU F 91 3.34 -0.61 4.91
C LEU F 91 3.21 0.58 5.87
N TRP F 92 2.11 0.63 6.62
CA TRP F 92 1.92 1.69 7.63
C TRP F 92 2.84 1.50 8.84
N SER F 93 3.02 0.24 9.25
CA SER F 93 3.93 -0.09 10.34
C SER F 93 5.36 0.36 10.03
N TYR F 94 5.79 0.16 8.79
CA TYR F 94 7.10 0.64 8.33
C TYR F 94 7.17 2.16 8.32
N ASN F 95 6.13 2.81 7.81
CA ASN F 95 6.08 4.28 7.75
C ASN F 95 6.16 4.93 9.12
N ALA F 96 5.45 4.36 10.10
CA ALA F 96 5.46 4.87 11.47
C ALA F 96 6.85 4.75 12.10
N GLU F 97 7.49 3.60 11.90
CA GLU F 97 8.81 3.35 12.47
C GLU F 97 9.86 4.29 11.88
N LEU F 98 9.88 4.37 10.55
CA LEU F 98 10.80 5.27 9.83
C LEU F 98 10.56 6.73 10.19
N LEU F 99 9.30 7.10 10.39
CA LEU F 99 8.94 8.48 10.72
C LEU F 99 9.55 8.91 12.05
N VAL F 100 9.27 8.14 13.10
CA VAL F 100 9.73 8.48 14.45
C VAL F 100 11.26 8.55 14.51
N ALA F 101 11.93 7.62 13.85
CA ALA F 101 13.39 7.60 13.78
C ALA F 101 13.97 8.91 13.22
N LEU F 102 13.41 9.35 12.09
CA LEU F 102 13.84 10.60 11.45
C LEU F 102 13.47 11.83 12.29
N GLU F 103 12.27 11.82 12.85
CA GLU F 103 11.81 12.91 13.70
C GLU F 103 12.69 13.04 14.96
N ASN F 104 12.93 11.90 15.61
CA ASN F 104 13.81 11.87 16.78
C ASN F 104 15.23 12.29 16.41
N GLN F 105 15.74 11.76 15.31
CA GLN F 105 17.07 12.13 14.80
C GLN F 105 17.17 13.63 14.58
N HIS F 106 16.13 14.20 13.99
CA HIS F 106 16.08 15.64 13.71
C HIS F 106 15.92 16.49 14.98
N THR F 107 15.15 15.98 15.94
CA THR F 107 14.93 16.68 17.21
C THR F 107 16.23 16.89 17.99
N ILE F 108 17.11 15.90 17.95
CA ILE F 108 18.41 16.01 18.61
C ILE F 108 19.35 16.92 17.80
N ASP F 109 19.25 16.86 16.48
CA ASP F 109 20.07 17.70 15.60
C ASP F 109 19.82 19.19 15.82
N LEU F 110 18.56 19.59 15.95
CA LEU F 110 18.20 21.00 16.06
C LEU F 110 18.52 21.59 17.43
N THR F 111 18.32 20.81 18.49
CA THR F 111 18.62 21.26 19.86
C THR F 111 20.12 21.41 20.06
N ASP F 112 20.87 20.43 19.56
CA ASP F 112 22.34 20.48 19.57
C ASP F 112 22.84 21.72 18.83
N ALA F 113 22.20 22.04 17.71
CA ALA F 113 22.55 23.22 16.92
C ALA F 113 22.31 24.51 17.69
N GLU F 114 21.17 24.61 18.38
CA GLU F 114 20.82 25.81 19.15
C GLU F 114 21.85 26.13 20.23
N MET F 115 22.31 25.09 20.93
CA MET F 115 23.36 25.26 21.93
C MET F 115 24.62 25.79 21.27
N ASN F 116 24.96 25.23 20.12
CA ASN F 116 26.13 25.67 19.36
C ASN F 116 25.96 27.09 18.80
N LYS F 117 24.76 27.40 18.34
CA LYS F 117 24.46 28.73 17.78
C LYS F 117 24.63 29.83 18.83
N LEU F 118 24.08 29.61 20.02
CA LEU F 118 24.19 30.57 21.11
C LEU F 118 25.64 30.76 21.56
N PHE F 119 26.42 29.69 21.51
CA PHE F 119 27.84 29.74 21.87
C PHE F 119 28.64 30.64 20.93
N GLU F 120 28.38 30.51 19.63
CA GLU F 120 29.06 31.33 18.62
C GLU F 120 28.54 32.76 18.69
N LYS F 121 27.23 32.91 18.87
CA LYS F 121 26.59 34.22 19.01
C LYS F 121 27.21 35.04 20.15
N THR F 122 27.58 34.35 21.23
CA THR F 122 28.25 34.99 22.36
C THR F 122 29.70 35.32 22.04
N ARG F 123 30.41 34.37 21.44
CA ARG F 123 31.83 34.54 21.11
C ARG F 123 32.06 35.75 20.20
N ARG F 124 31.18 35.94 19.22
CA ARG F 124 31.30 37.06 18.28
C ARG F 124 31.20 38.42 18.95
N GLN F 125 30.30 38.55 19.93
CA GLN F 125 30.18 39.79 20.70
C GLN F 125 31.44 40.07 21.51
N LEU F 126 31.96 39.04 22.17
CA LEU F 126 33.11 39.17 23.07
C LEU F 126 34.41 39.55 22.35
N ARG F 127 34.54 39.19 21.08
CA ARG F 127 35.68 39.59 20.26
C ARG F 127 37.01 39.08 20.86
N GLU F 128 37.91 40.00 21.23
CA GLU F 128 39.20 39.63 21.83
C GLU F 128 39.24 39.92 23.33
N ASN F 129 38.08 40.21 23.91
CA ASN F 129 37.99 40.51 25.34
C ASN F 129 37.95 39.26 26.20
N ALA F 130 37.66 38.11 25.59
CA ALA F 130 37.53 36.85 26.32
C ALA F 130 38.12 35.68 25.54
N GLU F 131 38.25 34.54 26.21
CA GLU F 131 38.78 33.32 25.61
C GLU F 131 37.92 32.11 25.97
N ASP F 132 37.68 31.24 24.99
CA ASP F 132 36.98 29.98 25.23
C ASP F 132 37.88 29.06 26.05
N MET F 133 37.59 28.97 27.34
CA MET F 133 38.40 28.16 28.27
C MET F 133 38.27 26.67 27.96
N GLY F 134 37.03 26.24 27.73
CA GLY F 134 36.71 24.82 27.60
C GLY F 134 35.60 24.49 28.58
N GLY F 135 34.69 23.61 28.17
CA GLY F 135 33.50 23.31 28.96
C GLY F 135 32.34 24.23 28.67
N GLY F 136 32.44 25.01 27.59
CA GLY F 136 31.42 25.99 27.23
C GLY F 136 31.42 27.21 28.12
N CYS F 137 32.61 27.65 28.53
CA CYS F 137 32.76 28.79 29.43
C CYS F 137 33.76 29.80 28.88
N PHE F 138 33.53 31.08 29.19
CA PHE F 138 34.41 32.15 28.73
C PHE F 138 35.03 32.87 29.93
N LYS F 139 36.34 33.10 29.86
CA LYS F 139 37.03 33.96 30.82
C LYS F 139 37.04 35.38 30.27
N ILE F 140 36.31 36.28 30.93
CA ILE F 140 36.25 37.67 30.52
C ILE F 140 37.35 38.41 31.26
N TYR F 141 38.24 39.06 30.50
CA TYR F 141 39.46 39.66 31.05
C TYR F 141 39.29 41.13 31.47
N HIS F 142 38.10 41.49 31.93
CA HIS F 142 37.85 42.83 32.46
C HIS F 142 36.75 42.79 33.52
N LYS F 143 36.62 43.86 34.30
CA LYS F 143 35.56 43.96 35.30
C LYS F 143 34.21 43.96 34.60
N CYS F 144 33.28 43.17 35.11
CA CYS F 144 32.02 42.91 34.41
C CYS F 144 30.87 42.72 35.39
N ASP F 145 30.27 43.83 35.82
CA ASP F 145 29.13 43.82 36.73
C ASP F 145 27.89 43.20 36.06
N ASN F 146 26.80 43.06 36.82
CA ASN F 146 25.57 42.45 36.30
C ASN F 146 24.93 43.24 35.16
N ALA F 147 25.16 44.56 35.12
CA ALA F 147 24.70 45.41 34.02
C ALA F 147 25.42 45.07 32.72
N CYS F 148 26.71 44.73 32.83
CA CYS F 148 27.52 44.34 31.68
C CYS F 148 27.20 42.92 31.19
N ILE F 149 26.75 42.07 32.10
CA ILE F 149 26.31 40.72 31.73
C ILE F 149 25.01 40.80 30.94
N GLY F 150 24.09 41.65 31.39
CA GLY F 150 22.83 41.90 30.69
C GLY F 150 23.05 42.41 29.27
N SER F 151 24.09 43.23 29.09
CA SER F 151 24.43 43.76 27.77
C SER F 151 24.84 42.66 26.79
N ILE F 152 25.51 41.63 27.30
CA ILE F 152 25.84 40.46 26.49
C ILE F 152 24.58 39.64 26.23
N ARG F 153 23.73 39.51 27.24
CA ARG F 153 22.49 38.73 27.14
C ARG F 153 21.49 39.33 26.16
N ASN F 154 21.31 40.65 26.21
CA ASN F 154 20.40 41.34 25.28
C ASN F 154 21.07 41.87 24.00
N GLY F 155 22.30 41.43 23.74
CA GLY F 155 22.96 41.68 22.46
C GLY F 155 23.70 42.99 22.32
N THR F 156 23.61 43.88 23.31
CA THR F 156 24.18 45.22 23.22
C THR F 156 25.54 45.33 23.92
N TYR F 157 26.38 44.30 23.79
CA TYR F 157 27.72 44.31 24.36
C TYR F 157 28.63 45.13 23.45
N ASP F 158 29.26 46.15 24.03
CA ASP F 158 30.13 47.06 23.28
C ASP F 158 31.59 46.77 23.64
N HIS F 159 32.20 45.85 22.89
CA HIS F 159 33.54 45.34 23.21
C HIS F 159 34.64 46.41 23.18
N TYR F 160 34.47 47.44 22.36
CA TYR F 160 35.48 48.49 22.22
C TYR F 160 35.75 49.25 23.53
N ILE F 161 34.74 49.35 24.39
CA ILE F 161 34.86 50.09 25.65
C ILE F 161 35.78 49.38 26.67
N TYR F 162 35.83 48.06 26.62
CA TYR F 162 36.64 47.26 27.55
C TYR F 162 37.94 46.74 26.92
N ARG F 163 38.12 46.94 25.61
CA ARG F 163 39.22 46.34 24.87
C ARG F 163 40.60 46.67 25.45
N ASP F 164 40.79 47.90 25.90
CA ASP F 164 42.06 48.34 26.48
C ASP F 164 42.38 47.57 27.76
N GLU F 165 41.39 47.46 28.65
CA GLU F 165 41.53 46.70 29.89
C GLU F 165 41.65 45.20 29.62
N ALA F 166 40.92 44.72 28.62
CA ALA F 166 40.86 43.28 28.33
C ALA F 166 42.17 42.74 27.76
N LEU F 167 42.64 43.33 26.66
CA LEU F 167 43.89 42.89 26.02
C LEU F 167 45.09 42.89 26.97
N ASN F 168 45.14 43.89 27.84
CA ASN F 168 46.25 44.03 28.79
C ASN F 168 46.32 42.89 29.80
N ASN F 169 45.16 42.41 30.25
CA ASN F 169 45.10 41.31 31.21
C ASN F 169 45.41 39.93 30.60
N ARG F 170 45.23 39.79 29.28
CA ARG F 170 45.48 38.52 28.60
C ARG F 170 46.96 38.23 28.43
N PHE F 171 47.74 39.25 28.06
CA PHE F 171 49.18 39.07 27.78
C PHE F 171 50.04 39.66 28.91
N GLN F 172 50.32 38.82 29.91
CA GLN F 172 51.16 39.22 31.04
C GLN F 172 51.79 37.99 31.70
C1 NAG G . 5.96 -39.08 -14.97
C2 NAG G . 7.09 -40.02 -14.54
C3 NAG G . 7.81 -40.72 -15.71
C4 NAG G . 7.04 -40.85 -17.02
C5 NAG G . 6.13 -39.64 -17.23
C6 NAG G . 5.21 -39.72 -18.45
C7 NAG G . 7.84 -38.88 -12.51
C8 NAG G . 8.93 -38.08 -11.86
N2 NAG G . 8.05 -39.25 -13.77
O3 NAG G . 8.19 -42.02 -15.29
O4 NAG G . 7.96 -40.96 -18.08
O5 NAG G . 5.30 -39.59 -16.11
O6 NAG G . 4.53 -40.95 -18.46
O7 NAG G . 6.82 -39.15 -11.87
C1 NAG G . 7.57 -41.92 -19.10
C2 NAG G . 8.72 -42.12 -20.08
C3 NAG G . 8.30 -43.10 -21.17
C4 NAG G . 7.66 -44.36 -20.60
C5 NAG G . 6.61 -44.03 -19.54
C6 NAG G . 6.09 -45.28 -18.84
C7 NAG G . 10.02 -40.03 -20.05
C8 NAG G . 10.37 -38.79 -20.80
N2 NAG G . 9.17 -40.87 -20.66
O3 NAG G . 9.42 -43.45 -21.96
O4 NAG G . 7.06 -45.11 -21.63
O5 NAG G . 7.19 -43.17 -18.57
O6 NAG G . 4.69 -45.40 -19.03
O7 NAG G . 10.49 -40.25 -18.94
C1 NAG H . -33.89 -38.32 5.64
C2 NAG H . -35.32 -38.15 6.12
C3 NAG H . -35.33 -37.21 7.33
C4 NAG H . -34.36 -37.71 8.41
C5 NAG H . -33.01 -38.11 7.82
C6 NAG H . -32.17 -38.86 8.85
C7 NAG H . -36.96 -38.40 4.31
C8 NAG H . -37.80 -37.69 3.28
N2 NAG H . -36.18 -37.62 5.08
O3 NAG H . -36.63 -37.15 7.86
O4 NAG H . -34.17 -36.68 9.34
O5 NAG H . -33.16 -38.92 6.67
O6 NAG H . -32.67 -40.18 8.99
O7 NAG H . -37.02 -39.61 4.42
C1 NAG H . -34.71 -37.02 10.63
C2 NAG H . -34.24 -36.00 11.65
C3 NAG H . -34.78 -36.32 13.04
C4 NAG H . -36.30 -36.47 12.97
C5 NAG H . -36.69 -37.45 11.85
C6 NAG H . -38.21 -37.55 11.69
C7 NAG H . -32.11 -34.92 11.09
C8 NAG H . -30.61 -34.98 11.19
N2 NAG H . -32.79 -35.92 11.67
O3 NAG H . -34.43 -35.28 13.92
O4 NAG H . -36.81 -36.98 14.19
O5 NAG H . -36.12 -37.03 10.62
O6 NAG H . -38.74 -36.28 11.37
O7 NAG H . -32.64 -33.98 10.50
C1 BMA H . -37.13 -35.96 15.16
C2 BMA H . -38.32 -36.42 15.99
C3 BMA H . -38.52 -35.69 17.32
C4 BMA H . -37.25 -35.10 17.94
C5 BMA H . -36.24 -34.63 16.91
C6 BMA H . -34.92 -34.24 17.57
O2 BMA H . -38.18 -37.83 16.25
O3 BMA H . -39.04 -36.63 18.27
O4 BMA H . -37.63 -33.99 18.77
O5 BMA H . -36.00 -35.67 15.98
O6 BMA H . -35.05 -32.97 18.21
C1 MAN H . -40.41 -36.41 18.69
C2 MAN H . -41.38 -36.48 17.51
C3 MAN H . -42.83 -36.44 18.01
C4 MAN H . -42.92 -35.99 19.46
C5 MAN H . -41.90 -34.88 19.79
C6 MAN H . -41.88 -34.59 21.28
O2 MAN H . -41.14 -37.63 16.73
O3 MAN H . -43.41 -37.73 17.89
O4 MAN H . -44.22 -35.49 19.70
O5 MAN H . -40.58 -35.17 19.36
O6 MAN H . -43.00 -33.80 21.64
C1 MAN H . -34.34 -32.85 19.48
C2 MAN H . -32.84 -33.14 19.32
C3 MAN H . -32.38 -34.49 19.86
C4 MAN H . -33.02 -34.75 21.22
C5 MAN H . -34.52 -34.78 21.03
C6 MAN H . -35.22 -35.08 22.35
O2 MAN H . -32.10 -32.12 19.96
O3 MAN H . -30.98 -34.53 19.97
O4 MAN H . -32.56 -35.97 21.74
O5 MAN H . -35.01 -33.55 20.54
O6 MAN H . -36.62 -34.98 22.20
C1 NAG I . 12.50 -17.03 -12.12
C2 NAG I . 13.27 -16.68 -13.39
C3 NAG I . 12.33 -15.91 -14.30
C4 NAG I . 11.19 -16.86 -14.66
C5 NAG I . 10.46 -17.27 -13.37
C6 NAG I . 9.38 -18.31 -13.64
C7 NAG I . 15.71 -16.31 -13.52
C8 NAG I . 15.88 -17.57 -14.31
N2 NAG I . 14.49 -15.93 -13.13
O3 NAG I . 13.04 -15.46 -15.44
O4 NAG I . 10.28 -16.27 -15.58
O5 NAG I . 11.38 -17.82 -12.44
O6 NAG I . 8.48 -18.34 -12.56
O7 NAG I . 16.69 -15.62 -13.27
C1 NAG I . 10.62 -16.61 -16.94
C2 NAG I . 9.52 -16.10 -17.88
C3 NAG I . 9.90 -16.37 -19.35
C4 NAG I . 11.32 -15.88 -19.66
C5 NAG I . 12.31 -16.40 -18.62
C6 NAG I . 13.71 -15.84 -18.82
C7 NAG I . 7.64 -17.73 -17.81
C8 NAG I . 6.26 -17.97 -17.25
N2 NAG I . 8.19 -16.57 -17.47
O3 NAG I . 8.97 -15.79 -20.22
O4 NAG I . 11.69 -16.34 -20.94
O5 NAG I . 11.85 -16.05 -17.32
O6 NAG I . 13.75 -14.48 -18.44
O7 NAG I . 8.16 -18.58 -18.53
C1 NAG J . 67.44 21.68 18.57
C2 NAG J . 68.79 22.01 19.20
C3 NAG J . 69.88 21.01 18.82
C4 NAG J . 69.37 19.58 19.02
C5 NAG J . 68.08 19.43 18.20
C6 NAG J . 67.50 18.01 18.20
C7 NAG J . 69.54 24.31 19.67
C8 NAG J . 69.89 25.64 19.08
N2 NAG J . 69.17 23.35 18.80
O3 NAG J . 71.03 21.21 19.61
O4 NAG J . 70.36 18.63 18.68
O5 NAG J . 67.13 20.31 18.76
O6 NAG J . 66.44 17.92 19.14
O7 NAG J . 69.60 24.15 20.88
C1 NAG J . 70.93 18.04 19.87
C2 NAG J . 71.29 16.57 19.66
C3 NAG J . 71.57 15.98 21.03
C4 NAG J . 72.72 16.74 21.70
C5 NAG J . 72.57 18.26 21.58
C6 NAG J . 73.88 18.98 21.90
C7 NAG J . 70.33 15.50 17.68
C8 NAG J . 69.19 14.70 17.12
N2 NAG J . 70.26 15.81 18.98
O3 NAG J . 71.91 14.61 20.89
O4 NAG J . 72.77 16.41 23.07
O5 NAG J . 72.13 18.68 20.29
O6 NAG J . 74.85 18.71 20.92
O7 NAG J . 71.26 15.83 16.95
C1 BMA J . 73.98 15.76 23.53
C2 BMA J . 73.74 14.26 23.60
C3 BMA J . 74.85 13.65 24.44
C4 BMA J . 76.25 14.14 24.04
C5 BMA J . 76.33 15.24 22.94
C6 BMA J . 76.70 14.62 21.60
O2 BMA J . 73.73 13.68 22.30
O3 BMA J . 74.80 12.22 24.32
O4 BMA J . 76.89 14.64 25.22
O5 BMA J . 75.14 16.04 22.75
O6 BMA J . 78.11 14.43 21.52
C1 FUC J . 66.91 17.59 20.46
C2 FUC J . 65.98 16.55 21.07
C3 FUC J . 66.46 16.18 22.48
C4 FUC J . 66.71 17.42 23.31
C5 FUC J . 67.58 18.42 22.55
C6 FUC J . 67.77 19.72 23.33
O2 FUC J . 65.94 15.39 20.27
O3 FUC J . 65.51 15.34 23.09
O4 FUC J . 65.48 18.02 23.64
O5 FUC J . 66.97 18.71 21.30
C1 NAG K . 34.04 -3.01 3.60
C2 NAG K . 34.81 -3.79 4.67
C3 NAG K . 34.97 -5.25 4.24
C4 NAG K . 33.66 -5.83 3.72
C5 NAG K . 32.99 -4.90 2.71
C6 NAG K . 31.64 -5.45 2.24
C7 NAG K . 36.25 -2.04 5.58
C8 NAG K . 37.65 -1.53 5.76
N2 NAG K . 36.10 -3.18 4.91
O3 NAG K . 35.43 -6.02 5.33
O4 NAG K . 33.90 -7.09 3.11
O5 NAG K . 32.81 -3.65 3.32
O6 NAG K . 30.61 -4.50 2.44
O7 NAG K . 35.31 -1.41 6.06
C1 NAG K . 33.61 -8.19 3.99
C2 NAG K . 32.98 -9.29 3.15
C3 NAG K . 33.18 -10.72 3.66
C4 NAG K . 34.19 -10.93 4.82
C5 NAG K . 34.51 -9.64 5.56
C6 NAG K . 35.73 -9.81 6.47
C7 NAG K . 30.83 -9.55 1.99
C8 NAG K . 29.36 -9.22 1.98
N2 NAG K . 31.54 -9.05 3.00
O3 NAG K . 33.59 -11.51 2.57
O4 NAG K . 33.74 -11.87 5.78
O5 NAG K . 34.78 -8.63 4.63
O6 NAG K . 35.99 -8.59 7.15
O7 NAG K . 31.29 -10.24 1.09
C1 BMA K . 33.23 -13.10 5.21
C2 BMA K . 33.75 -14.31 6.00
C3 BMA K . 33.27 -15.58 5.32
C4 BMA K . 31.75 -15.57 5.09
C5 BMA K . 31.27 -14.25 4.48
C6 BMA K . 29.75 -14.14 4.49
O2 BMA K . 33.28 -14.25 7.35
O3 BMA K . 33.62 -16.72 6.11
O4 BMA K . 31.40 -16.64 4.22
O5 BMA K . 31.81 -13.14 5.22
O6 BMA K . 29.27 -13.93 5.83
C1 GAL L . -19.39 -48.18 -24.44
C2 GAL L . -18.46 -47.53 -23.41
C3 GAL L . -19.26 -46.76 -22.37
C4 GAL L . -20.26 -45.83 -23.06
C5 GAL L . -21.08 -46.57 -24.11
C6 GAL L . -22.03 -45.63 -24.85
O2 GAL L . -17.68 -48.53 -22.80
O3 GAL L . -18.44 -45.97 -21.53
O4 GAL L . -19.55 -44.77 -23.66
O5 GAL L . -20.22 -47.20 -25.03
O6 GAL L . -22.82 -44.90 -23.94
C1 SIA L . -16.48 -46.26 -20.21
C2 SIA L . -17.94 -46.65 -20.36
C3 SIA L . -18.16 -47.98 -19.65
C4 SIA L . -18.23 -47.81 -18.14
C5 SIA L . -19.29 -46.77 -17.77
C6 SIA L . -18.99 -45.45 -18.47
C7 SIA L . -20.13 -44.45 -18.24
C8 SIA L . -19.85 -43.08 -18.87
C9 SIA L . -20.88 -42.06 -18.43
C10 SIA L . -20.41 -46.60 -15.58
C11 SIA L . -20.21 -46.39 -14.11
N5 SIA L . -19.29 -46.59 -16.33
O1A SIA L . -16.09 -45.66 -19.19
O1B SIA L . -15.71 -46.57 -21.14
O4 SIA L . -18.57 -49.07 -17.53
O6 SIA L . -18.82 -45.62 -19.89
O7 SIA L . -21.35 -44.96 -18.78
O8 SIA L . -18.54 -42.62 -18.50
O9 SIA L . -20.63 -40.81 -19.09
O10 SIA L . -21.52 -46.77 -16.05
C1 NAG M . 48.11 10.82 28.40
C2 NAG M . 48.09 9.81 29.55
C3 NAG M . 49.23 10.02 30.54
C4 NAG M . 50.55 10.38 29.89
C5 NAG M . 50.39 11.34 28.72
C6 NAG M . 51.72 11.57 27.97
C7 NAG M . 45.73 9.16 29.83
C8 NAG M . 44.49 9.30 30.66
N2 NAG M . 46.80 9.83 30.24
O3 NAG M . 49.40 8.85 31.31
O4 NAG M . 51.39 10.97 30.86
O5 NAG M . 49.39 10.87 27.83
O6 NAG M . 51.65 11.10 26.63
O7 NAG M . 45.71 8.46 28.82
C1 FUC M . 51.81 9.67 26.56
C2 FUC M . 53.18 9.31 26.01
C3 FUC M . 53.42 7.81 26.11
C4 FUC M . 52.09 7.03 26.18
C5 FUC M . 50.98 7.73 25.37
C6 FUC M . 51.23 7.69 23.86
O2 FUC M . 54.18 9.99 26.73
O3 FUC M . 54.19 7.38 25.00
O4 FUC M . 52.26 5.70 25.73
O5 FUC M . 50.79 9.08 25.76
C1 NAG N . -7.80 12.36 -33.96
C2 NAG N . -7.89 11.46 -35.19
C3 NAG N . -8.23 12.28 -36.44
C4 NAG N . -9.36 13.28 -36.22
C5 NAG N . -9.28 13.97 -34.85
C6 NAG N . -10.56 14.76 -34.54
C7 NAG N . -6.43 9.50 -34.90
C8 NAG N . -5.10 8.88 -35.23
N2 NAG N . -6.66 10.71 -35.41
O3 NAG N . -8.58 11.40 -37.49
O4 NAG N . -9.26 14.29 -37.19
O5 NAG N . -9.03 13.03 -33.81
O6 NAG N . -11.71 13.96 -34.73
O7 NAG N . -7.22 8.89 -34.18
C1 NAG N . -10.25 14.23 -38.22
C2 NAG N . -10.16 15.49 -39.06
C3 NAG N . -11.03 15.44 -40.31
C4 NAG N . -10.90 14.10 -41.04
C5 NAG N . -11.05 12.95 -40.06
C6 NAG N . -10.88 11.59 -40.74
C7 NAG N . -9.64 17.27 -37.45
C8 NAG N . -10.16 18.46 -36.70
N2 NAG N . -10.50 16.67 -38.27
O3 NAG N . -10.67 16.49 -41.19
O4 NAG N . -11.88 14.02 -42.05
O5 NAG N . -10.09 13.07 -39.02
O6 NAG N . -12.12 10.92 -40.80
O7 NAG N . -8.49 16.89 -37.26
C1 NAG O . -21.48 -34.73 -31.93
C2 NAG O . -21.75 -36.21 -31.78
C3 NAG O . -20.54 -36.91 -31.14
C4 NAG O . -19.26 -36.53 -31.88
C5 NAG O . -19.15 -35.02 -32.07
C6 NAG O . -17.92 -34.62 -32.89
C7 NAG O . -24.12 -36.84 -31.50
C8 NAG O . -25.25 -37.00 -30.52
N2 NAG O . -22.95 -36.43 -30.98
O3 NAG O . -20.71 -38.30 -31.19
O4 NAG O . -18.14 -37.00 -31.15
O5 NAG O . -20.32 -34.55 -32.71
O6 NAG O . -18.14 -34.89 -34.25
O7 NAG O . -24.29 -37.10 -32.69
C1 NAG O . -17.37 -37.95 -31.91
C2 NAG O . -15.97 -38.09 -31.32
C3 NAG O . -15.16 -39.12 -32.09
C4 NAG O . -15.93 -40.43 -32.24
C5 NAG O . -17.34 -40.15 -32.77
C6 NAG O . -18.18 -41.42 -32.84
C7 NAG O . -15.32 -35.94 -30.33
C8 NAG O . -14.50 -34.69 -30.50
N2 NAG O . -15.24 -36.82 -31.33
O3 NAG O . -13.94 -39.33 -31.40
O4 NAG O . -15.28 -41.29 -33.15
O5 NAG O . -17.98 -39.22 -31.93
O6 NAG O . -18.30 -42.01 -31.56
O7 NAG O . -16.01 -36.09 -29.32
C1 BMA O . -14.23 -42.06 -32.54
C2 BMA O . -14.04 -43.35 -33.34
C3 BMA O . -12.78 -44.14 -32.96
C4 BMA O . -11.60 -43.29 -32.48
C5 BMA O . -12.00 -42.01 -31.74
C6 BMA O . -10.85 -41.03 -31.50
O2 BMA O . -14.01 -43.03 -34.74
O3 BMA O . -12.31 -44.86 -34.11
O4 BMA O . -10.80 -44.09 -31.61
O5 BMA O . -13.00 -41.34 -32.50
O6 BMA O . -9.57 -41.64 -31.72
C1 MAN O . -13.01 -46.11 -34.34
C2 MAN O . -12.14 -47.32 -34.63
C3 MAN O . -12.94 -48.62 -34.74
C4 MAN O . -14.23 -48.52 -33.93
C5 MAN O . -15.08 -47.40 -34.50
C6 MAN O . -16.42 -47.27 -33.75
O2 MAN O . -11.15 -47.45 -33.63
O3 MAN O . -12.17 -49.72 -34.29
O4 MAN O . -14.91 -49.75 -34.02
O5 MAN O . -14.43 -46.14 -34.45
O6 MAN O . -17.20 -46.26 -34.33
C1 MAN O . -8.92 -41.20 -32.94
C2 MAN O . -8.23 -39.86 -32.71
C3 MAN O . -7.36 -39.52 -33.91
C4 MAN O . -8.00 -39.98 -35.21
C5 MAN O . -9.50 -40.19 -35.06
C6 MAN O . -10.12 -40.66 -36.36
O2 MAN O . -7.45 -39.90 -31.52
O3 MAN O . -6.09 -40.13 -33.76
O4 MAN O . -7.76 -39.03 -36.23
O5 MAN O . -9.79 -41.14 -34.05
O6 MAN O . -10.23 -39.58 -37.25
C1 NAG P . -50.47 -7.81 -32.14
C2 NAG P . -50.43 -9.28 -31.72
C3 NAG P . -49.42 -10.12 -32.50
C4 NAG P . -48.16 -9.35 -32.92
C5 NAG P . -48.44 -7.89 -33.31
C6 NAG P . -47.80 -7.52 -34.64
C7 NAG P . -51.07 -9.92 -29.42
C8 NAG P . -50.66 -9.96 -27.98
N2 NAG P . -50.19 -9.39 -30.28
O1 NAG P . -51.81 -7.38 -32.24
O3 NAG P . -50.04 -10.65 -33.65
O4 NAG P . -47.22 -9.36 -31.86
O5 NAG P . -49.83 -7.65 -33.39
O6 NAG P . -48.40 -8.23 -35.69
O7 NAG P . -52.17 -10.39 -29.75
C1 GAL P . -46.28 -10.45 -31.95
C2 GAL P . -44.93 -9.90 -32.38
C3 GAL P . -43.77 -10.88 -32.20
C4 GAL P . -43.87 -11.58 -30.86
C5 GAL P . -45.26 -12.18 -30.70
C6 GAL P . -45.41 -12.99 -29.43
O2 GAL P . -45.00 -9.53 -33.74
O3 GAL P . -42.52 -10.19 -32.27
O4 GAL P . -43.62 -10.66 -29.83
O5 GAL P . -46.20 -11.11 -30.70
O6 GAL P . -44.82 -14.26 -29.62
C1 SIA P . -40.70 -9.38 -33.55
C2 SIA P . -41.65 -10.53 -33.38
C3 SIA P . -41.89 -11.16 -34.76
C4 SIA P . -40.65 -11.89 -35.25
C5 SIA P . -40.18 -12.92 -34.25
C6 SIA P . -40.02 -12.32 -32.85
C7 SIA P . -39.81 -13.41 -31.79
C8 SIA P . -39.71 -12.88 -30.37
C9 SIA P . -39.30 -13.98 -29.40
C10 SIA P . -38.66 -14.81 -34.67
C11 SIA P . -37.30 -15.20 -35.16
N5 SIA P . -38.92 -13.49 -34.68
O1A SIA P . -41.03 -8.44 -34.32
O1B SIA P . -39.61 -9.36 -32.93
O4 SIA P . -40.96 -12.54 -36.49
O6 SIA P . -41.15 -11.51 -32.46
O7 SIA P . -40.88 -14.36 -31.85
O8 SIA P . -38.75 -11.82 -30.31
O9 SIA P . -39.15 -13.44 -28.08
O10 SIA P . -39.47 -15.64 -34.29
C1 NAG Q . -47.26 -9.24 -17.66
C2 NAG Q . -47.87 -9.52 -19.03
C3 NAG Q . -47.37 -8.49 -20.04
C4 NAG Q . -47.48 -7.07 -19.51
C5 NAG Q . -47.06 -6.93 -18.06
C6 NAG Q . -47.42 -5.57 -17.49
C7 NAG Q . -48.41 -11.77 -19.82
C8 NAG Q . -47.87 -13.10 -20.26
N2 NAG Q . -47.52 -10.86 -19.48
O3 NAG Q . -48.13 -8.61 -21.22
O4 NAG Q . -46.62 -6.27 -20.29
O5 NAG Q . -47.64 -7.95 -17.26
O6 NAG Q . -48.83 -5.47 -17.29
O7 NAG Q . -49.63 -11.60 -19.79
C1 NAG Q . -47.31 -5.22 -20.99
C2 NAG Q . -46.28 -4.18 -21.39
C3 NAG Q . -46.89 -3.09 -22.27
C4 NAG Q . -47.70 -3.69 -23.41
C5 NAG Q . -48.66 -4.76 -22.87
C6 NAG Q . -49.44 -5.45 -23.99
C7 NAG Q . -44.63 -4.07 -19.59
C8 NAG Q . -44.13 -3.32 -18.39
N2 NAG Q . -45.70 -3.56 -20.21
O3 NAG Q . -45.82 -2.30 -22.76
O4 NAG Q . -48.48 -2.70 -24.04
O5 NAG Q . -47.94 -5.73 -22.15
O6 NAG Q . -48.55 -6.17 -24.82
O7 NAG Q . -44.05 -5.10 -19.95
C1 BMA Q . -47.70 -1.73 -24.78
C2 BMA Q . -48.55 -1.23 -25.94
C3 BMA Q . -47.79 -0.20 -26.78
C4 BMA Q . -47.10 0.85 -25.91
C5 BMA Q . -46.46 0.29 -24.64
C6 BMA Q . -46.15 1.40 -23.63
O2 BMA Q . -49.74 -0.65 -25.41
O3 BMA Q . -48.68 0.51 -27.68
O4 BMA Q . -46.07 1.47 -26.69
O5 BMA Q . -47.34 -0.62 -23.99
O6 BMA Q . -44.83 1.91 -23.85
C1 MAN Q . -49.52 -0.37 -28.47
C2 MAN Q . -49.96 0.39 -29.73
C3 MAN Q . -51.04 -0.35 -30.51
C4 MAN Q . -52.04 -1.07 -29.60
C5 MAN Q . -51.92 -0.56 -28.17
C6 MAN Q . -52.91 -1.27 -27.24
O2 MAN Q . -48.84 0.61 -30.55
O3 MAN Q . -50.44 -1.30 -31.38
O4 MAN Q . -53.35 -0.85 -30.07
O5 MAN Q . -50.62 -0.84 -27.70
O6 MAN Q . -54.13 -0.57 -27.22
C1 MAN Q . -44.89 3.32 -24.15
C2 MAN Q . -44.24 3.80 -25.46
C3 MAN Q . -43.47 5.09 -25.24
C4 MAN Q . -44.30 6.09 -24.42
C5 MAN Q . -44.75 5.50 -23.10
C6 MAN Q . -45.68 6.46 -22.36
O2 MAN Q . -45.25 4.00 -26.42
O3 MAN Q . -43.13 5.66 -26.48
O4 MAN Q . -43.52 7.24 -24.18
O5 MAN Q . -45.44 4.26 -23.26
O6 MAN Q . -45.11 6.85 -21.12
C1 NAG R . 36.86 43.28 45.62
C2 NAG R . 37.80 43.53 46.81
C3 NAG R . 37.07 43.61 48.16
C4 NAG R . 35.73 44.34 48.08
C5 NAG R . 34.95 43.89 46.85
C6 NAG R . 33.60 44.60 46.73
C7 NAG R . 40.05 42.61 46.44
C8 NAG R . 40.93 41.40 46.58
N2 NAG R . 38.79 42.46 46.87
O3 NAG R . 37.90 44.25 49.10
O4 NAG R . 34.98 44.05 49.25
O5 NAG R . 35.74 44.13 45.71
O6 NAG R . 33.53 45.42 45.57
O7 NAG R . 40.49 43.64 45.95
C1 NAG R . 34.82 45.20 50.13
C2 NAG R . 33.46 45.34 50.86
C3 NAG R . 33.27 46.74 51.48
C4 NAG R . 34.55 47.57 51.66
C5 NAG R . 35.54 47.38 50.53
C6 NAG R . 36.79 48.24 50.72
C7 NAG R . 31.45 44.09 50.21
C8 NAG R . 30.32 43.98 49.21
N2 NAG R . 32.32 45.08 49.99
O3 NAG R . 32.62 46.62 52.73
O4 NAG R . 34.21 48.93 51.78
O5 NAG R . 35.91 46.02 50.49
O6 NAG R . 37.91 47.61 50.14
O7 NAG R . 31.52 43.30 51.14
C1 FUC R . 33.98 46.77 45.82
C2 FUC R . 32.87 47.60 46.48
C3 FUC R . 31.69 47.84 45.55
C4 FUC R . 32.11 47.82 44.08
C5 FUC R . 33.57 48.24 43.94
C6 FUC R . 33.98 48.28 42.46
O2 FUC R . 33.40 48.82 46.95
O3 FUC R . 30.68 46.87 45.79
O4 FUC R . 31.92 46.54 43.53
O5 FUC R . 34.45 47.37 44.63
C1 NAG S . 6.14 15.16 29.34
C2 NAG S . 5.31 15.98 30.35
C3 NAG S . 3.90 16.35 29.88
C4 NAG S . 3.17 15.24 29.11
C5 NAG S . 4.14 14.15 28.65
C6 NAG S . 3.58 13.31 27.50
C7 NAG S . 6.22 15.32 32.51
C8 NAG S . 6.01 14.53 33.78
N2 NAG S . 5.24 15.26 31.61
O3 NAG S . 3.97 17.51 29.07
O4 NAG S . 2.14 14.69 29.92
O5 NAG S . 5.35 14.77 28.25
O6 NAG S . 4.62 12.59 26.88
O7 NAG S . 7.27 15.95 32.36
C1 NAG S . 0.90 14.50 29.19
C2 NAG S . -0.01 13.56 29.99
C3 NAG S . -1.47 14.01 30.12
C4 NAG S . -2.02 14.89 28.98
C5 NAG S . -0.91 15.52 28.12
C6 NAG S . -1.35 16.84 27.51
C7 NAG S . 1.01 11.34 29.71
C8 NAG S . 0.94 10.01 29.03
N2 NAG S . 0.05 12.22 29.41
O3 NAG S . -1.64 14.70 31.34
O4 NAG S . -2.86 14.12 28.15
O5 NAG S . 0.23 15.72 28.93
O6 NAG S . -1.38 17.85 28.49
O7 NAG S . 1.93 11.58 30.50
C1 NAG T . -48.96 -35.86 11.96
C2 NAG T . -47.47 -35.57 11.87
C3 NAG T . -47.22 -34.09 11.60
C4 NAG T . -48.10 -33.55 10.47
C5 NAG T . -49.56 -34.01 10.62
C6 NAG T . -50.40 -33.59 9.42
C7 NAG T . -46.25 -37.18 13.28
C8 NAG T . -45.57 -37.42 14.60
N2 NAG T . -46.77 -35.96 13.09
O1 NAG T . -49.18 -37.25 12.10
O3 NAG T . -45.86 -33.88 11.28
O4 NAG T . -48.05 -32.14 10.52
O5 NAG T . -49.60 -35.41 10.78
O6 NAG T . -51.25 -34.64 9.01
O7 NAG T . -46.30 -38.08 12.45
C1 GAL T . -47.35 -31.52 9.42
C2 GAL T . -46.90 -30.14 9.88
C3 GAL T . -46.08 -29.41 8.82
C4 GAL T . -45.05 -30.32 8.16
C5 GAL T . -45.65 -31.67 7.80
C6 GAL T . -44.65 -32.66 7.18
O2 GAL T . -48.03 -29.37 10.23
O3 GAL T . -45.41 -28.31 9.39
O4 GAL T . -43.96 -30.50 9.05
O5 GAL T . -46.23 -32.24 8.96
O6 GAL T . -43.37 -32.09 7.07
C1 SIA T . -45.25 -26.02 10.01
C2 SIA T . -45.96 -27.00 9.12
C3 SIA T . -47.43 -26.57 9.02
C4 SIA T . -47.57 -25.29 8.22
C5 SIA T . -46.96 -25.43 6.83
C6 SIA T . -45.56 -26.06 6.84
C7 SIA T . -45.26 -26.68 5.46
C8 SIA T . -43.80 -27.08 5.29
C9 SIA T . -43.56 -27.72 3.92
C10 SIA T . -47.78 -23.71 5.28
C11 SIA T . -47.57 -22.32 4.75
N5 SIA T . -46.91 -24.12 6.20
O1A SIA T . -45.36 -26.18 11.25
O1B SIA T . -44.59 -25.08 9.52
O4 SIA T . -48.97 -24.97 8.09
O6 SIA T . -45.35 -27.09 7.82
O7 SIA T . -46.10 -27.83 5.27
O8 SIA T . -42.96 -25.92 5.42
O9 SIA T . -42.18 -28.07 3.79
O10 SIA T . -48.70 -24.40 4.87
C1 NAG U . 20.42 45.76 27.65
C2 NAG U . 19.53 46.97 27.36
C3 NAG U . 20.24 48.25 27.77
C4 NAG U . 20.82 48.19 29.18
C5 NAG U . 21.43 46.82 29.53
C6 NAG U . 21.65 46.70 31.04
C7 NAG U . 18.05 46.53 25.45
C8 NAG U . 17.86 46.70 23.97
N2 NAG U . 19.18 47.03 25.95
O3 NAG U . 19.35 49.34 27.68
O4 NAG U . 21.81 49.20 29.27
O5 NAG U . 20.63 45.74 29.06
O6 NAG U . 21.53 45.37 31.52
O7 NAG U . 17.19 45.96 26.13
C1 NAG U . 21.68 50.08 30.41
C2 NAG U . 22.70 51.23 30.29
C3 NAG U . 22.52 52.24 31.43
C4 NAG U . 21.06 52.66 31.59
C5 NAG U . 20.16 51.43 31.65
C6 NAG U . 18.69 51.84 31.71
C7 NAG U . 24.66 49.69 29.96
C8 NAG U . 26.17 49.62 30.00
N2 NAG U . 24.12 50.87 30.26
O3 NAG U . 23.31 53.39 31.18
O4 NAG U . 20.92 53.42 32.78
O5 NAG U . 20.37 50.64 30.50
O6 NAG U . 18.43 52.57 32.87
O7 NAG U . 24.05 48.67 29.66
C1 FUC U . 20.21 45.09 32.03
C2 FUC U . 20.03 45.53 33.48
C3 FUC U . 18.58 45.30 33.90
C4 FUC U . 18.22 43.83 33.71
C5 FUC U . 18.60 43.34 32.31
C6 FUC U . 18.46 41.82 32.20
O2 FUC U . 20.35 46.89 33.68
O3 FUC U . 18.38 45.68 35.24
O4 FUC U . 18.86 43.04 34.68
O5 FUC U . 19.94 43.69 31.98
C1 NAG V . 15.27 -33.97 0.79
C2 NAG V . 14.43 -35.20 1.14
C3 NAG V . 15.16 -36.51 0.85
C4 NAG V . 15.79 -36.48 -0.55
C5 NAG V . 16.57 -35.19 -0.75
C6 NAG V . 17.18 -35.12 -2.16
C7 NAG V . 14.65 -35.14 3.61
C8 NAG V . 13.90 -35.09 4.90
N2 NAG V . 13.90 -35.15 2.50
O3 NAG V . 14.27 -37.59 0.95
O4 NAG V . 16.65 -37.59 -0.68
O5 NAG V . 15.73 -34.07 -0.55
O6 NAG V . 16.14 -35.08 -3.12
O7 NAG V . 15.88 -35.16 3.62
C1 NAG W . 12.57 29.14 -11.05
C2 NAG W . 14.08 29.27 -11.23
C3 NAG W . 14.42 28.66 -12.58
C4 NAG W . 13.78 27.29 -12.79
C5 NAG W . 12.57 26.92 -11.89
C6 NAG W . 12.70 25.49 -11.35
C7 NAG W . 15.53 31.06 -10.39
C8 NAG W . 15.83 32.52 -10.40
N2 NAG W . 14.50 30.66 -11.14
O3 NAG W . 15.83 28.54 -12.68
O4 NAG W . 13.35 27.24 -14.13
O5 NAG W . 12.34 27.77 -10.78
O6 NAG W . 11.43 25.01 -10.97
O7 NAG W . 16.22 30.29 -9.70
C1 NAG X . 14.11 24.74 -15.05
C2 NAG X . 12.99 24.51 -16.06
C3 NAG X . 13.22 23.29 -16.96
C4 NAG X . 14.68 22.98 -17.25
C5 NAG X . 15.54 23.17 -16.01
C6 NAG X . 17.02 22.88 -16.29
C7 NAG X . 10.93 25.41 -15.08
C8 NAG X . 9.68 25.10 -14.32
N2 NAG X . 11.74 24.38 -15.34
O3 NAG X . 12.54 23.48 -18.19
O4 NAG X . 14.80 21.66 -17.73
O5 NAG X . 15.39 24.51 -15.59
O6 NAG X . 17.81 23.25 -15.19
O7 NAG X . 11.16 26.57 -15.43
C1 FUC Y . 42.74 39.68 -10.32
C2 FUC Y . 42.46 40.95 -11.10
C3 FUC Y . 40.98 41.36 -11.01
C4 FUC Y . 40.05 40.16 -11.20
C5 FUC Y . 40.49 38.95 -10.35
C6 FUC Y . 39.39 38.41 -9.45
O2 FUC Y . 42.80 40.77 -12.46
O3 FUC Y . 40.75 41.95 -9.74
O4 FUC Y . 38.72 40.54 -10.93
O5 FUC Y . 41.61 39.29 -9.55
C1 NAG Z . 43.92 35.31 -8.11
C2 NAG Z . 44.78 35.09 -9.36
C3 NAG Z . 45.85 36.17 -9.59
C4 NAG Z . 45.58 37.54 -8.95
C5 NAG Z . 44.71 37.48 -7.70
C6 NAG Z . 44.23 38.86 -7.25
C7 NAG Z . 44.91 32.67 -9.74
C8 NAG Z . 45.75 31.43 -9.55
N2 NAG Z . 45.44 33.80 -9.26
O3 NAG Z . 46.04 36.34 -10.98
O4 NAG Z . 46.81 38.12 -8.58
O5 NAG Z . 43.59 36.68 -7.99
O6 NAG Z . 44.89 39.91 -7.93
O7 NAG Z . 43.82 32.60 -10.31
C1 NAG AA . 47.22 39.26 -11.10
C2 NAG AA . 48.33 40.29 -10.90
C3 NAG AA . 48.34 41.28 -12.06
C4 NAG AA . 48.27 40.57 -13.42
C5 NAG AA . 47.19 39.49 -13.44
C6 NAG AA . 47.22 38.69 -14.73
C7 NAG AA . 49.10 41.23 -8.76
C8 NAG AA . 48.72 41.93 -7.50
N2 NAG AA . 48.12 40.97 -9.63
O3 NAG AA . 49.53 42.06 -12.00
O4 NAG AA . 48.01 41.53 -14.42
O5 NAG AA . 47.37 38.61 -12.35
O6 NAG AA . 45.94 38.66 -15.33
O7 NAG AA . 50.28 40.92 -8.94
C1 NAG BA . -10.42 -7.18 20.75
C2 NAG BA . -9.84 -8.12 21.82
C3 NAG BA . -9.51 -9.49 21.26
C4 NAG BA . -10.63 -10.04 20.38
C5 NAG BA . -11.06 -8.99 19.36
C6 NAG BA . -12.20 -9.48 18.48
C7 NAG BA . -8.52 -7.10 23.67
C8 NAG BA . -9.68 -7.22 24.61
N2 NAG BA . -8.65 -7.53 22.41
O3 NAG BA . -9.28 -10.39 22.33
O4 NAG BA . -10.18 -11.21 19.73
O5 NAG BA . -11.47 -7.83 20.05
O6 NAG BA . -12.49 -8.50 17.51
O7 NAG BA . -7.47 -6.62 24.08
C1 NAG CA . 13.28 9.60 39.83
C2 NAG CA . 12.61 10.55 40.83
C3 NAG CA . 12.09 9.92 42.14
C4 NAG CA . 12.35 8.43 42.36
C5 NAG CA . 13.31 7.82 41.35
C6 NAG CA . 13.27 6.30 41.41
C7 NAG CA . 13.38 12.89 40.73
C8 NAG CA . 14.44 13.86 41.17
N2 NAG CA . 13.53 11.62 41.15
O3 NAG CA . 10.69 10.16 42.23
O4 NAG CA . 12.85 8.22 43.67
O5 NAG CA . 12.92 8.26 40.06
O6 NAG CA . 13.67 5.85 42.68
O7 NAG CA . 12.44 13.28 40.03
#